data_3A3Y
#
_entry.id   3A3Y
#
_cell.length_a   222.884
_cell.length_b   50.720
_cell.length_c   163.342
_cell.angle_alpha   90.00
_cell.angle_beta   104.63
_cell.angle_gamma   90.00
#
_symmetry.space_group_name_H-M   'C 1 2 1'
#
loop_
_entity.id
_entity.type
_entity.pdbx_description
1 polymer 'Na, K-ATPase alpha subunit'
2 polymer 'NA+,K+-ATPASE BETA SUBUNIT'
3 polymer 'Phospholemman-like protein'
4 non-polymer TETRAFLUOROMAGNESATE(2-)
5 non-polymer 'MAGNESIUM ION'
6 non-polymer 'POTASSIUM ION'
7 non-polymer OUABAIN
8 non-polymer CHOLESTEROL
9 non-polymer 2-acetamido-2-deoxy-beta-D-glucopyranose
10 water water
#
loop_
_entity_poly.entity_id
_entity_poly.type
_entity_poly.pdbx_seq_one_letter_code
_entity_poly.pdbx_strand_id
1 'polypeptide(L)'
;MGKGTASDKYEPAATSENATKSKKKGKKDKIDKKRDLDELKKEVSMDDHKLSLDELHNKYGTDLTRGLTNARAKEILARD
GPNSLTPPPTTPEWIKFCRQLFGGFSILLWIGAILCFLAYGIQAATEDEPANDNLYLGVVLSTVVIVTGCFSYYQEAKSS
RIMDSFKNMVPQQALVIRDGEKSTINAEFVVAGDLVEVKGGDRIPADLRIISAHGCKVDNSSLTGESEPQTRSPEFSSEN
PLETRNIAFFSTNCVEGTARGVVVYTGDRTVMGRIATLASGLEVGRTPIAIEIEHFIHIITGVAVFLGVSFFILSLILGY
SWLEAVIFLIGIIVANVPEGLLATVTVCLTLTAKRMARKNCLVKNLEAVETLGSTSTICSDKTGTLTQNRMTVAHMWFDN
QIHEADTTENQSGAAFDKTSATWSALSRIAALCNRAVFQAGQDNVPILKRSVAGDASESALLKCIELCCGSVQGMRDRNP
KIVEIPFNSTNKYQLSIHENEKSSESRYLLVMKGAPERILDRCSTILLNGAEEPLKEDMKEAFQNAYLELGGLGERVLGF
CHFALPEDKYNEGYPFDADEPNFPTTDLCFVGLMAMIDPPRAAVPDAVGKCRSAGIKVIMVTGDHPITAKAIAKGVGIIS
EGNETIEDIAARLNIPIGQVNPRDAKACVVHGSDLKDLSTEVLDDILHYHTEIVFARTSPQQKLIIVEGCQRQGAIVAVT
GDGVNDSPALKKADIGVAMGISGSDVSKQAADMILLDDNFASIVTGVEEGRLIFDNLKKSIAYTLTSNIPEITPFLVFII
GNVPLPLGTVTILCIDLGTDMVPAISLAYEQAESDIMKRQPRNPKTDKLVNERLISMAYGQIGMIQALGGFFSYFVILAE
NGFLPMDLIGKRVRWDDRWISDVEDSFGQQWTYEQRKIVEFTCHTSFFISIVVVQWADLIICKTRRNSIFQQGMKNKILI
FGLFEETALAAFLSYCPGTDVALRMYPLKPSWWFCAFPYSLIIFLYDEMRRFIIRRSPGGWVEQETYY
;
A
2 'polypeptide(L)'
;MARGKSKETDGGWKKFLWDSEKKEFLGRTGSSWFKIFLFYLIFYGCLAGIFIGTIQVLLLTLSDFEPKYQDRVAPPGLSH
APYAIKTEISFSISNPKSYESFVKSMHKLMDLYNESSQAGNSPFEDCSDTPADYIKRGDLDDSQGQKKACRFSRMWLKNC
SGLDDTTYGYAEGKPCVVAKLNRIIGFYPKPLKNTTDLPEQLQANYNQYVLPLRCAAKREEDREKIGSIEYFGLGGYAGF
PLQYYPYYGKRLQKKYLQPLLAIQFTNLTQNMELRIECKVYGENIDYSEKDRFRGRFEVKIEVKS
;
B
3 'polypeptide(L)' MDPEGPDNDERFTYDYYRLRVVGLIVAAVLCVIGIIILLAGKCRCKFNQNKRTRSNSGTATAQHLLQPGEATEC G
#
# COMPACT_ATOMS: atom_id res chain seq x y z
N LEU A 37 16.29 -7.97 30.51
CA LEU A 37 16.26 -6.58 29.95
C LEU A 37 14.96 -5.85 30.29
N ASP A 38 13.92 -6.11 29.50
CA ASP A 38 12.61 -5.50 29.68
C ASP A 38 11.68 -6.37 30.52
N GLU A 39 12.12 -7.57 30.84
CA GLU A 39 11.31 -8.50 31.62
C GLU A 39 11.17 -8.08 33.08
N LEU A 40 12.23 -7.50 33.64
CA LEU A 40 12.17 -6.99 35.02
C LEU A 40 11.09 -5.91 35.17
N LYS A 41 10.96 -5.06 34.15
CA LYS A 41 9.99 -3.98 34.17
C LYS A 41 8.55 -4.46 34.07
N LYS A 42 8.36 -5.69 33.62
CA LYS A 42 7.03 -6.29 33.52
C LYS A 42 6.51 -6.76 34.88
N GLU A 43 7.39 -6.76 35.87
CA GLU A 43 7.03 -7.12 37.25
C GLU A 43 6.57 -5.85 37.94
N VAL A 44 5.71 -5.99 38.97
CA VAL A 44 5.17 -4.82 39.66
C VAL A 44 6.13 -4.32 40.75
N SER A 45 5.93 -3.10 41.24
CA SER A 45 6.87 -2.45 42.14
C SER A 45 6.84 -2.93 43.58
N MET A 46 7.92 -2.67 44.30
CA MET A 46 8.17 -3.21 45.63
C MET A 46 8.72 -2.06 46.51
N ASP A 47 8.11 -1.81 47.67
CA ASP A 47 8.35 -0.53 48.37
C ASP A 47 8.54 -0.44 49.90
N ASP A 48 8.26 0.76 50.42
CA ASP A 48 8.65 1.22 51.77
C ASP A 48 7.78 2.37 52.33
N HIS A 49 6.48 2.29 52.05
CA HIS A 49 5.43 3.10 52.65
C HIS A 49 5.11 2.57 54.05
N LYS A 50 5.58 1.35 54.30
CA LYS A 50 5.38 0.64 55.55
C LYS A 50 6.39 1.09 56.60
N LEU A 51 7.56 1.53 56.15
CA LEU A 51 8.58 2.13 57.01
C LEU A 51 8.03 3.34 57.76
N SER A 52 8.58 3.64 58.93
CA SER A 52 8.24 4.88 59.62
C SER A 52 8.98 6.01 58.92
N LEU A 53 8.52 7.24 59.15
CA LEU A 53 9.17 8.43 58.59
C LEU A 53 10.65 8.40 58.99
N ASP A 54 10.87 8.20 60.28
CA ASP A 54 12.19 8.09 60.89
C ASP A 54 13.06 7.03 60.20
N GLU A 55 12.53 5.81 60.06
CA GLU A 55 13.19 4.71 59.37
C GLU A 55 13.61 5.10 57.96
N LEU A 56 12.77 5.90 57.33
CA LEU A 56 12.96 6.31 55.95
C LEU A 56 14.14 7.25 55.78
N HIS A 57 14.23 8.24 56.67
CA HIS A 57 15.38 9.15 56.74
C HIS A 57 16.64 8.39 57.05
N ASN A 58 16.54 7.58 58.09
CA ASN A 58 17.55 6.59 58.43
C ASN A 58 18.11 5.97 57.15
N LYS A 59 17.21 5.41 56.34
CA LYS A 59 17.58 4.72 55.10
C LYS A 59 18.11 5.64 53.98
N TYR A 60 17.93 6.95 54.12
CA TYR A 60 18.36 7.88 53.06
C TYR A 60 19.31 8.97 53.54
N GLY A 61 19.93 8.77 54.69
CA GLY A 61 20.85 9.75 55.27
C GLY A 61 20.32 11.17 55.11
N THR A 62 19.12 11.41 55.64
CA THR A 62 18.43 12.68 55.44
C THR A 62 17.72 13.19 56.69
N ASP A 63 17.53 14.51 56.74
CA ASP A 63 16.84 15.16 57.84
C ASP A 63 15.39 15.46 57.43
N LEU A 64 14.45 15.17 58.33
CA LEU A 64 13.02 15.36 58.03
C LEU A 64 12.63 16.82 58.00
N THR A 65 13.34 17.65 58.75
CA THR A 65 12.90 19.03 58.94
C THR A 65 13.81 20.04 58.26
N ARG A 66 15.09 19.69 58.15
CA ARG A 66 16.08 20.55 57.53
C ARG A 66 16.32 20.11 56.09
N GLY A 67 16.20 18.80 55.87
CA GLY A 67 16.51 18.22 54.57
C GLY A 67 17.99 18.00 54.43
N LEU A 68 18.39 17.53 53.26
CA LEU A 68 19.80 17.28 52.96
C LEU A 68 20.65 18.53 53.10
N THR A 69 21.95 18.30 53.24
CA THR A 69 22.93 19.37 53.15
C THR A 69 23.22 19.63 51.68
N ASN A 70 23.48 20.89 51.33
CA ASN A 70 23.97 21.23 50.00
C ASN A 70 25.14 20.33 49.58
N ALA A 71 26.01 20.01 50.55
CA ALA A 71 27.14 19.11 50.33
C ALA A 71 26.70 17.68 50.03
N ARG A 72 25.83 17.14 50.88
CA ARG A 72 25.34 15.76 50.73
C ARG A 72 24.37 15.59 49.56
N ALA A 73 23.68 16.67 49.20
CA ALA A 73 22.82 16.67 48.01
C ALA A 73 23.65 16.45 46.76
N LYS A 74 24.67 17.29 46.58
CA LYS A 74 25.61 17.19 45.45
C LYS A 74 26.33 15.84 45.39
N GLU A 75 26.73 15.35 46.56
CA GLU A 75 27.37 14.04 46.67
C GLU A 75 26.45 12.95 46.15
N ILE A 76 25.22 12.95 46.66
CA ILE A 76 24.21 11.95 46.31
C ILE A 76 23.79 12.07 44.83
N LEU A 77 24.01 13.23 44.23
CA LEU A 77 23.77 13.42 42.79
C LEU A 77 24.73 12.59 41.94
N ALA A 78 26.04 12.86 42.08
CA ALA A 78 27.07 12.16 41.30
C ALA A 78 27.07 10.66 41.57
N ARG A 79 26.59 10.29 42.75
CA ARG A 79 26.33 8.90 43.11
C ARG A 79 25.36 8.22 42.14
N ASP A 80 24.12 8.70 42.09
CA ASP A 80 23.02 8.03 41.40
C ASP A 80 22.75 8.54 39.98
N GLY A 81 23.09 9.79 39.73
CA GLY A 81 22.80 10.40 38.43
C GLY A 81 21.61 11.35 38.53
N PRO A 82 21.26 11.99 37.41
CA PRO A 82 20.20 13.01 37.36
C PRO A 82 18.81 12.46 37.60
N ASN A 83 17.91 13.33 38.06
CA ASN A 83 16.48 13.03 38.12
C ASN A 83 15.91 13.12 36.72
N SER A 84 16.33 12.21 35.85
CA SER A 84 16.06 12.33 34.43
C SER A 84 15.93 10.99 33.73
N LEU A 85 15.00 10.94 32.77
CA LEU A 85 14.78 9.74 31.99
C LEU A 85 15.82 9.59 30.90
N THR A 86 16.34 8.37 30.73
CA THR A 86 17.41 8.13 29.75
C THR A 86 16.85 7.63 28.41
N PRO A 87 16.98 8.47 27.36
CA PRO A 87 16.47 8.22 26.00
C PRO A 87 16.90 6.87 25.39
N PRO A 88 16.01 6.24 24.59
CA PRO A 88 16.21 4.92 24.01
C PRO A 88 17.17 4.89 22.80
N PRO A 89 17.80 3.72 22.54
CA PRO A 89 18.73 3.54 21.42
C PRO A 89 18.07 3.65 20.05
N THR A 90 17.97 4.87 19.54
CA THR A 90 17.30 5.15 18.25
C THR A 90 18.02 4.51 17.07
N THR A 91 17.29 4.36 15.96
CA THR A 91 17.84 3.81 14.72
C THR A 91 18.00 4.95 13.70
N PRO A 92 19.25 5.22 13.26
CA PRO A 92 19.64 6.37 12.44
C PRO A 92 18.84 6.60 11.15
N GLU A 93 19.02 7.77 10.55
CA GLU A 93 18.32 8.17 9.32
C GLU A 93 18.80 7.41 8.07
N TRP A 94 20.12 7.22 7.98
CA TRP A 94 20.75 6.56 6.82
C TRP A 94 20.29 5.11 6.66
N ILE A 95 20.39 4.34 7.73
CA ILE A 95 20.06 2.91 7.72
C ILE A 95 18.55 2.65 7.52
N LYS A 96 17.72 3.64 7.81
CA LYS A 96 16.28 3.54 7.59
C LYS A 96 15.93 3.47 6.11
N PHE A 97 16.67 4.21 5.29
CA PHE A 97 16.46 4.26 3.85
C PHE A 97 17.17 3.11 3.13
N CYS A 98 18.37 2.75 3.63
CA CYS A 98 19.23 1.75 2.99
C CYS A 98 18.77 0.29 3.13
N ARG A 99 17.96 0.02 4.15
CA ARG A 99 17.42 -1.32 4.38
C ARG A 99 16.27 -1.63 3.42
N GLN A 100 15.66 -0.58 2.89
CA GLN A 100 14.59 -0.69 1.90
C GLN A 100 15.17 -0.90 0.50
N LEU A 101 16.43 -0.45 0.32
CA LEU A 101 17.12 -0.49 -0.97
C LEU A 101 17.47 -1.91 -1.43
N PHE A 102 17.18 -2.89 -0.58
CA PHE A 102 17.32 -4.31 -0.91
C PHE A 102 15.98 -5.03 -0.72
N GLY A 103 14.89 -4.27 -0.87
CA GLY A 103 13.53 -4.77 -0.63
C GLY A 103 13.05 -5.82 -1.61
N GLY A 104 13.85 -6.88 -1.77
CA GLY A 104 13.52 -8.01 -2.63
C GLY A 104 13.94 -7.80 -4.07
N PHE A 105 12.98 -7.35 -4.88
CA PHE A 105 13.19 -7.02 -6.29
C PHE A 105 14.34 -6.04 -6.45
N SER A 106 14.50 -5.19 -5.43
CA SER A 106 15.59 -4.23 -5.38
C SER A 106 16.92 -4.89 -5.70
N ILE A 107 17.35 -5.85 -4.86
CA ILE A 107 18.63 -6.55 -5.03
C ILE A 107 18.74 -7.19 -6.40
N LEU A 108 17.69 -7.93 -6.76
CA LEU A 108 17.59 -8.60 -8.05
C LEU A 108 17.78 -7.63 -9.21
N LEU A 109 17.25 -6.42 -9.06
CA LEU A 109 17.40 -5.35 -10.05
C LEU A 109 18.84 -4.83 -10.13
N TRP A 110 19.57 -4.89 -9.01
CA TRP A 110 20.99 -4.55 -9.02
C TRP A 110 21.75 -5.59 -9.83
N ILE A 111 21.39 -6.86 -9.66
CA ILE A 111 22.00 -7.97 -10.39
C ILE A 111 21.84 -7.79 -11.90
N GLY A 112 20.72 -7.19 -12.31
CA GLY A 112 20.46 -6.87 -13.71
C GLY A 112 21.30 -5.71 -14.19
N ALA A 113 21.17 -4.58 -13.50
CA ALA A 113 21.94 -3.37 -13.78
C ALA A 113 23.43 -3.69 -13.88
N ILE A 114 23.95 -4.38 -12.86
CA ILE A 114 25.35 -4.77 -12.83
C ILE A 114 25.72 -5.71 -13.98
N LEU A 115 24.78 -6.55 -14.40
CA LEU A 115 25.07 -7.52 -15.46
C LEU A 115 24.77 -6.96 -16.87
N CYS A 116 23.90 -5.95 -16.93
CA CYS A 116 23.75 -5.15 -18.15
C CYS A 116 24.99 -4.27 -18.32
N PHE A 117 25.74 -4.08 -17.23
CA PHE A 117 27.05 -3.44 -17.29
C PHE A 117 28.15 -4.46 -17.61
N LEU A 118 27.86 -5.75 -17.42
CA LEU A 118 28.71 -6.81 -17.95
C LEU A 118 28.65 -6.76 -19.47
N ALA A 119 27.58 -6.14 -19.99
CA ALA A 119 27.40 -5.93 -21.42
C ALA A 119 28.16 -4.69 -21.92
N TYR A 120 27.92 -3.54 -21.28
CA TYR A 120 28.57 -2.28 -21.67
C TYR A 120 30.09 -2.31 -21.43
N GLY A 121 30.54 -3.20 -20.55
CA GLY A 121 31.96 -3.38 -20.26
C GLY A 121 32.70 -4.19 -21.32
N ILE A 122 32.15 -5.35 -21.67
CA ILE A 122 32.70 -6.20 -22.74
C ILE A 122 32.53 -5.52 -24.10
N GLN A 123 31.45 -4.74 -24.25
CA GLN A 123 31.20 -3.98 -25.46
C GLN A 123 32.14 -2.78 -25.60
N ALA A 124 31.98 -1.77 -24.75
CA ALA A 124 32.78 -0.54 -24.82
C ALA A 124 34.28 -0.78 -24.66
N ALA A 125 34.70 -2.04 -24.60
CA ALA A 125 36.11 -2.40 -24.59
C ALA A 125 36.55 -3.07 -25.89
N THR A 126 36.08 -4.29 -26.13
CA THR A 126 36.46 -5.06 -27.32
C THR A 126 35.73 -4.54 -28.57
N GLU A 127 34.40 -4.50 -28.49
CA GLU A 127 33.56 -4.10 -29.62
C GLU A 127 32.79 -2.83 -29.31
N ASP A 128 33.47 -1.68 -29.39
CA ASP A 128 32.89 -0.38 -29.05
C ASP A 128 31.63 -0.08 -29.86
N GLU A 129 30.46 -0.43 -29.30
CA GLU A 129 29.16 -0.12 -29.91
C GLU A 129 28.68 1.21 -29.32
N PRO A 130 28.84 2.33 -30.07
CA PRO A 130 28.52 3.66 -29.56
C PRO A 130 27.01 3.88 -29.34
N ALA A 131 26.57 3.75 -28.08
CA ALA A 131 25.16 3.91 -27.73
C ALA A 131 24.92 3.98 -26.21
N ASN A 132 23.73 4.44 -25.84
CA ASN A 132 23.28 4.42 -24.45
C ASN A 132 22.44 3.17 -24.17
N ASP A 133 22.45 2.24 -25.12
CA ASP A 133 21.65 1.00 -25.07
C ASP A 133 21.63 0.31 -23.71
N ASN A 134 22.71 -0.40 -23.39
CA ASN A 134 22.78 -1.22 -22.18
C ASN A 134 23.31 -0.48 -20.95
N LEU A 135 23.90 0.70 -21.20
CA LEU A 135 24.28 1.62 -20.13
C LEU A 135 23.01 2.19 -19.50
N TYR A 136 22.26 2.99 -20.29
CA TYR A 136 20.98 3.55 -19.87
C TYR A 136 19.96 2.48 -19.46
N LEU A 137 20.02 1.32 -20.11
CA LEU A 137 19.22 0.17 -19.70
C LEU A 137 19.57 -0.23 -18.28
N GLY A 138 20.85 -0.51 -18.04
CA GLY A 138 21.35 -0.84 -16.71
C GLY A 138 20.98 0.20 -15.67
N VAL A 139 21.11 1.47 -16.05
CA VAL A 139 20.83 2.61 -15.15
C VAL A 139 19.40 2.59 -14.61
N VAL A 140 18.42 2.61 -15.51
CA VAL A 140 17.00 2.63 -15.14
C VAL A 140 16.74 1.64 -14.02
N LEU A 141 17.12 0.39 -14.26
CA LEU A 141 16.93 -0.73 -13.33
C LEU A 141 17.23 -0.39 -11.86
N SER A 142 18.40 0.21 -11.63
CA SER A 142 18.86 0.55 -10.28
C SER A 142 18.11 1.75 -9.69
N THR A 143 18.06 2.86 -10.43
CA THR A 143 17.36 4.07 -9.98
C THR A 143 15.84 3.87 -9.96
N VAL A 144 15.39 2.73 -10.48
CA VAL A 144 14.02 2.27 -10.26
C VAL A 144 13.82 2.05 -8.76
N VAL A 145 14.89 1.64 -8.08
CA VAL A 145 14.86 1.41 -6.64
C VAL A 145 14.98 2.69 -5.83
N ILE A 146 15.95 3.54 -6.18
CA ILE A 146 16.26 4.76 -5.42
C ILE A 146 15.03 5.64 -5.17
N VAL A 147 14.33 5.99 -6.25
CA VAL A 147 13.13 6.82 -6.17
C VAL A 147 11.96 6.04 -5.57
N THR A 148 11.95 4.73 -5.82
CA THR A 148 10.98 3.81 -5.23
C THR A 148 11.23 3.68 -3.74
N GLY A 149 12.49 3.86 -3.34
CA GLY A 149 12.88 3.81 -1.93
C GLY A 149 11.99 4.65 -1.03
N CYS A 150 11.46 5.72 -1.59
CA CYS A 150 10.58 6.64 -0.86
C CYS A 150 9.15 6.11 -0.69
N PHE A 151 8.85 5.00 -1.35
CA PHE A 151 7.53 4.35 -1.23
C PHE A 151 7.48 3.33 -0.10
N SER A 152 8.59 2.61 0.11
CA SER A 152 8.71 1.69 1.25
C SER A 152 9.36 2.39 2.45
N TYR A 153 10.00 3.53 2.19
CA TYR A 153 10.38 4.46 3.25
C TYR A 153 9.19 5.38 3.55
N TYR A 154 8.05 5.08 2.93
CA TYR A 154 6.79 5.71 3.24
C TYR A 154 5.89 4.67 3.94
N GLN A 155 6.13 3.40 3.60
CA GLN A 155 5.36 2.27 4.14
C GLN A 155 5.81 1.88 5.54
N GLU A 156 7.09 2.12 5.84
CA GLU A 156 7.68 1.68 7.11
C GLU A 156 8.38 2.82 7.86
N ALA A 157 7.69 3.95 7.98
CA ALA A 157 8.15 5.09 8.80
C ALA A 157 7.79 4.84 10.26
N LYS A 158 8.39 5.59 11.19
CA LYS A 158 8.12 5.40 12.62
C LYS A 158 8.17 6.69 13.44
N SER A 159 7.02 7.14 13.92
CA SER A 159 6.92 8.29 14.82
C SER A 159 7.11 7.83 16.27
N SER A 160 8.38 7.72 16.68
CA SER A 160 8.73 7.22 18.01
C SER A 160 9.25 8.31 18.95
N ARG A 161 8.32 9.02 19.58
CA ARG A 161 8.61 10.09 20.54
C ARG A 161 7.96 9.80 21.90
N ILE A 162 7.89 8.52 22.26
CA ILE A 162 7.40 8.08 23.56
C ILE A 162 8.15 8.78 24.68
N MET A 163 9.45 8.50 24.75
CA MET A 163 10.31 8.97 25.83
C MET A 163 10.29 10.49 25.98
N ASP A 164 10.16 11.20 24.86
CA ASP A 164 10.07 12.66 24.89
C ASP A 164 8.75 13.14 25.47
N SER A 165 7.70 12.37 25.26
CA SER A 165 6.40 12.67 25.85
C SER A 165 6.44 12.45 27.35
N PHE A 166 7.11 11.36 27.77
CA PHE A 166 7.32 11.08 29.18
C PHE A 166 8.15 12.17 29.83
N LYS A 167 9.24 12.56 29.17
CA LYS A 167 10.15 13.60 29.69
C LYS A 167 9.46 14.93 29.92
N ASN A 168 8.45 15.24 29.11
CA ASN A 168 7.65 16.44 29.34
C ASN A 168 6.97 16.51 30.71
N MET A 169 6.69 15.34 31.29
CA MET A 169 5.95 15.26 32.55
C MET A 169 6.80 15.56 33.80
N VAL A 170 8.13 15.58 33.64
CA VAL A 170 9.00 16.07 34.72
C VAL A 170 9.08 17.60 34.65
N PRO A 171 8.72 18.28 35.77
CA PRO A 171 8.74 19.74 35.82
C PRO A 171 10.15 20.24 35.58
N GLN A 172 10.30 21.50 35.19
CA GLN A 172 11.61 22.06 34.97
C GLN A 172 12.30 22.36 36.30
N GLN A 173 11.51 22.68 37.33
CA GLN A 173 12.07 22.97 38.64
C GLN A 173 11.32 22.32 39.79
N ALA A 174 12.00 22.16 40.93
CA ALA A 174 11.39 21.59 42.14
C ALA A 174 11.66 22.47 43.35
N LEU A 175 10.78 22.38 44.34
CA LEU A 175 10.98 23.06 45.61
C LEU A 175 11.49 22.05 46.62
N VAL A 176 12.76 22.19 47.00
CA VAL A 176 13.35 21.34 48.02
C VAL A 176 13.67 22.14 49.27
N ILE A 177 13.93 21.43 50.36
CA ILE A 177 14.52 22.03 51.55
C ILE A 177 15.91 21.42 51.72
N ARG A 178 16.92 22.28 51.74
CA ARG A 178 18.27 21.86 52.07
C ARG A 178 18.85 22.87 53.06
N ASP A 179 19.53 22.36 54.10
CA ASP A 179 19.96 23.17 55.23
C ASP A 179 18.79 24.01 55.79
N GLY A 180 17.65 23.35 55.99
CA GLY A 180 16.49 23.96 56.66
C GLY A 180 15.82 25.12 55.94
N GLU A 181 16.37 25.55 54.82
CA GLU A 181 15.76 26.60 54.02
C GLU A 181 15.36 26.06 52.66
N LYS A 182 14.21 26.51 52.18
CA LYS A 182 13.68 26.02 50.91
C LYS A 182 14.12 26.86 49.73
N SER A 183 14.38 26.19 48.61
CA SER A 183 14.85 26.83 47.39
C SER A 183 14.38 26.03 46.19
N THR A 184 14.18 26.69 45.04
CA THR A 184 13.87 25.99 43.81
C THR A 184 15.17 25.61 43.12
N ILE A 185 15.18 24.42 42.51
CA ILE A 185 16.36 23.92 41.80
C ILE A 185 15.95 23.24 40.48
N ASN A 186 16.88 23.16 39.54
CA ASN A 186 16.71 22.29 38.38
C ASN A 186 16.27 20.92 38.89
N ALA A 187 15.10 20.47 38.45
CA ALA A 187 14.51 19.22 38.93
C ALA A 187 15.41 18.00 38.75
N GLU A 188 16.35 18.09 37.81
CA GLU A 188 17.33 17.03 37.61
C GLU A 188 18.21 16.88 38.85
N PHE A 189 18.42 17.99 39.55
CA PHE A 189 19.31 18.02 40.72
C PHE A 189 18.68 17.37 41.96
N VAL A 190 17.43 16.96 41.84
CA VAL A 190 16.75 16.25 42.91
C VAL A 190 17.33 14.84 43.07
N VAL A 191 17.59 14.46 44.32
CA VAL A 191 18.18 13.17 44.62
C VAL A 191 17.37 12.43 45.69
N ALA A 192 17.49 11.11 45.71
CA ALA A 192 16.91 10.30 46.78
C ALA A 192 17.39 10.82 48.13
N GLY A 193 16.45 11.05 49.03
CA GLY A 193 16.78 11.55 50.35
C GLY A 193 16.22 12.92 50.67
N ASP A 194 16.37 13.89 49.77
CA ASP A 194 16.02 15.27 50.15
C ASP A 194 14.52 15.54 50.29
N LEU A 195 14.25 16.67 50.92
CA LEU A 195 12.90 17.08 51.25
C LEU A 195 12.31 17.86 50.09
N VAL A 196 11.16 17.42 49.61
CA VAL A 196 10.48 18.12 48.52
C VAL A 196 9.12 18.63 48.98
N GLU A 197 8.78 19.85 48.55
CA GLU A 197 7.47 20.42 48.81
C GLU A 197 6.68 20.59 47.52
N VAL A 198 5.44 20.11 47.53
CA VAL A 198 4.55 20.23 46.38
C VAL A 198 3.24 20.84 46.81
N LYS A 199 2.66 21.63 45.92
CA LYS A 199 1.38 22.26 46.20
C LYS A 199 0.45 22.19 45.00
N GLY A 200 -0.82 22.51 45.23
CA GLY A 200 -1.81 22.51 44.17
C GLY A 200 -1.26 23.20 42.93
N GLY A 201 -1.44 22.55 41.80
CA GLY A 201 -0.98 23.10 40.55
C GLY A 201 0.28 22.46 40.02
N ASP A 202 1.17 22.00 40.89
CA ASP A 202 2.44 21.52 40.37
C ASP A 202 2.57 20.00 40.19
N ARG A 203 3.68 19.58 39.58
CA ARG A 203 3.90 18.21 39.18
C ARG A 203 4.78 17.50 40.16
N ILE A 204 4.49 16.24 40.44
CA ILE A 204 5.33 15.46 41.35
C ILE A 204 6.68 15.25 40.68
N PRO A 205 7.75 15.82 41.26
CA PRO A 205 9.05 15.89 40.61
C PRO A 205 9.78 14.55 40.62
N ALA A 206 9.39 13.68 41.55
CA ALA A 206 10.00 12.36 41.70
C ALA A 206 9.09 11.51 42.57
N ASP A 207 9.38 10.23 42.71
CA ASP A 207 8.63 9.39 43.64
C ASP A 207 8.91 9.80 45.08
N LEU A 208 7.85 10.06 45.84
CA LEU A 208 8.00 10.61 47.19
C LEU A 208 7.31 9.77 48.26
N ARG A 209 7.88 9.83 49.46
CA ARG A 209 7.20 9.34 50.65
C ARG A 209 6.59 10.53 51.40
N ILE A 210 5.27 10.59 51.45
CA ILE A 210 4.59 11.66 52.20
C ILE A 210 4.91 11.53 53.69
N ILE A 211 5.46 12.61 54.24
CA ILE A 211 5.76 12.70 55.65
C ILE A 211 4.83 13.73 56.28
N SER A 212 4.33 14.64 55.44
CA SER A 212 3.49 15.75 55.86
C SER A 212 2.61 16.21 54.72
N ALA A 213 1.36 16.54 55.02
CA ALA A 213 0.39 16.93 54.00
C ALA A 213 -0.81 17.64 54.61
N HIS A 214 -1.31 18.66 53.92
CA HIS A 214 -2.49 19.39 54.39
C HIS A 214 -3.51 19.56 53.28
N GLY A 215 -4.62 18.82 53.38
CA GLY A 215 -5.70 18.87 52.40
C GLY A 215 -5.26 18.56 50.98
N CYS A 216 -4.22 17.73 50.87
CA CYS A 216 -3.59 17.41 49.59
C CYS A 216 -4.32 16.33 48.79
N LYS A 217 -4.76 16.69 47.58
CA LYS A 217 -5.27 15.71 46.62
C LYS A 217 -4.38 15.67 45.39
N VAL A 218 -4.37 14.52 44.72
CA VAL A 218 -3.43 14.28 43.63
C VAL A 218 -4.14 13.58 42.46
N ASP A 219 -3.59 13.75 41.25
CA ASP A 219 -4.14 13.10 40.05
C ASP A 219 -3.24 11.93 39.64
N ASN A 220 -3.78 10.72 39.72
CA ASN A 220 -3.01 9.51 39.42
C ASN A 220 -3.41 8.82 38.13
N SER A 221 -4.02 9.57 37.21
CA SER A 221 -4.43 9.02 35.91
C SER A 221 -3.26 8.37 35.16
N SER A 222 -2.05 8.87 35.36
CA SER A 222 -0.88 8.28 34.70
C SER A 222 -0.65 6.83 35.08
N LEU A 223 -1.16 6.43 36.25
CA LEU A 223 -0.99 5.07 36.76
C LEU A 223 -2.26 4.25 36.58
N THR A 224 -3.41 4.88 36.82
CA THR A 224 -4.68 4.19 36.88
C THR A 224 -5.56 4.47 35.66
N GLY A 225 -5.38 5.64 35.05
CA GLY A 225 -6.23 6.08 33.95
C GLY A 225 -7.48 6.75 34.49
N GLU A 226 -7.53 6.86 35.83
CA GLU A 226 -8.65 7.52 36.51
C GLU A 226 -8.18 8.86 37.03
N SER A 227 -8.98 9.89 36.80
CA SER A 227 -8.52 11.25 37.06
C SER A 227 -9.05 11.85 38.36
N GLU A 228 -10.10 11.27 38.94
CA GLU A 228 -10.65 11.82 40.17
C GLU A 228 -9.56 11.87 41.25
N PRO A 229 -9.35 13.05 41.82
CA PRO A 229 -8.28 13.33 42.78
C PRO A 229 -8.26 12.37 43.97
N GLN A 230 -7.05 12.08 44.45
CA GLN A 230 -6.84 11.14 45.54
C GLN A 230 -6.07 11.81 46.66
N THR A 231 -6.49 11.57 47.90
CA THR A 231 -5.80 12.16 49.05
C THR A 231 -4.38 11.62 49.23
N ARG A 232 -3.51 12.49 49.72
CA ARG A 232 -2.21 12.08 50.20
C ARG A 232 -2.10 12.43 51.67
N SER A 233 -1.79 11.44 52.50
CA SER A 233 -1.56 11.63 53.92
C SER A 233 -0.28 10.87 54.29
N PRO A 234 0.29 11.15 55.48
CA PRO A 234 1.53 10.48 55.85
C PRO A 234 1.31 9.05 56.33
N GLU A 235 0.08 8.71 56.68
CA GLU A 235 -0.22 7.38 57.20
C GLU A 235 -0.40 6.40 56.06
N PHE A 236 0.36 5.31 56.10
CA PHE A 236 0.22 4.20 55.16
C PHE A 236 -1.19 3.65 55.22
N SER A 237 -1.75 3.29 54.07
CA SER A 237 -3.18 2.94 54.02
C SER A 237 -3.53 1.62 53.34
N SER A 238 -2.56 1.03 52.66
CA SER A 238 -2.75 -0.24 51.97
C SER A 238 -1.36 -0.84 51.80
N GLU A 239 -1.26 -2.16 51.91
CA GLU A 239 0.04 -2.85 51.74
C GLU A 239 0.56 -2.63 50.32
N ASN A 240 -0.35 -2.24 49.44
CA ASN A 240 -0.06 -1.98 48.04
C ASN A 240 0.48 -0.56 47.82
N PRO A 241 1.79 -0.43 47.48
CA PRO A 241 2.41 0.88 47.27
C PRO A 241 1.71 1.79 46.27
N LEU A 242 1.13 1.21 45.22
CA LEU A 242 0.36 1.98 44.23
C LEU A 242 -1.02 2.38 44.74
N GLU A 243 -1.37 1.92 45.94
CA GLU A 243 -2.68 2.23 46.53
C GLU A 243 -2.61 3.08 47.79
N THR A 244 -1.51 2.99 48.52
CA THR A 244 -1.35 3.72 49.77
C THR A 244 -1.33 5.23 49.58
N ARG A 245 -1.71 5.97 50.62
CA ARG A 245 -1.84 7.43 50.53
C ARG A 245 -0.56 8.19 50.84
N ASN A 246 0.46 7.51 51.36
CA ASN A 246 1.72 8.17 51.71
C ASN A 246 2.81 8.07 50.64
N ILE A 247 2.44 7.66 49.44
CA ILE A 247 3.35 7.72 48.29
C ILE A 247 2.75 8.56 47.17
N ALA A 248 3.51 9.55 46.71
CA ALA A 248 3.10 10.36 45.56
C ALA A 248 4.09 10.14 44.42
N PHE A 249 3.55 9.90 43.24
CA PHE A 249 4.34 9.39 42.13
C PHE A 249 4.75 10.46 41.14
N PHE A 250 5.98 10.34 40.67
CA PHE A 250 6.39 11.08 39.49
C PHE A 250 5.41 10.78 38.34
N SER A 251 5.31 11.73 37.41
CA SER A 251 4.39 11.63 36.28
C SER A 251 2.95 11.77 36.75
N THR A 252 2.76 12.39 37.91
CA THR A 252 1.44 12.78 38.38
C THR A 252 1.53 14.20 38.92
N ASN A 253 0.38 14.83 39.13
CA ASN A 253 0.36 16.22 39.51
C ASN A 253 -0.54 16.50 40.71
N CYS A 254 0.03 17.16 41.73
CA CYS A 254 -0.71 17.62 42.88
C CYS A 254 -1.79 18.60 42.43
N VAL A 255 -3.04 18.23 42.71
CA VAL A 255 -4.21 18.89 42.17
C VAL A 255 -4.71 20.00 43.10
N GLU A 256 -4.56 19.77 44.41
CA GLU A 256 -4.86 20.74 45.44
C GLU A 256 -4.12 20.38 46.72
N GLY A 257 -4.09 21.33 47.65
CA GLY A 257 -3.49 21.11 48.96
C GLY A 257 -2.02 21.43 48.93
N THR A 258 -1.33 20.98 49.98
CA THR A 258 0.09 21.20 50.14
C THR A 258 0.60 19.90 50.74
N ALA A 259 1.82 19.51 50.37
CA ALA A 259 2.45 18.33 50.97
C ALA A 259 3.98 18.41 50.98
N ARG A 260 4.58 17.64 51.87
CA ARG A 260 6.01 17.43 51.87
C ARG A 260 6.30 15.95 51.99
N GLY A 261 7.30 15.49 51.22
CA GLY A 261 7.67 14.08 51.19
C GLY A 261 9.14 13.89 50.95
N VAL A 262 9.62 12.68 51.24
CA VAL A 262 11.03 12.34 51.05
C VAL A 262 11.16 11.58 49.74
N VAL A 263 12.08 12.04 48.90
CA VAL A 263 12.36 11.38 47.61
C VAL A 263 12.87 9.97 47.85
N VAL A 264 12.11 8.99 47.38
CA VAL A 264 12.51 7.59 47.47
C VAL A 264 13.08 7.08 46.15
N TYR A 265 12.70 7.72 45.04
CA TYR A 265 13.09 7.26 43.71
C TYR A 265 13.22 8.40 42.70
N THR A 266 14.26 8.33 41.88
CA THR A 266 14.60 9.39 40.95
C THR A 266 14.73 8.84 39.52
N GLY A 267 14.58 9.72 38.54
CA GLY A 267 14.78 9.39 37.13
C GLY A 267 14.16 8.09 36.67
N ASP A 268 15.00 7.18 36.20
CA ASP A 268 14.56 5.88 35.65
C ASP A 268 13.99 4.93 36.68
N ARG A 269 14.25 5.21 37.96
CA ARG A 269 13.90 4.29 39.04
C ARG A 269 12.52 4.54 39.65
N THR A 270 11.85 5.59 39.17
CA THR A 270 10.46 5.88 39.58
C THR A 270 9.50 4.87 38.95
N VAL A 271 8.31 4.73 39.51
CA VAL A 271 7.31 3.77 38.99
C VAL A 271 7.06 3.97 37.49
N MET A 272 6.85 5.22 37.08
CA MET A 272 6.54 5.54 35.70
C MET A 272 7.76 5.72 34.84
N GLY A 273 8.89 6.05 35.47
CA GLY A 273 10.19 6.05 34.81
C GLY A 273 10.42 4.68 34.21
N ARG A 274 10.08 3.65 34.97
CA ARG A 274 10.17 2.27 34.50
C ARG A 274 9.18 2.04 33.34
N ILE A 275 7.98 2.58 33.47
CA ILE A 275 6.98 2.46 32.40
C ILE A 275 7.49 3.08 31.10
N ALA A 276 8.16 4.23 31.21
CA ALA A 276 8.73 4.92 30.05
C ALA A 276 9.72 4.01 29.33
N THR A 277 10.73 3.56 30.06
CA THR A 277 11.74 2.63 29.54
C THR A 277 11.10 1.42 28.90
N LEU A 278 10.15 0.81 29.59
CA LEU A 278 9.41 -0.32 29.06
C LEU A 278 8.70 0.04 27.75
N ALA A 279 7.94 1.12 27.76
CA ALA A 279 7.18 1.55 26.59
C ALA A 279 8.10 1.99 25.47
N SER A 280 9.09 2.82 25.78
CA SER A 280 10.01 3.31 24.77
C SER A 280 10.81 2.19 24.11
N GLY A 281 11.39 1.32 24.93
CA GLY A 281 12.36 0.32 24.47
C GLY A 281 11.84 -1.02 23.99
N LEU A 282 10.53 -1.14 23.74
CA LEU A 282 9.95 -2.39 23.23
C LEU A 282 10.33 -2.63 21.78
N GLU A 283 10.30 -3.89 21.37
CA GLU A 283 10.59 -4.27 19.99
C GLU A 283 9.32 -4.27 19.13
N VAL A 284 9.17 -3.22 18.33
CA VAL A 284 7.99 -3.00 17.49
C VAL A 284 7.50 -4.25 16.75
N GLY A 285 8.31 -4.75 15.81
CA GLY A 285 8.02 -6.01 15.11
C GLY A 285 7.28 -5.87 13.79
N ARG A 286 7.16 -6.98 13.05
CA ARG A 286 6.54 -7.02 11.72
C ARG A 286 5.01 -7.04 11.77
N THR A 287 4.37 -6.19 10.97
CA THR A 287 2.91 -6.22 10.79
C THR A 287 2.46 -7.44 9.96
N PRO A 288 1.15 -7.78 10.00
CA PRO A 288 0.64 -8.82 9.11
C PRO A 288 0.94 -8.51 7.64
N ILE A 289 0.45 -7.38 7.14
CA ILE A 289 0.63 -7.01 5.73
C ILE A 289 2.10 -7.10 5.29
N ALA A 290 3.02 -6.58 6.11
CA ALA A 290 4.44 -6.72 5.87
C ALA A 290 4.86 -8.18 5.68
N ILE A 291 4.36 -9.05 6.58
CA ILE A 291 4.66 -10.49 6.54
C ILE A 291 4.03 -11.15 5.32
N GLU A 292 2.88 -10.64 4.90
CA GLU A 292 2.21 -11.12 3.70
C GLU A 292 3.00 -10.81 2.43
N ILE A 293 3.65 -9.64 2.44
CA ILE A 293 4.47 -9.17 1.31
C ILE A 293 5.76 -9.96 1.24
N GLU A 294 6.47 -10.03 2.35
CA GLU A 294 7.71 -10.79 2.44
C GLU A 294 7.49 -12.20 1.91
N HIS A 295 6.34 -12.79 2.28
CA HIS A 295 5.95 -14.13 1.84
C HIS A 295 5.67 -14.21 0.35
N PHE A 296 5.21 -13.10 -0.21
CA PHE A 296 4.92 -13.03 -1.64
C PHE A 296 6.23 -12.91 -2.44
N ILE A 297 7.19 -12.16 -1.90
CA ILE A 297 8.50 -12.00 -2.50
C ILE A 297 9.23 -13.35 -2.61
N HIS A 298 9.00 -14.24 -1.65
CA HIS A 298 9.59 -15.58 -1.66
C HIS A 298 9.01 -16.46 -2.78
N ILE A 299 7.68 -16.48 -2.90
CA ILE A 299 7.01 -17.17 -4.00
C ILE A 299 7.52 -16.61 -5.33
N ILE A 300 7.58 -15.28 -5.41
CA ILE A 300 8.05 -14.58 -6.60
C ILE A 300 9.47 -15.00 -6.99
N THR A 301 10.42 -14.81 -6.07
CA THR A 301 11.79 -15.29 -6.24
C THR A 301 11.81 -16.77 -6.62
N GLY A 302 11.01 -17.55 -5.89
CA GLY A 302 10.91 -19.00 -6.09
C GLY A 302 10.65 -19.45 -7.52
N VAL A 303 9.90 -18.67 -8.28
CA VAL A 303 9.64 -19.02 -9.68
C VAL A 303 10.57 -18.27 -10.64
N ALA A 304 11.08 -17.13 -10.21
CA ALA A 304 12.04 -16.35 -10.99
C ALA A 304 13.33 -17.13 -11.18
N VAL A 305 13.68 -17.93 -10.17
CA VAL A 305 14.92 -18.71 -10.20
C VAL A 305 14.68 -20.14 -10.69
N PHE A 306 13.45 -20.62 -10.62
CA PHE A 306 13.14 -21.92 -11.19
C PHE A 306 13.15 -21.86 -12.71
N LEU A 307 12.53 -20.83 -13.27
CA LEU A 307 12.52 -20.61 -14.72
C LEU A 307 13.85 -20.04 -15.19
N GLY A 308 14.37 -19.07 -14.42
CA GLY A 308 15.65 -18.44 -14.70
C GLY A 308 16.72 -19.45 -15.06
N VAL A 309 16.88 -20.47 -14.21
CA VAL A 309 17.86 -21.53 -14.45
C VAL A 309 17.34 -22.62 -15.40
N SER A 310 16.02 -22.85 -15.38
CA SER A 310 15.40 -23.85 -16.24
C SER A 310 15.62 -23.48 -17.71
N PHE A 311 15.85 -22.19 -17.94
CA PHE A 311 16.21 -21.69 -19.26
C PHE A 311 17.68 -21.29 -19.32
N PHE A 312 18.47 -22.03 -18.56
CA PHE A 312 19.92 -22.08 -18.71
C PHE A 312 20.25 -23.48 -19.19
N ILE A 313 19.58 -24.48 -18.60
CA ILE A 313 19.77 -25.88 -18.95
C ILE A 313 19.12 -26.20 -20.29
N LEU A 314 17.96 -25.58 -20.57
CA LEU A 314 17.27 -25.80 -21.84
C LEU A 314 18.01 -25.07 -22.96
N SER A 315 18.49 -23.86 -22.68
CA SER A 315 19.31 -23.14 -23.64
C SER A 315 20.61 -23.90 -23.93
N LEU A 316 21.12 -24.62 -22.93
CA LEU A 316 22.35 -25.41 -23.09
C LEU A 316 22.14 -26.63 -23.98
N ILE A 317 21.08 -27.39 -23.71
CA ILE A 317 20.69 -28.56 -24.52
C ILE A 317 20.44 -28.17 -25.99
N LEU A 318 20.29 -26.87 -26.26
CA LEU A 318 20.01 -26.40 -27.62
C LEU A 318 21.21 -25.80 -28.35
N GLY A 319 22.35 -25.73 -27.67
CA GLY A 319 23.59 -25.24 -28.29
C GLY A 319 23.97 -23.84 -27.87
N TYR A 320 24.04 -23.64 -26.56
CA TYR A 320 24.46 -22.37 -25.99
C TYR A 320 25.51 -22.60 -24.91
N SER A 321 26.58 -21.80 -24.95
CA SER A 321 27.70 -21.94 -24.00
C SER A 321 27.38 -21.36 -22.62
N TRP A 322 28.40 -21.32 -21.75
CA TRP A 322 28.28 -20.68 -20.43
C TRP A 322 28.47 -19.17 -20.57
N LEU A 323 28.33 -18.69 -21.81
CA LEU A 323 28.43 -17.27 -22.14
C LEU A 323 27.06 -16.83 -22.64
N GLU A 324 26.26 -17.82 -23.02
CA GLU A 324 24.95 -17.59 -23.60
C GLU A 324 23.84 -18.10 -22.67
N ALA A 325 24.02 -19.30 -22.13
CA ALA A 325 23.06 -19.87 -21.19
C ALA A 325 23.05 -19.13 -19.85
N VAL A 326 24.15 -18.44 -19.56
CA VAL A 326 24.28 -17.63 -18.35
C VAL A 326 23.62 -16.27 -18.52
N ILE A 327 23.86 -15.61 -19.66
CA ILE A 327 23.28 -14.29 -19.95
C ILE A 327 21.75 -14.30 -20.01
N PHE A 328 21.17 -15.48 -20.27
CA PHE A 328 19.72 -15.64 -20.33
C PHE A 328 19.07 -15.84 -18.96
N LEU A 329 19.76 -16.59 -18.09
CA LEU A 329 19.31 -16.82 -16.71
C LEU A 329 19.12 -15.48 -15.99
N ILE A 330 20.19 -14.70 -15.95
CA ILE A 330 20.13 -13.31 -15.49
C ILE A 330 19.17 -12.51 -16.36
N GLY A 331 19.12 -12.85 -17.65
CA GLY A 331 18.12 -12.29 -18.56
C GLY A 331 16.75 -12.34 -17.92
N ILE A 332 16.27 -13.56 -17.66
CA ILE A 332 14.93 -13.82 -17.09
C ILE A 332 14.79 -13.34 -15.63
N ILE A 333 15.09 -12.05 -15.42
CA ILE A 333 14.81 -11.37 -14.17
C ILE A 333 13.63 -10.44 -14.38
N VAL A 334 13.87 -9.30 -15.02
CA VAL A 334 12.85 -8.29 -15.32
C VAL A 334 11.48 -8.96 -15.49
N ALA A 335 11.36 -9.76 -16.55
CA ALA A 335 10.12 -10.49 -16.87
C ALA A 335 9.41 -11.10 -15.66
N ASN A 336 10.19 -11.62 -14.71
CA ASN A 336 9.62 -12.23 -13.50
C ASN A 336 9.44 -11.26 -12.34
N VAL A 337 10.24 -10.20 -12.32
CA VAL A 337 10.22 -9.20 -11.26
C VAL A 337 9.27 -8.05 -11.64
N PRO A 338 8.13 -7.93 -10.93
CA PRO A 338 7.26 -6.77 -11.14
C PRO A 338 7.84 -5.47 -10.57
N GLU A 339 8.37 -4.63 -11.45
CA GLU A 339 9.02 -3.38 -11.06
C GLU A 339 8.02 -2.38 -10.53
N GLY A 340 6.77 -2.49 -10.99
CA GLY A 340 5.72 -1.55 -10.60
C GLY A 340 4.90 -1.97 -9.40
N LEU A 341 5.16 -3.17 -8.87
CA LEU A 341 4.32 -3.72 -7.82
C LEU A 341 4.49 -3.03 -6.47
N LEU A 342 5.72 -2.71 -6.08
CA LEU A 342 5.97 -1.97 -4.85
C LEU A 342 5.19 -0.67 -4.85
N ALA A 343 5.39 0.13 -5.89
CA ALA A 343 4.74 1.43 -6.05
C ALA A 343 3.23 1.32 -5.94
N THR A 344 2.68 0.26 -6.53
CA THR A 344 1.26 0.03 -6.54
C THR A 344 0.73 -0.25 -5.14
N VAL A 345 1.28 -1.25 -4.49
CA VAL A 345 0.88 -1.59 -3.12
C VAL A 345 0.92 -0.34 -2.23
N THR A 346 1.93 0.51 -2.44
CA THR A 346 2.11 1.72 -1.65
C THR A 346 1.05 2.78 -1.93
N VAL A 347 0.85 3.13 -3.19
CA VAL A 347 -0.18 4.10 -3.56
C VAL A 347 -1.54 3.57 -3.11
N CYS A 348 -1.75 2.26 -3.21
CA CYS A 348 -2.97 1.64 -2.71
C CYS A 348 -3.12 1.85 -1.22
N LEU A 349 -2.10 1.48 -0.46
CA LEU A 349 -2.05 1.71 0.98
C LEU A 349 -2.31 3.18 1.28
N THR A 350 -1.54 4.04 0.63
CA THR A 350 -1.63 5.50 0.78
C THR A 350 -3.02 6.02 0.45
N LEU A 351 -3.60 5.54 -0.65
CA LEU A 351 -4.92 6.03 -1.07
C LEU A 351 -6.03 5.64 -0.10
N THR A 352 -5.87 4.46 0.51
CA THR A 352 -6.83 3.99 1.50
C THR A 352 -6.72 4.82 2.78
N ALA A 353 -5.50 5.01 3.26
CA ALA A 353 -5.23 5.89 4.41
C ALA A 353 -5.88 7.27 4.25
N LYS A 354 -5.83 7.82 3.04
CA LYS A 354 -6.38 9.16 2.79
C LYS A 354 -7.88 9.20 3.01
N ARG A 355 -8.56 8.11 2.65
CA ARG A 355 -10.01 7.99 2.86
C ARG A 355 -10.34 7.98 4.34
N MET A 356 -9.51 7.29 5.12
CA MET A 356 -9.72 7.14 6.57
C MET A 356 -9.43 8.44 7.31
N ALA A 357 -8.50 9.23 6.79
CA ALA A 357 -8.30 10.60 7.27
C ALA A 357 -9.58 11.40 7.05
N ARG A 358 -10.22 11.18 5.89
CA ARG A 358 -11.51 11.81 5.58
C ARG A 358 -12.66 11.31 6.46
N LYS A 359 -12.38 10.30 7.30
CA LYS A 359 -13.35 9.86 8.28
C LYS A 359 -12.88 10.12 9.71
N ASN A 360 -12.09 11.18 9.89
CA ASN A 360 -11.45 11.52 11.18
C ASN A 360 -10.70 10.34 11.80
N CYS A 361 -9.82 9.72 11.02
CA CYS A 361 -9.09 8.55 11.50
C CYS A 361 -7.64 8.54 10.97
N LEU A 362 -6.73 9.07 11.78
CA LEU A 362 -5.35 9.29 11.34
C LEU A 362 -4.47 8.06 11.48
N VAL A 363 -3.74 7.77 10.41
CA VAL A 363 -2.85 6.62 10.39
C VAL A 363 -1.42 7.11 10.23
N LYS A 364 -0.56 6.69 11.15
CA LYS A 364 0.82 7.14 11.19
C LYS A 364 1.72 6.25 10.35
N ASN A 365 1.25 5.05 10.07
CA ASN A 365 1.99 4.06 9.30
C ASN A 365 1.16 3.53 8.15
N LEU A 366 1.81 3.28 7.02
CA LEU A 366 1.09 2.75 5.88
C LEU A 366 0.62 1.32 6.13
N GLU A 367 1.47 0.52 6.76
CA GLU A 367 1.14 -0.87 7.08
C GLU A 367 -0.06 -1.01 8.00
N ALA A 368 -0.32 0.04 8.78
CA ALA A 368 -1.39 0.04 9.77
C ALA A 368 -2.78 0.15 9.13
N VAL A 369 -2.81 0.41 7.83
CA VAL A 369 -4.06 0.45 7.07
C VAL A 369 -4.77 -0.90 7.11
N GLU A 370 -3.98 -1.97 7.04
CA GLU A 370 -4.51 -3.33 6.95
C GLU A 370 -4.79 -4.00 8.30
N THR A 371 -3.91 -3.81 9.28
CA THR A 371 -3.92 -4.62 10.51
C THR A 371 -5.29 -4.69 11.18
N LEU A 372 -5.99 -3.57 11.22
CA LEU A 372 -7.34 -3.56 11.79
C LEU A 372 -8.27 -4.62 11.19
N GLY A 373 -8.00 -5.02 9.95
CA GLY A 373 -8.80 -6.03 9.24
C GLY A 373 -8.40 -7.47 9.53
N SER A 374 -7.19 -7.66 10.05
CA SER A 374 -6.68 -9.00 10.40
C SER A 374 -6.77 -9.24 11.91
N THR A 375 -7.48 -8.35 12.60
CA THR A 375 -7.49 -8.35 14.06
C THR A 375 -8.48 -9.36 14.62
N SER A 376 -7.97 -10.24 15.47
CA SER A 376 -8.81 -11.27 16.09
C SER A 376 -9.31 -10.86 17.47
N THR A 377 -8.47 -10.15 18.23
CA THR A 377 -8.83 -9.69 19.56
C THR A 377 -8.51 -8.21 19.75
N ILE A 378 -9.46 -7.49 20.33
CA ILE A 378 -9.26 -6.09 20.72
C ILE A 378 -9.17 -5.99 22.23
N CYS A 379 -8.08 -5.39 22.72
CA CYS A 379 -7.97 -5.08 24.14
C CYS A 379 -8.24 -3.61 24.37
N SER A 380 -9.42 -3.30 24.87
CA SER A 380 -9.80 -1.90 25.05
C SER A 380 -9.65 -1.45 26.49
N ASP A 381 -9.04 -0.29 26.66
CA ASP A 381 -9.10 0.44 27.90
C ASP A 381 -10.55 0.91 28.07
N LYS A 382 -10.98 1.12 29.32
CA LYS A 382 -12.35 1.56 29.58
C LYS A 382 -12.48 3.09 29.53
N THR A 383 -11.85 3.77 30.50
CA THR A 383 -12.15 5.18 30.75
C THR A 383 -11.62 6.12 29.67
N GLY A 384 -12.55 6.80 29.00
CA GLY A 384 -12.21 7.77 27.98
C GLY A 384 -11.98 7.10 26.64
N THR A 385 -12.07 5.77 26.63
CA THR A 385 -12.03 4.99 25.40
C THR A 385 -13.42 4.39 25.12
N LEU A 386 -13.85 3.44 25.94
CA LEU A 386 -15.21 2.94 25.85
C LEU A 386 -16.20 3.95 26.43
N THR A 387 -15.78 4.67 27.47
CA THR A 387 -16.62 5.65 28.15
C THR A 387 -16.20 7.09 27.87
N GLN A 388 -17.02 8.05 28.30
CA GLN A 388 -16.79 9.46 28.01
C GLN A 388 -15.84 10.13 28.99
N ASN A 389 -15.50 9.44 30.08
CA ASN A 389 -14.64 9.99 31.13
C ASN A 389 -15.30 11.21 31.72
N ARG A 390 -16.50 11.03 32.25
CA ARG A 390 -17.33 12.17 32.62
C ARG A 390 -18.55 11.76 33.45
N MET A 391 -18.41 11.83 34.76
CA MET A 391 -19.47 11.47 35.67
C MET A 391 -20.79 12.06 35.22
N THR A 392 -21.68 11.22 34.71
CA THR A 392 -22.97 11.65 34.21
C THR A 392 -24.07 11.03 35.04
N VAL A 393 -25.13 11.80 35.27
CA VAL A 393 -26.30 11.30 35.98
C VAL A 393 -26.99 10.24 35.11
N ALA A 394 -27.20 9.07 35.70
CA ALA A 394 -27.72 7.91 34.98
C ALA A 394 -29.14 7.55 35.40
N HIS A 395 -29.39 7.48 36.71
CA HIS A 395 -30.72 7.12 37.21
C HIS A 395 -31.19 7.98 38.38
N MET A 396 -32.51 8.12 38.50
CA MET A 396 -33.12 8.80 39.64
C MET A 396 -34.16 7.89 40.29
N TRP A 397 -34.34 8.03 41.60
CA TRP A 397 -35.42 7.35 42.29
C TRP A 397 -36.28 8.29 43.12
N PHE A 398 -37.53 8.43 42.68
CA PHE A 398 -38.53 9.27 43.33
C PHE A 398 -39.88 8.80 42.81
N ASP A 399 -40.96 9.23 43.46
CA ASP A 399 -42.30 8.73 43.15
C ASP A 399 -42.34 7.20 43.23
N ASN A 400 -41.59 6.66 44.18
CA ASN A 400 -41.45 5.21 44.36
C ASN A 400 -41.02 4.50 43.08
N GLN A 401 -40.35 5.24 42.19
CA GLN A 401 -40.05 4.74 40.86
C GLN A 401 -38.64 5.05 40.39
N ILE A 402 -37.99 4.04 39.79
CA ILE A 402 -36.71 4.20 39.14
C ILE A 402 -36.91 4.91 37.81
N HIS A 403 -36.07 5.89 37.53
CA HIS A 403 -36.04 6.56 36.23
C HIS A 403 -34.67 6.39 35.61
N GLU A 404 -34.60 6.56 34.29
CA GLU A 404 -33.31 6.54 33.63
C GLU A 404 -33.11 7.75 32.72
N ALA A 405 -32.10 8.54 33.05
CA ALA A 405 -31.74 9.70 32.26
C ALA A 405 -30.97 9.26 31.03
N ASP A 406 -30.90 10.15 30.05
CA ASP A 406 -30.08 9.93 28.87
C ASP A 406 -28.63 10.29 29.20
N THR A 407 -27.71 9.35 28.98
CA THR A 407 -26.31 9.59 29.32
C THR A 407 -25.39 9.85 28.13
N THR A 408 -25.94 9.83 26.92
CA THR A 408 -25.12 9.99 25.71
C THR A 408 -24.59 11.41 25.49
N GLU A 409 -23.52 11.52 24.70
CA GLU A 409 -22.98 12.82 24.25
C GLU A 409 -24.09 13.67 23.66
N ASN A 410 -24.48 13.33 22.42
CA ASN A 410 -25.54 14.04 21.71
C ASN A 410 -26.95 13.68 22.18
N GLN A 411 -27.04 13.12 23.39
CA GLN A 411 -28.32 12.84 24.03
C GLN A 411 -29.32 12.16 23.09
N SER A 412 -28.92 11.02 22.55
CA SER A 412 -29.71 10.31 21.54
C SER A 412 -30.91 9.55 22.11
N GLY A 413 -30.90 9.30 23.42
CA GLY A 413 -32.02 8.65 24.11
C GLY A 413 -33.26 9.52 24.19
N ALA A 414 -34.08 9.29 25.21
CA ALA A 414 -35.38 9.97 25.31
C ALA A 414 -35.64 10.61 26.67
N ALA A 415 -36.75 11.35 26.76
CA ALA A 415 -37.16 12.04 27.97
C ALA A 415 -37.82 11.09 28.97
N PHE A 416 -37.45 11.22 30.24
CA PHE A 416 -37.85 10.29 31.29
C PHE A 416 -39.06 10.75 32.10
N ASP A 417 -39.08 12.04 32.47
CA ASP A 417 -40.14 12.62 33.28
C ASP A 417 -39.99 14.15 33.38
N LYS A 418 -41.13 14.84 33.44
CA LYS A 418 -41.16 16.29 33.59
C LYS A 418 -42.41 16.71 34.37
N THR A 419 -43.40 15.82 34.39
CA THR A 419 -44.70 16.09 34.98
C THR A 419 -44.68 16.23 36.51
N SER A 420 -43.95 15.33 37.17
CA SER A 420 -43.96 15.20 38.62
C SER A 420 -43.63 16.49 39.35
N ALA A 421 -44.44 16.80 40.37
CA ALA A 421 -44.13 17.90 41.28
C ALA A 421 -42.94 17.49 42.14
N THR A 422 -42.78 16.19 42.36
CA THR A 422 -41.61 15.64 43.03
C THR A 422 -40.36 15.98 42.25
N TRP A 423 -40.37 15.63 40.96
CA TRP A 423 -39.23 15.86 40.09
C TRP A 423 -38.60 17.23 40.30
N SER A 424 -39.42 18.26 40.31
CA SER A 424 -38.94 19.64 40.44
C SER A 424 -38.36 19.96 41.82
N ALA A 425 -38.99 19.43 42.86
CA ALA A 425 -38.47 19.57 44.23
C ALA A 425 -37.07 18.98 44.30
N LEU A 426 -36.90 17.84 43.63
CA LEU A 426 -35.61 17.17 43.47
C LEU A 426 -34.67 18.05 42.65
N SER A 427 -35.05 18.31 41.39
CA SER A 427 -34.36 19.24 40.51
C SER A 427 -33.86 20.47 41.27
N ARG A 428 -34.70 20.99 42.15
CA ARG A 428 -34.40 22.19 42.90
C ARG A 428 -33.21 21.99 43.82
N ILE A 429 -33.17 20.85 44.52
CA ILE A 429 -32.06 20.53 45.42
C ILE A 429 -30.78 20.29 44.63
N ALA A 430 -30.91 19.60 43.50
CA ALA A 430 -29.77 19.26 42.67
C ALA A 430 -29.05 20.51 42.15
N ALA A 431 -29.82 21.56 41.88
CA ALA A 431 -29.28 22.81 41.36
C ALA A 431 -28.80 23.74 42.46
N LEU A 432 -29.51 23.73 43.59
CA LEU A 432 -29.23 24.66 44.69
C LEU A 432 -28.21 24.13 45.68
N CYS A 433 -28.46 22.94 46.20
CA CYS A 433 -27.50 22.27 47.06
C CYS A 433 -26.37 21.78 46.18
N ASN A 434 -25.57 22.73 45.70
CA ASN A 434 -24.60 22.47 44.64
C ASN A 434 -23.73 23.70 44.45
N ARG A 435 -22.42 23.50 44.38
CA ARG A 435 -21.49 24.62 44.29
C ARG A 435 -20.66 24.66 43.00
N ALA A 436 -20.94 23.75 42.08
CA ALA A 436 -20.22 23.73 40.81
C ALA A 436 -20.70 24.82 39.87
N VAL A 437 -19.79 25.29 39.01
CA VAL A 437 -20.08 26.36 38.06
C VAL A 437 -19.48 25.99 36.71
N PHE A 438 -20.17 26.39 35.63
CA PHE A 438 -19.61 26.27 34.29
C PHE A 438 -18.54 27.33 34.12
N GLN A 439 -17.33 26.92 33.71
CA GLN A 439 -16.22 27.84 33.47
C GLN A 439 -16.68 28.96 32.55
N ALA A 440 -16.10 30.14 32.70
CA ALA A 440 -16.48 31.31 31.90
C ALA A 440 -16.40 31.05 30.39
N GLY A 441 -17.39 31.56 29.65
CA GLY A 441 -17.35 31.69 28.19
C GLY A 441 -17.56 30.47 27.29
N GLN A 442 -18.63 29.73 27.52
CA GLN A 442 -18.83 28.46 26.82
C GLN A 442 -20.22 28.25 26.21
N ASP A 443 -21.07 29.28 26.22
CA ASP A 443 -22.43 29.17 25.67
C ASP A 443 -22.43 28.56 24.26
N ASN A 444 -21.32 28.75 23.56
CA ASN A 444 -21.06 28.13 22.27
C ASN A 444 -21.11 26.60 22.33
N VAL A 445 -20.29 26.02 23.22
CA VAL A 445 -20.16 24.58 23.34
C VAL A 445 -21.33 23.94 24.09
N PRO A 446 -21.71 22.70 23.69
CA PRO A 446 -22.78 21.94 24.34
C PRO A 446 -22.49 21.62 25.81
N ILE A 447 -23.56 21.55 26.60
CA ILE A 447 -23.48 21.38 28.05
C ILE A 447 -22.51 20.26 28.46
N LEU A 448 -22.84 19.03 28.08
CA LEU A 448 -22.04 17.86 28.50
C LEU A 448 -20.56 17.91 28.10
N LYS A 449 -20.20 18.84 27.22
CA LYS A 449 -18.81 18.95 26.77
C LYS A 449 -18.08 20.10 27.44
N ARG A 450 -18.82 21.06 27.98
CA ARG A 450 -18.20 22.25 28.56
C ARG A 450 -17.56 21.98 29.91
N SER A 451 -16.39 22.59 30.12
CA SER A 451 -15.64 22.37 31.35
C SER A 451 -16.30 23.05 32.54
N VAL A 452 -16.38 22.32 33.65
CA VAL A 452 -16.98 22.80 34.88
C VAL A 452 -15.91 22.92 35.96
N ALA A 453 -16.03 23.94 36.81
CA ALA A 453 -15.20 24.00 38.01
C ALA A 453 -15.95 23.31 39.13
N GLY A 454 -15.37 22.23 39.64
CA GLY A 454 -16.00 21.45 40.72
C GLY A 454 -15.76 19.96 40.64
N ASP A 455 -16.02 19.26 41.74
CA ASP A 455 -15.88 17.80 41.79
C ASP A 455 -16.79 17.14 40.75
N ALA A 456 -16.46 15.89 40.39
CA ALA A 456 -17.21 15.16 39.38
C ALA A 456 -18.72 15.06 39.66
N SER A 457 -19.07 14.61 40.87
CA SER A 457 -20.47 14.37 41.21
C SER A 457 -21.30 15.64 41.14
N GLU A 458 -20.73 16.75 41.63
CA GLU A 458 -21.45 18.03 41.57
C GLU A 458 -21.57 18.56 40.15
N SER A 459 -20.56 18.31 39.31
CA SER A 459 -20.62 18.70 37.90
C SER A 459 -21.72 17.92 37.20
N ALA A 460 -21.85 16.64 37.58
CA ALA A 460 -22.87 15.76 37.02
C ALA A 460 -24.26 16.32 37.23
N LEU A 461 -24.56 16.70 38.47
CA LEU A 461 -25.85 17.26 38.83
C LEU A 461 -26.11 18.57 38.09
N LEU A 462 -25.08 19.41 38.06
CA LEU A 462 -25.12 20.68 37.34
C LEU A 462 -25.54 20.45 35.89
N LYS A 463 -24.80 19.60 35.20
CA LYS A 463 -25.01 19.33 33.77
C LYS A 463 -26.36 18.67 33.52
N CYS A 464 -26.83 17.90 34.50
CA CYS A 464 -28.12 17.25 34.40
C CYS A 464 -29.24 18.31 34.36
N ILE A 465 -29.25 19.20 35.36
CA ILE A 465 -30.31 20.17 35.52
C ILE A 465 -30.27 21.24 34.42
N GLU A 466 -29.07 21.74 34.11
CA GLU A 466 -28.88 22.71 33.03
C GLU A 466 -29.49 22.19 31.75
N LEU A 467 -29.35 20.88 31.55
CA LEU A 467 -29.79 20.20 30.36
C LEU A 467 -31.31 20.14 30.26
N CYS A 468 -31.94 19.59 31.29
CA CYS A 468 -33.38 19.35 31.26
C CYS A 468 -34.20 20.23 32.21
N CYS A 469 -33.69 21.43 32.49
CA CYS A 469 -34.42 22.41 33.30
C CYS A 469 -33.96 23.84 33.05
N GLY A 470 -33.27 24.08 31.94
CA GLY A 470 -32.74 25.40 31.65
C GLY A 470 -31.70 25.86 32.66
N SER A 471 -31.34 27.14 32.62
CA SER A 471 -30.21 27.66 33.38
C SER A 471 -30.28 27.45 34.88
N VAL A 472 -29.23 26.82 35.41
CA VAL A 472 -29.06 26.58 36.84
C VAL A 472 -28.82 27.91 37.54
N GLN A 473 -28.05 28.78 36.90
CA GLN A 473 -27.83 30.15 37.38
C GLN A 473 -29.18 30.83 37.65
N GLY A 474 -30.11 30.67 36.71
CA GLY A 474 -31.50 31.09 36.87
C GLY A 474 -32.08 30.72 38.22
N MET A 475 -31.94 29.45 38.61
CA MET A 475 -32.42 28.97 39.91
C MET A 475 -31.66 29.55 41.09
N ARG A 476 -30.32 29.54 41.00
CA ARG A 476 -29.46 30.07 42.05
C ARG A 476 -29.66 31.58 42.27
N ASP A 477 -30.28 32.25 41.29
CA ASP A 477 -30.66 33.65 41.41
C ASP A 477 -32.05 33.83 42.00
N ARG A 478 -33.04 33.13 41.44
CA ARG A 478 -34.42 33.16 41.93
C ARG A 478 -34.53 32.70 43.39
N ASN A 479 -33.55 31.92 43.85
CA ASN A 479 -33.53 31.42 45.22
C ASN A 479 -32.18 31.67 45.93
N PRO A 480 -31.88 32.96 46.25
CA PRO A 480 -30.57 33.31 46.82
C PRO A 480 -30.16 32.41 47.98
N LYS A 481 -28.90 31.97 47.96
CA LYS A 481 -28.34 31.19 49.05
C LYS A 481 -28.01 32.15 50.20
N ILE A 482 -28.52 31.83 51.40
CA ILE A 482 -28.22 32.66 52.57
C ILE A 482 -27.16 32.07 53.50
N VAL A 483 -27.23 30.77 53.74
CA VAL A 483 -26.18 30.02 54.44
C VAL A 483 -26.15 28.57 53.96
N GLU A 484 -24.99 27.92 54.12
CA GLU A 484 -24.87 26.49 53.83
C GLU A 484 -23.75 25.84 54.64
N ILE A 485 -23.92 24.55 54.91
CA ILE A 485 -22.88 23.74 55.52
C ILE A 485 -22.27 22.90 54.41
N PRO A 486 -21.08 23.30 53.92
CA PRO A 486 -20.39 22.53 52.89
C PRO A 486 -20.17 21.10 53.32
N PHE A 487 -20.36 20.16 52.39
CA PHE A 487 -20.15 18.74 52.60
C PHE A 487 -18.94 18.46 53.49
N ASN A 488 -19.20 17.96 54.70
CA ASN A 488 -18.16 17.55 55.62
C ASN A 488 -17.70 16.13 55.35
N SER A 489 -16.50 15.81 55.81
CA SER A 489 -16.03 14.42 55.81
C SER A 489 -16.85 13.61 56.81
N THR A 490 -17.21 14.24 57.93
CA THR A 490 -17.97 13.63 59.02
C THR A 490 -19.49 13.65 58.84
N ASN A 491 -20.03 14.82 58.48
CA ASN A 491 -21.46 14.96 58.18
C ASN A 491 -21.94 14.02 57.09
N LYS A 492 -21.04 13.76 56.12
CA LYS A 492 -21.35 12.96 54.93
C LYS A 492 -22.59 13.51 54.23
N TYR A 493 -22.80 14.81 54.39
CA TYR A 493 -23.89 15.54 53.75
C TYR A 493 -23.60 17.03 53.65
N GLN A 494 -24.32 17.68 52.74
CA GLN A 494 -24.16 19.09 52.43
C GLN A 494 -25.55 19.69 52.39
N LEU A 495 -25.77 20.76 53.14
CA LEU A 495 -27.06 21.46 53.10
C LEU A 495 -26.89 22.94 52.82
N SER A 496 -27.98 23.58 52.41
CA SER A 496 -28.05 25.03 52.23
C SER A 496 -29.38 25.54 52.71
N ILE A 497 -29.45 26.84 53.01
CA ILE A 497 -30.73 27.51 53.29
C ILE A 497 -30.95 28.63 52.28
N HIS A 498 -32.14 28.66 51.69
CA HIS A 498 -32.41 29.60 50.60
C HIS A 498 -33.71 30.38 50.80
N GLU A 499 -33.66 31.66 50.43
CA GLU A 499 -34.88 32.46 50.25
C GLU A 499 -35.65 31.84 49.09
N ASN A 500 -36.92 31.53 49.32
CA ASN A 500 -37.75 30.94 48.29
C ASN A 500 -38.24 31.98 47.30
N GLU A 501 -38.09 31.67 46.01
CA GLU A 501 -38.56 32.54 44.92
C GLU A 501 -40.03 32.95 45.10
N LYS A 502 -40.85 31.99 45.54
CA LYS A 502 -42.28 32.19 45.74
C LYS A 502 -42.52 33.41 46.61
N SER A 503 -43.15 34.44 46.02
CA SER A 503 -43.49 35.67 46.74
C SER A 503 -44.46 35.41 47.88
N SER A 504 -45.45 34.56 47.62
CA SER A 504 -46.47 34.18 48.61
C SER A 504 -45.84 33.53 49.84
N GLU A 505 -44.59 33.08 49.69
CA GLU A 505 -43.75 32.73 50.82
C GLU A 505 -42.61 33.73 50.95
N SER A 506 -41.60 33.57 50.10
CA SER A 506 -40.29 34.24 50.26
C SER A 506 -39.69 33.87 51.61
N ARG A 507 -40.17 32.76 52.17
CA ARG A 507 -39.66 32.21 53.41
C ARG A 507 -38.47 31.29 53.09
N TYR A 508 -38.04 30.51 54.08
CA TYR A 508 -36.77 29.80 54.01
C TYR A 508 -36.88 28.31 53.70
N LEU A 509 -36.14 27.88 52.69
CA LEU A 509 -36.07 26.47 52.33
C LEU A 509 -34.73 25.84 52.68
N LEU A 510 -34.78 24.64 53.25
CA LEU A 510 -33.58 23.88 53.56
C LEU A 510 -33.41 22.76 52.56
N VAL A 511 -32.22 22.69 51.97
CA VAL A 511 -31.89 21.68 50.98
C VAL A 511 -30.61 20.96 51.37
N MET A 512 -30.62 19.63 51.31
CA MET A 512 -29.42 18.86 51.60
C MET A 512 -29.27 17.59 50.74
N LYS A 513 -28.03 17.12 50.64
CA LYS A 513 -27.72 15.89 49.91
C LYS A 513 -26.49 15.22 50.50
N GLY A 514 -26.39 13.91 50.29
CA GLY A 514 -25.26 13.14 50.78
C GLY A 514 -25.59 11.67 50.80
N ALA A 515 -24.79 10.92 51.56
CA ALA A 515 -24.92 9.46 51.66
C ALA A 515 -26.36 9.04 51.84
N PRO A 516 -26.89 8.22 50.90
CA PRO A 516 -28.31 7.87 50.86
C PRO A 516 -28.86 7.29 52.19
N GLU A 517 -28.05 6.51 52.90
CA GLU A 517 -28.40 6.02 54.22
C GLU A 517 -28.50 7.16 55.24
N ARG A 518 -27.62 8.15 55.12
CA ARG A 518 -27.57 9.28 56.05
C ARG A 518 -28.70 10.28 55.82
N ILE A 519 -29.16 10.37 54.58
CA ILE A 519 -30.27 11.27 54.23
C ILE A 519 -31.60 10.69 54.70
N LEU A 520 -31.64 9.37 54.82
CA LEU A 520 -32.85 8.70 55.28
C LEU A 520 -32.92 8.68 56.81
N ASP A 521 -31.75 8.67 57.45
CA ASP A 521 -31.61 8.80 58.89
C ASP A 521 -32.01 10.21 59.38
N ARG A 522 -32.33 11.10 58.44
CA ARG A 522 -32.74 12.45 58.79
C ARG A 522 -34.06 12.85 58.12
N CYS A 523 -34.93 11.86 57.90
CA CYS A 523 -36.20 12.10 57.24
C CYS A 523 -37.40 11.61 58.04
N SER A 524 -38.49 12.35 57.94
CA SER A 524 -39.74 12.00 58.59
C SER A 524 -40.82 11.76 57.54
N THR A 525 -40.69 12.48 56.42
CA THR A 525 -41.70 12.49 55.37
C THR A 525 -41.09 12.26 53.98
N ILE A 526 -41.97 12.05 52.98
CA ILE A 526 -41.55 11.74 51.61
C ILE A 526 -42.45 12.43 50.59
N LEU A 527 -41.88 13.37 49.83
CA LEU A 527 -42.62 14.06 48.77
C LEU A 527 -42.98 13.09 47.65
N LEU A 528 -44.15 12.48 47.75
CA LEU A 528 -44.66 11.58 46.72
C LEU A 528 -45.65 12.32 45.83
N ASN A 529 -45.30 12.44 44.55
CA ASN A 529 -46.15 13.06 43.54
C ASN A 529 -46.73 14.42 43.95
N GLY A 530 -45.98 15.16 44.78
CA GLY A 530 -46.39 16.51 45.16
C GLY A 530 -46.62 16.73 46.64
N ALA A 531 -47.18 15.72 47.31
CA ALA A 531 -47.52 15.84 48.72
C ALA A 531 -46.66 14.94 49.59
N GLU A 532 -46.25 15.47 50.74
CA GLU A 532 -45.52 14.72 51.76
C GLU A 532 -46.35 13.53 52.24
N GLU A 533 -45.74 12.71 53.10
CA GLU A 533 -46.33 11.45 53.51
C GLU A 533 -45.40 10.77 54.50
N PRO A 534 -45.97 10.16 55.56
CA PRO A 534 -45.17 9.42 56.54
C PRO A 534 -44.19 8.44 55.89
N LEU A 535 -43.03 8.29 56.51
CA LEU A 535 -41.99 7.39 56.03
C LEU A 535 -42.23 5.98 56.59
N LYS A 536 -43.30 5.34 56.12
CA LYS A 536 -43.64 3.98 56.56
C LYS A 536 -42.52 3.01 56.19
N GLU A 537 -42.24 2.08 57.11
CA GLU A 537 -41.21 1.05 56.90
C GLU A 537 -41.40 0.32 55.56
N ASP A 538 -42.61 0.46 55.01
CA ASP A 538 -42.93 -0.02 53.67
C ASP A 538 -42.07 0.70 52.63
N MET A 539 -41.99 2.02 52.72
CA MET A 539 -41.17 2.83 51.82
C MET A 539 -39.70 2.79 52.19
N LYS A 540 -39.43 2.69 53.49
CA LYS A 540 -38.07 2.58 54.03
C LYS A 540 -37.36 1.37 53.42
N GLU A 541 -38.10 0.61 52.61
CA GLU A 541 -37.59 -0.61 51.99
C GLU A 541 -37.66 -0.55 50.46
N ALA A 542 -38.64 0.16 49.91
CA ALA A 542 -38.70 0.39 48.47
C ALA A 542 -37.55 1.31 48.05
N PHE A 543 -37.17 2.19 48.97
CA PHE A 543 -35.94 2.97 48.89
C PHE A 543 -34.74 2.04 48.99
N GLN A 544 -34.69 1.26 50.07
CA GLN A 544 -33.57 0.34 50.32
C GLN A 544 -33.37 -0.62 49.17
N ASN A 545 -34.45 -0.95 48.47
CA ASN A 545 -34.37 -1.71 47.24
C ASN A 545 -33.65 -0.89 46.20
N ALA A 546 -34.25 0.24 45.83
CA ALA A 546 -33.70 1.15 44.83
C ALA A 546 -32.22 1.41 45.06
N TYR A 547 -31.88 1.79 46.30
CA TYR A 547 -30.50 2.05 46.66
C TYR A 547 -29.55 0.88 46.34
N LEU A 548 -29.98 -0.35 46.64
CA LEU A 548 -29.13 -1.52 46.38
C LEU A 548 -29.03 -1.92 44.92
N GLU A 549 -30.08 -1.64 44.15
CA GLU A 549 -30.11 -1.94 42.71
C GLU A 549 -29.21 -0.98 41.94
N LEU A 550 -29.45 0.31 42.13
CA LEU A 550 -28.63 1.35 41.53
C LEU A 550 -27.17 1.16 41.94
N GLY A 551 -26.94 0.87 43.21
CA GLY A 551 -25.60 0.59 43.72
C GLY A 551 -24.94 -0.58 43.01
N GLY A 552 -25.78 -1.51 42.57
CA GLY A 552 -25.31 -2.72 41.88
C GLY A 552 -24.99 -2.48 40.42
N LEU A 553 -25.70 -1.52 39.82
CA LEU A 553 -25.40 -1.03 38.47
C LEU A 553 -24.00 -0.42 38.39
N GLY A 554 -23.29 -0.40 39.51
CA GLY A 554 -21.95 0.16 39.60
C GLY A 554 -21.99 1.68 39.61
N GLU A 555 -23.15 2.22 39.96
CA GLU A 555 -23.39 3.65 39.96
C GLU A 555 -23.22 4.26 41.34
N ARG A 556 -22.72 5.50 41.37
CA ARG A 556 -22.62 6.28 42.60
C ARG A 556 -23.97 6.89 42.97
N VAL A 557 -24.36 6.73 44.22
CA VAL A 557 -25.70 7.09 44.66
C VAL A 557 -25.71 8.23 45.68
N LEU A 558 -26.61 9.18 45.47
CA LEU A 558 -26.81 10.29 46.40
C LEU A 558 -28.27 10.42 46.83
N GLY A 559 -28.46 10.73 48.12
CA GLY A 559 -29.79 10.98 48.66
C GLY A 559 -30.09 12.47 48.68
N PHE A 560 -31.36 12.80 48.46
CA PHE A 560 -31.82 14.20 48.41
C PHE A 560 -33.07 14.41 49.26
N CYS A 561 -33.10 15.53 49.98
CA CYS A 561 -34.23 15.90 50.83
C CYS A 561 -34.27 17.41 51.07
N HIS A 562 -35.46 17.93 51.37
CA HIS A 562 -35.60 19.33 51.75
C HIS A 562 -36.60 19.55 52.89
N PHE A 563 -36.75 20.80 53.32
CA PHE A 563 -37.67 21.17 54.39
C PHE A 563 -38.10 22.63 54.24
N ALA A 564 -39.40 22.83 54.03
CA ALA A 564 -39.99 24.16 54.03
C ALA A 564 -40.05 24.63 55.49
N LEU A 565 -39.06 25.43 55.88
CA LEU A 565 -38.88 25.82 57.28
C LEU A 565 -40.10 26.52 57.90
N PRO A 566 -40.41 26.22 59.18
CA PRO A 566 -41.49 26.89 59.90
C PRO A 566 -41.19 28.38 60.11
N GLU A 567 -41.87 29.23 59.35
CA GLU A 567 -41.66 30.68 59.35
C GLU A 567 -41.68 31.32 60.74
N ASP A 568 -42.43 30.72 61.65
CA ASP A 568 -42.60 31.23 63.01
C ASP A 568 -41.27 31.37 63.73
N LYS A 569 -40.50 30.27 63.72
CA LYS A 569 -39.21 30.21 64.39
C LYS A 569 -38.12 30.87 63.57
N TYR A 570 -38.48 31.33 62.36
CA TYR A 570 -37.52 31.89 61.41
C TYR A 570 -38.06 33.12 60.68
N ASN A 571 -37.88 34.29 61.29
CA ASN A 571 -38.24 35.59 60.73
C ASN A 571 -37.79 35.81 59.28
N GLU A 572 -38.21 36.93 58.69
CA GLU A 572 -37.75 37.36 57.38
C GLU A 572 -36.24 37.65 57.41
N GLY A 573 -35.77 38.21 58.53
CA GLY A 573 -34.36 38.50 58.73
C GLY A 573 -33.68 37.63 59.77
N TYR A 574 -34.26 36.45 59.99
CA TYR A 574 -33.75 35.48 60.96
C TYR A 574 -32.31 35.04 60.65
N PRO A 575 -31.45 34.99 61.68
CA PRO A 575 -30.05 34.58 61.50
C PRO A 575 -29.86 33.06 61.59
N PHE A 576 -28.99 32.52 60.75
CA PHE A 576 -28.68 31.09 60.82
C PHE A 576 -27.23 30.84 61.20
N ASP A 577 -26.98 29.65 61.75
CA ASP A 577 -25.65 29.30 62.24
C ASP A 577 -25.16 27.99 61.62
N ALA A 578 -24.28 28.12 60.63
CA ALA A 578 -23.66 26.97 59.97
C ALA A 578 -22.51 26.38 60.80
N ASP A 579 -22.26 26.98 61.96
CA ASP A 579 -21.25 26.49 62.90
C ASP A 579 -21.85 25.56 63.94
N GLU A 580 -23.02 25.96 64.47
CA GLU A 580 -23.78 25.13 65.41
C GLU A 580 -25.25 25.17 64.99
N PRO A 581 -25.84 23.99 64.71
CA PRO A 581 -27.20 23.87 64.19
C PRO A 581 -28.19 24.83 64.86
N ASN A 582 -28.25 26.05 64.32
CA ASN A 582 -29.21 27.06 64.77
C ASN A 582 -30.57 26.75 64.15
N PHE A 583 -30.71 25.52 63.66
CA PHE A 583 -31.85 25.10 62.86
C PHE A 583 -31.94 23.57 62.75
N PRO A 584 -33.12 23.05 62.36
CA PRO A 584 -33.35 21.60 62.34
C PRO A 584 -32.58 20.92 61.22
N THR A 585 -32.01 19.76 61.55
CA THR A 585 -31.30 18.94 60.58
C THR A 585 -31.84 17.51 60.64
N THR A 586 -32.96 17.35 61.35
CA THR A 586 -33.62 16.06 61.49
C THR A 586 -35.10 16.18 61.14
N ASP A 587 -35.72 15.06 60.76
CA ASP A 587 -37.12 14.98 60.38
C ASP A 587 -37.47 15.86 59.19
N LEU A 588 -36.84 15.56 58.05
CA LEU A 588 -37.01 16.37 56.85
C LEU A 588 -37.72 15.55 55.79
N CYS A 589 -38.17 16.21 54.73
CA CYS A 589 -38.88 15.53 53.66
C CYS A 589 -37.89 14.96 52.63
N PHE A 590 -37.78 13.63 52.60
CA PHE A 590 -36.99 12.94 51.58
C PHE A 590 -37.68 13.09 50.24
N VAL A 591 -36.90 13.41 49.21
CA VAL A 591 -37.47 13.72 47.91
C VAL A 591 -37.09 12.68 46.85
N GLY A 592 -35.83 12.27 46.83
CA GLY A 592 -35.39 11.31 45.83
C GLY A 592 -33.94 10.85 45.87
N LEU A 593 -33.61 9.99 44.92
CA LEU A 593 -32.25 9.50 44.73
C LEU A 593 -31.77 9.85 43.34
N MET A 594 -30.46 10.09 43.22
CA MET A 594 -29.82 10.26 41.92
C MET A 594 -28.53 9.45 41.88
N ALA A 595 -28.34 8.75 40.77
CA ALA A 595 -27.19 7.86 40.60
C ALA A 595 -26.45 8.27 39.35
N MET A 596 -25.14 8.31 39.46
CA MET A 596 -24.33 8.77 38.35
C MET A 596 -23.20 7.80 38.05
N ILE A 597 -22.72 7.86 36.81
CA ILE A 597 -21.63 7.01 36.36
C ILE A 597 -20.89 7.65 35.18
N ASP A 598 -19.62 7.30 35.02
CA ASP A 598 -18.90 7.64 33.82
C ASP A 598 -19.40 6.73 32.70
N PRO A 599 -20.35 7.23 31.88
CA PRO A 599 -21.13 6.37 30.98
C PRO A 599 -20.43 6.10 29.65
N PRO A 600 -20.86 5.05 28.92
CA PRO A 600 -20.26 4.71 27.63
C PRO A 600 -20.48 5.80 26.60
N ARG A 601 -19.53 5.92 25.66
CA ARG A 601 -19.75 6.74 24.48
C ARG A 601 -20.92 6.16 23.70
N ALA A 602 -21.65 7.00 22.98
CA ALA A 602 -22.92 6.61 22.34
C ALA A 602 -22.83 5.36 21.45
N ALA A 603 -21.90 5.36 20.51
CA ALA A 603 -21.78 4.28 19.55
C ALA A 603 -20.91 3.14 20.03
N VAL A 604 -20.41 3.21 21.27
CA VAL A 604 -19.52 2.16 21.77
C VAL A 604 -20.22 0.81 21.90
N PRO A 605 -21.36 0.74 22.63
CA PRO A 605 -22.05 -0.56 22.71
C PRO A 605 -22.25 -1.22 21.34
N ASP A 606 -22.75 -0.45 20.36
CA ASP A 606 -22.94 -0.95 19.01
C ASP A 606 -21.62 -1.33 18.33
N ALA A 607 -20.62 -0.46 18.45
CA ALA A 607 -19.26 -0.73 17.93
C ALA A 607 -18.71 -2.07 18.43
N VAL A 608 -18.91 -2.31 19.72
CA VAL A 608 -18.54 -3.57 20.34
C VAL A 608 -19.33 -4.73 19.71
N GLY A 609 -20.65 -4.54 19.57
CA GLY A 609 -21.51 -5.52 18.93
C GLY A 609 -21.04 -5.91 17.54
N LYS A 610 -20.70 -4.90 16.74
CA LYS A 610 -20.24 -5.11 15.38
C LYS A 610 -18.94 -5.91 15.30
N CYS A 611 -18.00 -5.60 16.20
CA CYS A 611 -16.74 -6.32 16.25
C CYS A 611 -16.96 -7.81 16.59
N ARG A 612 -17.87 -8.07 17.53
CA ARG A 612 -18.17 -9.43 17.95
C ARG A 612 -18.82 -10.27 16.85
N SER A 613 -19.63 -9.61 15.99
CA SER A 613 -20.20 -10.27 14.82
C SER A 613 -19.12 -10.56 13.79
N ALA A 614 -18.10 -9.72 13.76
CA ALA A 614 -16.95 -9.93 12.89
C ALA A 614 -16.06 -11.03 13.45
N GLY A 615 -16.52 -11.71 14.51
CA GLY A 615 -15.79 -12.80 15.12
C GLY A 615 -14.55 -12.33 15.86
N ILE A 616 -14.59 -11.09 16.35
CA ILE A 616 -13.49 -10.51 17.09
C ILE A 616 -13.79 -10.55 18.58
N LYS A 617 -12.80 -10.97 19.35
CA LYS A 617 -12.89 -11.05 20.80
C LYS A 617 -12.55 -9.69 21.40
N VAL A 618 -13.45 -9.17 22.23
CA VAL A 618 -13.24 -7.88 22.88
C VAL A 618 -12.96 -8.10 24.37
N ILE A 619 -11.77 -7.68 24.81
CA ILE A 619 -11.39 -7.80 26.22
C ILE A 619 -11.21 -6.40 26.80
N MET A 620 -11.91 -6.11 27.89
CA MET A 620 -11.70 -4.87 28.61
C MET A 620 -10.41 -5.00 29.38
N VAL A 621 -9.61 -3.95 29.43
CA VAL A 621 -8.42 -3.95 30.26
C VAL A 621 -8.30 -2.61 30.94
N THR A 622 -8.65 -2.56 32.22
CA THR A 622 -8.81 -1.28 32.88
C THR A 622 -8.05 -1.16 34.21
N GLY A 623 -7.59 0.04 34.51
CA GLY A 623 -6.96 0.32 35.78
C GLY A 623 -8.03 0.62 36.83
N ASP A 624 -9.28 0.74 36.38
CA ASP A 624 -10.38 1.08 37.27
C ASP A 624 -10.78 -0.08 38.19
N HIS A 625 -11.63 0.23 39.18
CA HIS A 625 -12.14 -0.76 40.11
C HIS A 625 -13.16 -1.71 39.47
N PRO A 626 -13.16 -3.00 39.89
CA PRO A 626 -13.91 -4.12 39.33
C PRO A 626 -15.41 -3.94 39.28
N ILE A 627 -16.02 -3.39 40.33
CA ILE A 627 -17.46 -3.14 40.29
C ILE A 627 -17.75 -2.32 39.04
N THR A 628 -17.04 -1.20 38.90
CA THR A 628 -17.28 -0.25 37.82
C THR A 628 -16.94 -0.86 36.46
N ALA A 629 -15.75 -1.47 36.36
CA ALA A 629 -15.38 -2.21 35.17
C ALA A 629 -16.53 -3.12 34.69
N LYS A 630 -16.96 -4.04 35.56
CA LYS A 630 -17.92 -5.07 35.18
C LYS A 630 -19.22 -4.47 34.68
N ALA A 631 -19.58 -3.32 35.22
CA ALA A 631 -20.88 -2.72 34.98
C ALA A 631 -20.94 -2.22 33.55
N ILE A 632 -19.85 -1.59 33.14
CA ILE A 632 -19.66 -1.05 31.80
C ILE A 632 -19.49 -2.22 30.81
N ALA A 633 -18.78 -3.26 31.25
CA ALA A 633 -18.64 -4.50 30.48
C ALA A 633 -19.99 -4.95 29.99
N LYS A 634 -20.93 -5.09 30.91
CA LYS A 634 -22.31 -5.45 30.59
C LYS A 634 -22.95 -4.39 29.70
N GLY A 635 -22.69 -3.12 30.00
CA GLY A 635 -23.30 -1.99 29.31
C GLY A 635 -22.92 -1.81 27.85
N VAL A 636 -21.70 -2.18 27.51
CA VAL A 636 -21.24 -2.08 26.13
C VAL A 636 -21.24 -3.42 25.40
N GLY A 637 -21.64 -4.46 26.11
CA GLY A 637 -21.76 -5.79 25.52
C GLY A 637 -20.52 -6.67 25.58
N ILE A 638 -19.41 -6.19 26.14
CA ILE A 638 -18.26 -7.06 26.38
C ILE A 638 -18.68 -8.31 27.16
N ILE A 639 -19.55 -8.13 28.15
CA ILE A 639 -20.23 -9.24 28.82
C ILE A 639 -21.70 -9.22 28.38
N SER A 640 -22.18 -10.35 27.86
CA SER A 640 -23.53 -10.41 27.33
C SER A 640 -24.53 -10.94 28.37
N GLU A 641 -25.81 -10.61 28.18
CA GLU A 641 -26.84 -10.97 29.15
C GLU A 641 -26.87 -12.47 29.40
N GLY A 642 -26.93 -12.83 30.68
CA GLY A 642 -26.94 -14.24 31.06
C GLY A 642 -25.59 -14.81 31.41
N ASN A 643 -24.52 -14.27 30.82
CA ASN A 643 -23.17 -14.77 31.11
C ASN A 643 -22.76 -14.53 32.54
N GLU A 644 -21.85 -15.36 33.04
CA GLU A 644 -21.53 -15.36 34.46
C GLU A 644 -20.09 -15.61 34.78
N THR A 645 -19.65 -14.97 35.86
CA THR A 645 -18.39 -15.25 36.48
C THR A 645 -18.66 -16.29 37.55
N ILE A 646 -17.63 -17.04 37.95
CA ILE A 646 -17.75 -18.02 39.03
C ILE A 646 -18.44 -17.42 40.26
N GLU A 647 -18.07 -16.18 40.56
CA GLU A 647 -18.59 -15.46 41.73
C GLU A 647 -20.09 -15.21 41.60
N ASP A 648 -20.56 -14.89 40.40
CA ASP A 648 -21.99 -14.76 40.13
C ASP A 648 -22.74 -16.04 40.48
N ILE A 649 -22.24 -17.15 39.94
CA ILE A 649 -22.81 -18.47 40.19
C ILE A 649 -22.85 -18.74 41.69
N ALA A 650 -21.69 -18.74 42.35
CA ALA A 650 -21.61 -18.99 43.79
C ALA A 650 -22.61 -18.14 44.60
N ALA A 651 -22.79 -16.88 44.21
CA ALA A 651 -23.76 -15.99 44.87
C ALA A 651 -25.20 -16.43 44.61
N ARG A 652 -25.52 -16.70 43.34
CA ARG A 652 -26.83 -17.20 42.95
C ARG A 652 -27.15 -18.50 43.66
N LEU A 653 -26.22 -19.43 43.58
CA LEU A 653 -26.39 -20.75 44.16
C LEU A 653 -26.18 -20.75 45.67
N ASN A 654 -25.64 -19.66 46.21
CA ASN A 654 -25.33 -19.57 47.64
C ASN A 654 -24.39 -20.69 48.09
N ILE A 655 -23.44 -21.03 47.22
CA ILE A 655 -22.40 -21.98 47.55
C ILE A 655 -21.06 -21.24 47.59
N PRO A 656 -20.01 -21.91 48.08
CA PRO A 656 -18.67 -21.34 48.02
C PRO A 656 -18.16 -21.33 46.59
N ILE A 657 -17.13 -20.53 46.33
CA ILE A 657 -16.58 -20.44 44.99
C ILE A 657 -15.69 -21.65 44.72
N GLY A 658 -15.13 -22.22 45.78
CA GLY A 658 -14.34 -23.44 45.67
C GLY A 658 -15.17 -24.59 45.13
N GLN A 659 -16.49 -24.48 45.29
CA GLN A 659 -17.41 -25.54 44.90
C GLN A 659 -18.07 -25.29 43.53
N VAL A 660 -17.81 -24.13 42.94
CA VAL A 660 -18.28 -23.84 41.59
C VAL A 660 -17.30 -24.41 40.58
N ASN A 661 -17.84 -25.08 39.56
CA ASN A 661 -17.05 -25.55 38.42
C ASN A 661 -16.72 -24.37 37.50
N PRO A 662 -15.42 -24.02 37.40
CA PRO A 662 -14.95 -22.87 36.65
C PRO A 662 -15.41 -22.82 35.20
N ARG A 663 -15.68 -23.99 34.61
CA ARG A 663 -16.04 -24.06 33.20
C ARG A 663 -17.48 -23.68 32.95
N ASP A 664 -18.26 -23.57 34.02
CA ASP A 664 -19.64 -23.12 33.90
C ASP A 664 -19.67 -21.63 33.70
N ALA A 665 -18.54 -20.99 34.02
CA ALA A 665 -18.42 -19.54 33.91
C ALA A 665 -17.72 -19.18 32.60
N LYS A 666 -18.48 -18.55 31.69
CA LYS A 666 -17.89 -18.10 30.43
C LYS A 666 -17.26 -16.71 30.58
N ALA A 667 -17.84 -15.90 31.45
CA ALA A 667 -17.29 -14.58 31.75
C ALA A 667 -16.32 -14.66 32.91
N CYS A 668 -15.31 -13.79 32.89
CA CYS A 668 -14.54 -13.56 34.10
C CYS A 668 -14.20 -12.09 34.30
N VAL A 669 -13.75 -11.78 35.50
CA VAL A 669 -13.37 -10.44 35.92
C VAL A 669 -12.20 -10.63 36.86
N VAL A 670 -10.99 -10.29 36.42
CA VAL A 670 -9.76 -10.56 37.17
C VAL A 670 -9.15 -9.28 37.73
N HIS A 671 -9.06 -9.17 39.04
CA HIS A 671 -8.39 -8.02 39.67
C HIS A 671 -6.86 -8.07 39.47
N GLY A 672 -6.25 -6.91 39.24
CA GLY A 672 -4.81 -6.80 39.05
C GLY A 672 -4.01 -7.41 40.19
N SER A 673 -4.54 -7.27 41.41
CA SER A 673 -3.91 -7.79 42.60
C SER A 673 -3.86 -9.32 42.55
N ASP A 674 -4.85 -9.92 41.87
CA ASP A 674 -4.85 -11.37 41.65
C ASP A 674 -3.96 -11.74 40.45
N LEU A 675 -4.08 -10.98 39.37
CA LEU A 675 -3.28 -11.16 38.16
C LEU A 675 -1.79 -11.20 38.52
N LYS A 676 -1.41 -10.36 39.47
CA LYS A 676 -0.02 -10.24 39.90
C LYS A 676 0.55 -11.59 40.32
N ASP A 677 -0.28 -12.39 41.00
CA ASP A 677 0.17 -13.67 41.54
C ASP A 677 0.19 -14.81 40.54
N LEU A 678 -0.22 -14.54 39.30
CA LEU A 678 -0.39 -15.61 38.31
C LEU A 678 0.78 -15.75 37.36
N SER A 679 1.10 -17.00 37.04
CA SER A 679 2.09 -17.31 36.03
C SER A 679 1.47 -17.09 34.65
N THR A 680 2.32 -16.83 33.66
CA THR A 680 1.89 -16.56 32.29
C THR A 680 1.01 -17.67 31.71
N GLU A 681 1.32 -18.91 32.09
CA GLU A 681 0.57 -20.10 31.73
C GLU A 681 -0.84 -20.03 32.32
N VAL A 682 -0.94 -19.53 33.56
CA VAL A 682 -2.22 -19.35 34.22
C VAL A 682 -3.06 -18.27 33.51
N LEU A 683 -2.41 -17.23 33.00
CA LEU A 683 -3.07 -16.20 32.19
C LEU A 683 -3.54 -16.81 30.87
N ASP A 684 -2.64 -17.54 30.21
CA ASP A 684 -2.95 -18.24 28.98
C ASP A 684 -4.24 -19.05 29.11
N ASP A 685 -4.36 -19.82 30.18
CA ASP A 685 -5.57 -20.60 30.42
C ASP A 685 -6.79 -19.71 30.61
N ILE A 686 -6.69 -18.68 31.45
CA ILE A 686 -7.80 -17.73 31.62
C ILE A 686 -8.26 -17.24 30.26
N LEU A 687 -7.27 -16.88 29.43
CA LEU A 687 -7.47 -16.49 28.05
C LEU A 687 -8.13 -17.59 27.20
N HIS A 688 -7.56 -18.80 27.20
CA HIS A 688 -8.16 -19.97 26.54
C HIS A 688 -9.60 -20.17 27.00
N TYR A 689 -9.84 -20.12 28.30
CA TYR A 689 -11.07 -20.65 28.88
C TYR A 689 -12.26 -19.71 29.02
N HIS A 690 -12.10 -18.45 28.61
CA HIS A 690 -13.20 -17.48 28.70
C HIS A 690 -13.50 -16.71 27.41
N THR A 691 -14.77 -16.40 27.19
CA THR A 691 -15.17 -15.65 26.00
C THR A 691 -15.38 -14.18 26.31
N GLU A 692 -15.65 -13.86 27.57
CA GLU A 692 -15.96 -12.48 27.96
C GLU A 692 -15.11 -12.03 29.15
N ILE A 693 -13.97 -11.44 28.85
CA ILE A 693 -12.95 -11.19 29.85
C ILE A 693 -12.84 -9.72 30.27
N VAL A 694 -12.78 -9.49 31.58
CA VAL A 694 -12.50 -8.17 32.13
C VAL A 694 -11.31 -8.22 33.09
N PHE A 695 -10.20 -7.62 32.69
CA PHE A 695 -9.12 -7.43 33.63
C PHE A 695 -9.25 -6.02 34.21
N ALA A 696 -9.51 -5.93 35.50
CA ALA A 696 -9.67 -4.64 36.18
C ALA A 696 -8.54 -4.36 37.16
N ARG A 697 -8.36 -3.10 37.49
CA ARG A 697 -7.33 -2.65 38.43
C ARG A 697 -5.94 -3.12 38.00
N THR A 698 -5.76 -3.18 36.68
CA THR A 698 -4.52 -3.58 36.06
C THR A 698 -3.54 -2.41 36.02
N SER A 699 -2.27 -2.70 36.25
CA SER A 699 -1.20 -1.73 36.05
C SER A 699 -0.82 -1.69 34.56
N PRO A 700 0.02 -0.70 34.16
CA PRO A 700 0.45 -0.61 32.76
C PRO A 700 1.17 -1.87 32.29
N GLN A 701 2.04 -2.42 33.12
CA GLN A 701 2.78 -3.64 32.80
C GLN A 701 1.82 -4.80 32.63
N GLN A 702 0.71 -4.76 33.36
CA GLN A 702 -0.25 -5.85 33.30
C GLN A 702 -1.04 -5.84 32.00
N LYS A 703 -1.40 -4.64 31.52
CA LYS A 703 -2.05 -4.48 30.22
C LYS A 703 -1.15 -5.04 29.12
N LEU A 704 0.15 -4.77 29.25
CA LEU A 704 1.15 -5.33 28.35
C LEU A 704 1.15 -6.87 28.38
N ILE A 705 1.12 -7.44 29.59
CA ILE A 705 1.18 -8.89 29.76
C ILE A 705 0.01 -9.57 29.07
N ILE A 706 -1.18 -9.03 29.32
CA ILE A 706 -2.39 -9.54 28.71
C ILE A 706 -2.20 -9.60 27.20
N VAL A 707 -1.71 -8.49 26.65
CA VAL A 707 -1.53 -8.39 25.21
C VAL A 707 -0.58 -9.48 24.74
N GLU A 708 0.57 -9.58 25.39
CA GLU A 708 1.57 -10.60 25.15
C GLU A 708 0.97 -11.99 25.27
N GLY A 709 0.21 -12.20 26.35
CA GLY A 709 -0.60 -13.41 26.54
C GLY A 709 -1.48 -13.71 25.33
N CYS A 710 -2.22 -12.70 24.87
CA CYS A 710 -3.07 -12.81 23.69
C CYS A 710 -2.29 -13.17 22.43
N GLN A 711 -1.14 -12.54 22.24
CA GLN A 711 -0.33 -12.78 21.06
C GLN A 711 0.26 -14.18 21.09
N ARG A 712 0.72 -14.59 22.28
CA ARG A 712 1.25 -15.94 22.52
C ARG A 712 0.34 -17.02 21.91
N GLN A 713 -0.97 -16.76 21.91
CA GLN A 713 -1.97 -17.65 21.36
C GLN A 713 -1.97 -17.65 19.84
N GLY A 714 -1.43 -16.59 19.24
CA GLY A 714 -1.37 -16.46 17.80
C GLY A 714 -2.14 -15.27 17.23
N ALA A 715 -3.03 -14.69 18.04
CA ALA A 715 -3.93 -13.64 17.58
C ALA A 715 -3.25 -12.35 17.14
N ILE A 716 -3.91 -11.63 16.23
CA ILE A 716 -3.56 -10.24 15.93
C ILE A 716 -4.40 -9.35 16.85
N VAL A 717 -3.73 -8.55 17.67
CA VAL A 717 -4.43 -7.74 18.67
C VAL A 717 -4.33 -6.22 18.49
N ALA A 718 -5.51 -5.60 18.52
CA ALA A 718 -5.62 -4.17 18.53
C ALA A 718 -5.83 -3.71 19.97
N VAL A 719 -4.92 -2.88 20.46
CA VAL A 719 -5.14 -2.17 21.70
C VAL A 719 -5.78 -0.84 21.35
N THR A 720 -6.88 -0.53 22.00
CA THR A 720 -7.46 0.80 21.93
C THR A 720 -7.40 1.41 23.33
N GLY A 721 -6.84 2.61 23.44
CA GLY A 721 -6.68 3.29 24.73
C GLY A 721 -6.47 4.78 24.57
N ASP A 722 -6.31 5.49 25.68
CA ASP A 722 -6.20 6.98 25.65
C ASP A 722 -5.32 7.60 26.75
N GLY A 723 -4.62 6.78 27.53
CA GLY A 723 -3.87 7.29 28.65
C GLY A 723 -2.42 6.86 28.64
N VAL A 724 -1.62 7.45 29.52
CA VAL A 724 -0.20 7.12 29.57
C VAL A 724 0.03 5.72 30.15
N ASN A 725 -1.01 5.17 30.77
CA ASN A 725 -0.95 3.81 31.31
C ASN A 725 -1.27 2.74 30.25
N ASP A 726 -1.72 3.19 29.08
CA ASP A 726 -1.96 2.29 27.96
C ASP A 726 -0.73 2.20 27.07
N SER A 727 0.27 3.04 27.35
CA SER A 727 1.40 3.16 26.42
C SER A 727 2.06 1.79 26.15
N PRO A 728 2.57 1.09 27.18
CA PRO A 728 3.20 -0.20 26.84
C PRO A 728 2.30 -1.13 26.01
N ALA A 729 1.01 -1.15 26.30
CA ALA A 729 0.06 -2.01 25.58
C ALA A 729 -0.13 -1.55 24.13
N LEU A 730 -0.38 -0.26 23.93
CA LEU A 730 -0.54 0.29 22.58
C LEU A 730 0.70 -0.04 21.77
N LYS A 731 1.86 0.17 22.39
CA LYS A 731 3.14 0.00 21.75
C LYS A 731 3.48 -1.47 21.51
N LYS A 732 2.70 -2.37 22.09
CA LYS A 732 2.94 -3.79 21.90
C LYS A 732 1.90 -4.42 20.96
N ALA A 733 0.71 -3.83 20.94
CA ALA A 733 -0.35 -4.31 20.05
C ALA A 733 0.18 -4.43 18.64
N ASP A 734 -0.40 -5.32 17.85
CA ASP A 734 -0.12 -5.33 16.42
C ASP A 734 -0.51 -3.97 15.83
N ILE A 735 -1.62 -3.41 16.33
CA ILE A 735 -2.01 -2.04 16.02
C ILE A 735 -2.54 -1.32 17.26
N GLY A 736 -1.88 -0.22 17.62
CA GLY A 736 -2.36 0.64 18.70
C GLY A 736 -3.23 1.75 18.16
N VAL A 737 -4.44 1.87 18.69
CA VAL A 737 -5.33 2.97 18.33
C VAL A 737 -5.47 3.88 19.53
N ALA A 738 -5.32 5.19 19.33
CA ALA A 738 -5.46 6.15 20.42
C ALA A 738 -6.57 7.15 20.20
N MET A 739 -7.09 7.72 21.28
CA MET A 739 -8.16 8.70 21.18
C MET A 739 -7.55 10.06 20.92
N GLY A 740 -8.12 10.78 19.95
CA GLY A 740 -7.56 12.05 19.50
C GLY A 740 -7.69 13.18 20.50
N ILE A 741 -8.92 13.43 20.94
CA ILE A 741 -9.22 14.55 21.81
C ILE A 741 -8.69 14.31 23.22
N SER A 742 -9.30 13.36 23.92
CA SER A 742 -8.99 13.10 25.32
C SER A 742 -7.62 12.45 25.50
N GLY A 743 -7.17 11.71 24.49
CA GLY A 743 -5.88 11.02 24.53
C GLY A 743 -4.77 11.87 25.11
N SER A 744 -4.05 11.31 26.07
CA SER A 744 -2.79 11.89 26.51
C SER A 744 -1.85 11.89 25.31
N ASP A 745 -0.80 12.70 25.40
CA ASP A 745 0.16 12.79 24.31
C ASP A 745 0.95 11.49 24.17
N VAL A 746 1.14 10.80 25.29
CA VAL A 746 1.90 9.54 25.33
C VAL A 746 1.17 8.43 24.58
N SER A 747 -0.12 8.26 24.87
CA SER A 747 -0.93 7.32 24.12
C SER A 747 -0.83 7.64 22.62
N LYS A 748 -1.00 8.90 22.27
CA LYS A 748 -0.90 9.36 20.88
C LYS A 748 0.45 9.02 20.22
N GLN A 749 1.54 9.21 20.96
CA GLN A 749 2.86 8.85 20.44
C GLN A 749 2.99 7.34 20.24
N ALA A 750 2.44 6.57 21.18
CA ALA A 750 2.57 5.13 21.18
C ALA A 750 1.69 4.42 20.15
N ALA A 751 0.70 5.11 19.63
CA ALA A 751 -0.29 4.50 18.75
C ALA A 751 0.17 4.42 17.29
N ASP A 752 -0.55 3.65 16.49
CA ASP A 752 -0.35 3.60 15.04
C ASP A 752 -1.46 4.39 14.35
N MET A 753 -2.59 4.54 15.05
CA MET A 753 -3.72 5.27 14.52
C MET A 753 -4.31 6.21 15.56
N ILE A 754 -4.78 7.37 15.11
CA ILE A 754 -5.50 8.29 15.99
C ILE A 754 -6.95 8.42 15.56
N LEU A 755 -7.87 8.18 16.49
CA LEU A 755 -9.27 8.53 16.26
C LEU A 755 -9.45 10.00 16.61
N LEU A 756 -9.34 10.86 15.61
CA LEU A 756 -9.34 12.31 15.80
C LEU A 756 -10.60 12.85 16.47
N ASP A 757 -11.74 12.18 16.26
CA ASP A 757 -12.99 12.65 16.86
C ASP A 757 -13.43 11.86 18.09
N ASP A 758 -12.58 10.94 18.55
CA ASP A 758 -12.91 10.05 19.67
C ASP A 758 -14.12 9.16 19.37
N ASN A 759 -14.44 9.04 18.07
CA ASN A 759 -15.50 8.18 17.60
C ASN A 759 -15.03 6.73 17.51
N PHE A 760 -15.40 5.95 18.52
CA PHE A 760 -15.06 4.52 18.60
C PHE A 760 -15.63 3.69 17.44
N ALA A 761 -16.79 4.10 16.92
CA ALA A 761 -17.39 3.42 15.75
C ALA A 761 -16.43 3.39 14.57
N SER A 762 -15.44 4.28 14.59
CA SER A 762 -14.40 4.30 13.58
C SER A 762 -13.61 2.98 13.54
N ILE A 763 -13.39 2.39 14.72
CA ILE A 763 -12.75 1.09 14.84
C ILE A 763 -13.37 0.06 13.89
N VAL A 764 -14.70 -0.02 13.88
CA VAL A 764 -15.45 -0.93 13.00
C VAL A 764 -15.11 -0.64 11.54
N THR A 765 -15.18 0.63 11.16
CA THR A 765 -14.81 1.13 9.84
C THR A 765 -13.39 0.70 9.47
N GLY A 766 -12.47 0.89 10.39
CA GLY A 766 -11.06 0.52 10.22
C GLY A 766 -10.90 -0.94 9.88
N VAL A 767 -11.55 -1.81 10.66
CA VAL A 767 -11.50 -3.24 10.37
C VAL A 767 -12.07 -3.55 8.99
N GLU A 768 -13.21 -2.93 8.67
CA GLU A 768 -13.86 -3.10 7.37
C GLU A 768 -12.98 -2.67 6.18
N GLU A 769 -12.26 -1.56 6.36
CA GLU A 769 -11.30 -1.09 5.38
C GLU A 769 -10.16 -2.06 5.23
N GLY A 770 -9.60 -2.49 6.36
CA GLY A 770 -8.46 -3.41 6.38
C GLY A 770 -8.80 -4.74 5.73
N ARG A 771 -10.08 -5.10 5.80
CA ARG A 771 -10.56 -6.33 5.17
C ARG A 771 -10.72 -6.10 3.68
N LEU A 772 -11.41 -5.02 3.32
CA LEU A 772 -11.60 -4.63 1.94
C LEU A 772 -10.28 -4.57 1.17
N ILE A 773 -9.32 -3.80 1.66
CA ILE A 773 -8.07 -3.61 0.94
C ILE A 773 -7.19 -4.86 0.84
N PHE A 774 -7.22 -5.71 1.85
CA PHE A 774 -6.49 -6.98 1.79
C PHE A 774 -6.93 -7.73 0.54
N ASP A 775 -8.24 -7.86 0.38
CA ASP A 775 -8.83 -8.45 -0.82
C ASP A 775 -8.40 -7.71 -2.06
N ASN A 776 -8.77 -6.43 -2.14
CA ASN A 776 -8.49 -5.64 -3.33
C ASN A 776 -7.02 -5.55 -3.68
N LEU A 777 -6.14 -5.91 -2.74
CA LEU A 777 -4.72 -6.00 -3.05
C LEU A 777 -4.41 -7.24 -3.87
N LYS A 778 -4.99 -8.38 -3.45
CA LYS A 778 -4.89 -9.63 -4.21
C LYS A 778 -5.23 -9.37 -5.67
N LYS A 779 -6.36 -8.71 -5.89
CA LYS A 779 -6.84 -8.38 -7.24
C LYS A 779 -5.76 -7.64 -8.03
N SER A 780 -5.10 -6.69 -7.37
CA SER A 780 -4.05 -5.90 -7.99
C SER A 780 -2.75 -6.68 -8.23
N ILE A 781 -2.50 -7.69 -7.38
CA ILE A 781 -1.37 -8.58 -7.57
C ILE A 781 -1.69 -9.45 -8.79
N ALA A 782 -2.86 -10.08 -8.76
CA ALA A 782 -3.35 -10.88 -9.88
C ALA A 782 -3.24 -10.12 -11.19
N TYR A 783 -3.83 -8.92 -11.24
CA TYR A 783 -3.78 -8.08 -12.44
C TYR A 783 -2.36 -7.81 -12.93
N THR A 784 -1.47 -7.41 -12.02
CA THR A 784 -0.08 -7.11 -12.39
C THR A 784 0.67 -8.35 -12.87
N LEU A 785 0.57 -9.43 -12.11
CA LEU A 785 1.34 -10.63 -12.41
C LEU A 785 0.95 -11.27 -13.74
N THR A 786 -0.32 -11.14 -14.09
CA THR A 786 -0.82 -11.77 -15.31
C THR A 786 0.01 -11.32 -16.52
N SER A 787 0.27 -10.02 -16.63
CA SER A 787 1.03 -9.49 -17.76
C SER A 787 2.50 -9.94 -17.76
N ASN A 788 2.97 -10.47 -16.64
CA ASN A 788 4.28 -11.11 -16.59
C ASN A 788 4.42 -12.12 -17.73
N ILE A 789 3.47 -13.05 -17.81
CA ILE A 789 3.51 -14.13 -18.81
C ILE A 789 3.67 -13.65 -20.27
N PRO A 790 2.78 -12.76 -20.75
CA PRO A 790 2.99 -12.30 -22.13
C PRO A 790 4.29 -11.54 -22.34
N GLU A 791 4.97 -11.19 -21.26
CA GLU A 791 6.26 -10.48 -21.36
C GLU A 791 7.45 -11.46 -21.38
N ILE A 792 7.25 -12.65 -20.81
CA ILE A 792 8.32 -13.64 -20.70
C ILE A 792 8.38 -14.53 -21.94
N THR A 793 7.26 -15.19 -22.21
CA THR A 793 7.11 -16.09 -23.35
C THR A 793 7.84 -15.61 -24.62
N PRO A 794 7.69 -14.31 -24.99
CA PRO A 794 8.39 -13.85 -26.20
C PRO A 794 9.89 -14.13 -26.24
N PHE A 795 10.61 -13.84 -25.16
CA PHE A 795 12.06 -14.09 -25.14
C PHE A 795 12.38 -15.58 -25.17
N LEU A 796 11.56 -16.39 -24.49
CA LEU A 796 11.76 -17.84 -24.50
C LEU A 796 11.63 -18.37 -25.93
N VAL A 797 10.44 -18.25 -26.51
CA VAL A 797 10.17 -18.69 -27.88
C VAL A 797 11.19 -18.09 -28.87
N PHE A 798 11.69 -16.89 -28.54
CA PHE A 798 12.81 -16.29 -29.27
C PHE A 798 14.02 -17.22 -29.27
N ILE A 799 14.35 -17.79 -28.12
CA ILE A 799 15.45 -18.74 -28.00
C ILE A 799 15.07 -20.14 -28.51
N ILE A 800 13.89 -20.63 -28.12
CA ILE A 800 13.44 -21.98 -28.45
C ILE A 800 13.08 -22.16 -29.94
N GLY A 801 12.50 -21.13 -30.54
CA GLY A 801 12.04 -21.19 -31.92
C GLY A 801 12.97 -20.54 -32.94
N ASN A 802 14.00 -19.85 -32.45
CA ASN A 802 14.92 -19.10 -33.31
C ASN A 802 14.22 -18.09 -34.22
N VAL A 803 13.24 -17.40 -33.66
CA VAL A 803 12.45 -16.39 -34.38
C VAL A 803 12.93 -15.01 -33.94
N PRO A 804 12.55 -13.95 -34.68
CA PRO A 804 12.97 -12.61 -34.26
C PRO A 804 12.29 -12.19 -32.96
N LEU A 805 13.03 -11.50 -32.09
CA LEU A 805 12.55 -11.08 -30.78
C LEU A 805 11.24 -10.27 -30.86
N PRO A 806 10.14 -10.85 -30.34
CA PRO A 806 8.80 -10.28 -30.45
C PRO A 806 8.50 -9.08 -29.57
N LEU A 807 9.20 -8.95 -28.44
CA LEU A 807 9.00 -7.85 -27.52
C LEU A 807 10.32 -7.47 -26.89
N GLY A 808 10.52 -6.18 -26.61
CA GLY A 808 11.82 -5.70 -26.11
C GLY A 808 11.81 -5.16 -24.70
N THR A 809 12.99 -5.16 -24.08
CA THR A 809 13.21 -4.62 -22.74
C THR A 809 12.47 -3.30 -22.50
N VAL A 810 12.68 -2.35 -23.40
CA VAL A 810 12.05 -1.04 -23.32
C VAL A 810 10.52 -1.16 -23.32
N THR A 811 10.00 -2.02 -24.20
CA THR A 811 8.55 -2.20 -24.34
C THR A 811 7.90 -2.65 -23.04
N ILE A 812 8.59 -3.53 -22.31
CA ILE A 812 8.07 -4.09 -21.06
C ILE A 812 7.94 -3.00 -20.00
N LEU A 813 8.95 -2.13 -19.90
CA LEU A 813 8.94 -1.05 -18.92
C LEU A 813 7.79 -0.06 -19.12
N CYS A 814 7.35 0.08 -20.36
CA CYS A 814 6.23 0.96 -20.65
C CYS A 814 4.92 0.36 -20.17
N ILE A 815 4.85 -0.97 -20.14
CA ILE A 815 3.71 -1.69 -19.57
C ILE A 815 3.75 -1.57 -18.05
N ASP A 816 4.91 -1.85 -17.47
CA ASP A 816 5.04 -1.95 -16.03
C ASP A 816 5.10 -0.63 -15.28
N LEU A 817 5.81 0.33 -15.84
CA LEU A 817 5.92 1.64 -15.22
C LEU A 817 5.04 2.65 -15.96
N GLY A 818 4.25 2.15 -16.89
CA GLY A 818 3.35 3.01 -17.64
C GLY A 818 1.92 2.54 -17.60
N THR A 819 1.56 1.65 -18.52
CA THR A 819 0.17 1.34 -18.80
C THR A 819 -0.55 0.52 -17.74
N ASP A 820 0.15 -0.34 -17.03
CA ASP A 820 -0.50 -1.17 -16.03
C ASP A 820 -0.71 -0.48 -14.69
N MET A 821 -0.09 0.68 -14.52
CA MET A 821 -0.03 1.38 -13.24
C MET A 821 -1.39 1.85 -12.75
N VAL A 822 -2.01 2.77 -13.49
CA VAL A 822 -3.30 3.30 -13.06
C VAL A 822 -4.38 2.21 -12.95
N PRO A 823 -4.39 1.23 -13.88
CA PRO A 823 -5.26 0.06 -13.67
C PRO A 823 -5.01 -0.65 -12.34
N ALA A 824 -3.76 -1.09 -12.12
CA ALA A 824 -3.37 -1.74 -10.87
C ALA A 824 -3.82 -0.97 -9.62
N ILE A 825 -3.41 0.30 -9.51
CA ILE A 825 -3.81 1.19 -8.41
C ILE A 825 -5.33 1.21 -8.27
N SER A 826 -6.03 1.37 -9.40
CA SER A 826 -7.49 1.63 -9.40
C SER A 826 -8.34 0.50 -8.81
N LEU A 827 -7.73 -0.66 -8.60
CA LEU A 827 -8.42 -1.82 -8.01
C LEU A 827 -8.69 -1.65 -6.51
N ALA A 828 -8.04 -0.66 -5.91
CA ALA A 828 -8.23 -0.36 -4.49
C ALA A 828 -9.58 0.28 -4.19
N TYR A 829 -10.26 0.76 -5.24
CA TYR A 829 -11.58 1.36 -5.09
C TYR A 829 -12.68 0.35 -5.36
N GLU A 830 -12.28 -0.90 -5.51
CA GLU A 830 -13.23 -1.99 -5.58
C GLU A 830 -13.96 -2.16 -4.26
N GLN A 831 -15.17 -2.67 -4.34
CA GLN A 831 -16.01 -2.81 -3.18
C GLN A 831 -15.98 -4.24 -2.65
N ALA A 832 -16.88 -4.52 -1.72
CA ALA A 832 -17.02 -5.86 -1.21
C ALA A 832 -17.92 -6.63 -2.17
N GLU A 833 -17.60 -7.89 -2.37
CA GLU A 833 -18.41 -8.79 -3.17
C GLU A 833 -19.45 -9.48 -2.27
N SER A 834 -19.40 -9.15 -0.98
CA SER A 834 -20.33 -9.61 0.06
C SER A 834 -20.16 -8.77 1.33
N ASP A 835 -20.93 -9.09 2.36
CA ASP A 835 -20.80 -8.44 3.67
C ASP A 835 -19.56 -8.99 4.40
N ILE A 836 -18.43 -8.31 4.26
CA ILE A 836 -17.16 -8.78 4.83
C ILE A 836 -17.07 -8.63 6.35
N MET A 837 -17.98 -7.87 6.93
CA MET A 837 -18.09 -7.80 8.38
C MET A 837 -18.74 -9.06 8.91
N LYS A 838 -19.48 -9.74 8.03
CA LYS A 838 -20.18 -10.97 8.36
C LYS A 838 -19.25 -12.18 8.47
N ARG A 839 -18.04 -12.07 7.94
CA ARG A 839 -17.07 -13.18 8.02
C ARG A 839 -16.07 -13.04 9.18
N GLN A 840 -15.53 -14.18 9.61
CA GLN A 840 -14.53 -14.28 10.68
C GLN A 840 -13.22 -13.62 10.27
N PRO A 841 -12.35 -13.28 11.23
CA PRO A 841 -11.00 -12.83 10.85
C PRO A 841 -10.27 -13.93 10.08
N ARG A 842 -9.38 -13.53 9.18
CA ARG A 842 -8.56 -14.49 8.44
C ARG A 842 -7.57 -15.17 9.39
N ASN A 843 -7.31 -16.45 9.17
CA ASN A 843 -6.19 -17.09 9.82
C ASN A 843 -4.95 -16.62 9.09
N PRO A 844 -4.11 -15.82 9.77
CA PRO A 844 -2.90 -15.27 9.16
C PRO A 844 -1.88 -16.33 8.72
N LYS A 845 -1.90 -17.51 9.34
CA LYS A 845 -0.98 -18.57 8.95
C LYS A 845 -1.47 -19.30 7.70
N THR A 846 -2.78 -19.53 7.61
CA THR A 846 -3.36 -20.31 6.50
C THR A 846 -3.85 -19.47 5.29
N ASP A 847 -4.40 -18.28 5.55
CA ASP A 847 -5.01 -17.46 4.49
C ASP A 847 -4.09 -16.37 3.97
N LYS A 848 -3.17 -16.74 3.08
CA LYS A 848 -2.15 -15.82 2.61
C LYS A 848 -2.68 -14.82 1.58
N LEU A 849 -1.99 -13.68 1.48
CA LEU A 849 -2.33 -12.62 0.52
C LEU A 849 -2.04 -13.05 -0.91
N VAL A 850 -0.97 -13.82 -1.07
CA VAL A 850 -0.63 -14.41 -2.36
C VAL A 850 -0.42 -15.90 -2.17
N ASN A 851 -1.33 -16.67 -2.75
CA ASN A 851 -1.34 -18.12 -2.64
C ASN A 851 -1.08 -18.77 -3.99
N GLU A 852 -0.97 -20.09 -4.01
CA GLU A 852 -0.75 -20.83 -5.26
C GLU A 852 -1.93 -20.67 -6.23
N ARG A 853 -3.15 -20.54 -5.70
CA ARG A 853 -4.35 -20.34 -6.51
C ARG A 853 -4.30 -19.07 -7.36
N LEU A 854 -3.46 -18.13 -6.97
CA LEU A 854 -3.35 -16.88 -7.70
C LEU A 854 -2.30 -16.97 -8.80
N ILE A 855 -1.21 -17.69 -8.52
CA ILE A 855 -0.15 -17.90 -9.50
C ILE A 855 -0.63 -18.76 -10.67
N SER A 856 -1.32 -19.85 -10.37
CA SER A 856 -1.91 -20.70 -11.42
C SER A 856 -2.92 -19.96 -12.29
N MET A 857 -3.62 -18.99 -11.69
CA MET A 857 -4.59 -18.17 -12.40
C MET A 857 -3.96 -17.06 -13.26
N ALA A 858 -2.99 -16.36 -12.68
CA ALA A 858 -2.29 -15.30 -13.40
C ALA A 858 -1.35 -15.88 -14.44
N TYR A 859 -0.60 -16.91 -14.05
CA TYR A 859 0.36 -17.55 -14.94
C TYR A 859 -0.31 -18.61 -15.80
N GLY A 860 -0.50 -19.80 -15.23
CA GLY A 860 -1.03 -20.95 -15.97
C GLY A 860 -2.20 -20.70 -16.92
N GLN A 861 -3.10 -19.79 -16.57
CA GLN A 861 -4.30 -19.59 -17.37
C GLN A 861 -4.40 -18.24 -18.08
N ILE A 862 -4.67 -17.17 -17.33
CA ILE A 862 -5.00 -15.89 -17.97
C ILE A 862 -3.82 -15.31 -18.74
N GLY A 863 -2.66 -15.23 -18.09
CA GLY A 863 -1.45 -14.74 -18.74
C GLY A 863 -1.10 -15.51 -19.99
N MET A 864 -1.53 -16.77 -20.03
CA MET A 864 -1.27 -17.63 -21.17
C MET A 864 -2.13 -17.22 -22.35
N ILE A 865 -3.40 -16.91 -22.10
CA ILE A 865 -4.26 -16.39 -23.18
C ILE A 865 -3.71 -15.06 -23.66
N GLN A 866 -3.13 -14.31 -22.72
CA GLN A 866 -2.51 -13.02 -23.04
C GLN A 866 -1.30 -13.13 -23.95
N ALA A 867 -0.48 -14.17 -23.76
CA ALA A 867 0.72 -14.36 -24.58
C ALA A 867 0.37 -14.61 -26.06
N LEU A 868 -0.56 -15.52 -26.30
CA LEU A 868 -1.07 -15.81 -27.65
C LEU A 868 -1.64 -14.58 -28.36
N GLY A 869 -2.40 -13.76 -27.63
CA GLY A 869 -2.90 -12.51 -28.16
C GLY A 869 -1.77 -11.64 -28.68
N GLY A 870 -0.64 -11.69 -27.99
CA GLY A 870 0.54 -10.90 -28.34
C GLY A 870 1.26 -11.51 -29.50
N PHE A 871 1.52 -12.81 -29.40
CA PHE A 871 2.14 -13.58 -30.46
C PHE A 871 1.37 -13.50 -31.77
N PHE A 872 0.05 -13.37 -31.68
CA PHE A 872 -0.77 -13.25 -32.90
C PHE A 872 -0.45 -11.96 -33.64
N SER A 873 -0.49 -10.83 -32.93
CA SER A 873 -0.18 -9.53 -33.52
C SER A 873 1.18 -9.58 -34.20
N TYR A 874 2.13 -10.23 -33.52
CA TYR A 874 3.45 -10.53 -34.07
C TYR A 874 3.37 -11.13 -35.47
N PHE A 875 2.82 -12.34 -35.56
CA PHE A 875 2.64 -13.04 -36.83
C PHE A 875 1.87 -12.22 -37.87
N VAL A 876 0.92 -11.42 -37.43
CA VAL A 876 0.16 -10.56 -38.34
C VAL A 876 1.09 -9.54 -38.99
N ILE A 877 1.81 -8.77 -38.18
CA ILE A 877 2.69 -7.71 -38.70
C ILE A 877 3.72 -8.28 -39.68
N LEU A 878 4.43 -9.32 -39.28
CA LEU A 878 5.41 -9.94 -40.15
C LEU A 878 4.78 -10.52 -41.39
N ALA A 879 3.73 -11.32 -41.22
CA ALA A 879 3.03 -11.95 -42.34
C ALA A 879 2.53 -10.94 -43.37
N GLU A 880 2.10 -9.77 -42.91
CA GLU A 880 1.57 -8.75 -43.81
C GLU A 880 2.69 -7.94 -44.49
N ASN A 881 3.88 -7.98 -43.90
CA ASN A 881 5.05 -7.36 -44.53
C ASN A 881 5.89 -8.34 -45.33
N GLY A 882 5.38 -9.56 -45.52
CA GLY A 882 6.00 -10.52 -46.41
C GLY A 882 6.73 -11.68 -45.75
N PHE A 883 6.66 -11.77 -44.43
CA PHE A 883 7.28 -12.88 -43.71
C PHE A 883 6.21 -13.77 -43.07
N LEU A 884 5.77 -14.78 -43.81
CA LEU A 884 4.82 -15.75 -43.31
C LEU A 884 5.44 -16.56 -42.17
N PRO A 885 4.60 -17.00 -41.19
CA PRO A 885 5.07 -17.64 -39.96
C PRO A 885 5.99 -18.84 -40.15
N MET A 886 5.72 -19.65 -41.18
CA MET A 886 6.50 -20.86 -41.42
C MET A 886 7.97 -20.55 -41.68
N ASP A 887 8.22 -19.48 -42.44
CA ASP A 887 9.58 -19.05 -42.77
C ASP A 887 10.30 -18.35 -41.62
N LEU A 888 9.56 -18.00 -40.57
CA LEU A 888 10.13 -17.29 -39.44
C LEU A 888 11.03 -18.15 -38.56
N ILE A 889 10.78 -19.46 -38.57
CA ILE A 889 11.57 -20.41 -37.78
C ILE A 889 13.03 -20.47 -38.24
N GLY A 890 13.95 -20.33 -37.29
CA GLY A 890 15.37 -20.47 -37.56
C GLY A 890 16.07 -19.23 -38.11
N LYS A 891 15.33 -18.15 -38.30
CA LYS A 891 15.86 -17.00 -39.02
C LYS A 891 16.68 -16.00 -38.21
N ARG A 892 16.34 -15.81 -36.94
CA ARG A 892 16.94 -14.74 -36.11
C ARG A 892 18.43 -14.47 -36.35
N VAL A 893 19.20 -15.51 -36.68
CA VAL A 893 20.65 -15.38 -36.92
C VAL A 893 20.97 -14.55 -38.16
N ARG A 894 20.18 -14.77 -39.23
CA ARG A 894 20.22 -13.91 -40.43
C ARG A 894 19.59 -12.58 -40.09
N TRP A 895 18.44 -12.66 -39.43
CA TRP A 895 17.64 -11.50 -39.11
C TRP A 895 18.41 -10.47 -38.30
N ASP A 896 19.08 -10.94 -37.25
CA ASP A 896 19.87 -10.08 -36.38
C ASP A 896 21.29 -9.89 -36.88
N ASP A 897 21.65 -10.59 -37.95
CA ASP A 897 22.94 -10.41 -38.59
C ASP A 897 22.98 -9.03 -39.21
N ARG A 898 23.79 -8.16 -38.62
CA ARG A 898 23.84 -6.74 -38.98
C ARG A 898 24.46 -6.51 -40.35
N TRP A 899 25.19 -7.50 -40.84
CA TRP A 899 26.00 -7.37 -42.05
C TRP A 899 25.19 -7.75 -43.29
N ILE A 900 24.25 -8.67 -43.10
CA ILE A 900 23.26 -8.94 -44.13
C ILE A 900 22.35 -7.73 -44.28
N SER A 901 22.33 -7.18 -45.48
CA SER A 901 21.39 -6.11 -45.81
C SER A 901 20.54 -6.51 -47.01
N ASP A 902 20.31 -7.82 -47.13
CA ASP A 902 19.46 -8.37 -48.18
C ASP A 902 18.79 -9.68 -47.75
N VAL A 903 18.23 -9.71 -46.54
CA VAL A 903 17.45 -10.87 -46.08
C VAL A 903 16.25 -11.06 -46.99
N GLU A 904 16.09 -12.28 -47.49
CA GLU A 904 15.02 -12.61 -48.41
C GLU A 904 13.76 -13.02 -47.64
N ASP A 905 12.65 -12.33 -47.91
CA ASP A 905 11.40 -12.73 -47.30
C ASP A 905 10.76 -13.92 -47.99
N SER A 906 9.52 -14.22 -47.61
CA SER A 906 8.82 -15.37 -48.14
C SER A 906 8.42 -15.16 -49.60
N PHE A 907 8.20 -13.90 -49.98
CA PHE A 907 7.79 -13.55 -51.34
C PHE A 907 8.96 -13.36 -52.31
N GLY A 908 10.17 -13.34 -51.79
CA GLY A 908 11.37 -13.21 -52.61
C GLY A 908 12.08 -11.87 -52.49
N GLN A 909 11.43 -10.91 -51.84
CA GLN A 909 12.00 -9.56 -51.68
C GLN A 909 13.22 -9.55 -50.77
N GLN A 910 14.00 -8.47 -50.85
CA GLN A 910 15.23 -8.34 -50.08
C GLN A 910 15.23 -7.12 -49.17
N TRP A 911 15.70 -7.34 -47.94
CA TRP A 911 15.55 -6.38 -46.86
C TRP A 911 16.89 -5.96 -46.29
N THR A 912 17.10 -4.67 -46.11
CA THR A 912 18.31 -4.17 -45.45
C THR A 912 18.22 -4.47 -43.94
N TYR A 913 19.26 -4.13 -43.20
CA TYR A 913 19.22 -4.34 -41.75
C TYR A 913 18.14 -3.47 -41.11
N GLU A 914 18.26 -2.16 -41.31
CA GLU A 914 17.34 -1.20 -40.73
C GLU A 914 15.90 -1.43 -41.15
N GLN A 915 15.68 -1.77 -42.42
CA GLN A 915 14.35 -2.04 -42.97
C GLN A 915 13.59 -3.07 -42.14
N ARG A 916 14.05 -4.32 -42.18
CA ARG A 916 13.46 -5.40 -41.39
C ARG A 916 13.36 -5.06 -39.90
N LYS A 917 14.35 -4.33 -39.39
CA LYS A 917 14.37 -3.93 -37.98
C LYS A 917 13.22 -3.01 -37.63
N ILE A 918 12.90 -2.10 -38.55
CA ILE A 918 11.77 -1.20 -38.39
C ILE A 918 10.47 -2.01 -38.29
N VAL A 919 10.43 -3.13 -39.02
CA VAL A 919 9.27 -4.03 -38.95
C VAL A 919 9.21 -4.73 -37.60
N GLU A 920 10.35 -5.26 -37.14
CA GLU A 920 10.43 -5.91 -35.84
C GLU A 920 10.01 -4.98 -34.71
N PHE A 921 10.55 -3.77 -34.70
CA PHE A 921 10.20 -2.81 -33.66
C PHE A 921 8.74 -2.40 -33.75
N THR A 922 8.18 -2.40 -34.95
CA THR A 922 6.73 -2.25 -35.10
C THR A 922 6.05 -3.42 -34.39
N CYS A 923 6.60 -4.63 -34.52
CA CYS A 923 6.09 -5.79 -33.79
C CYS A 923 6.20 -5.56 -32.28
N HIS A 924 7.39 -5.16 -31.81
CA HIS A 924 7.57 -4.77 -30.41
C HIS A 924 6.42 -3.85 -29.98
N THR A 925 6.08 -2.90 -30.84
CA THR A 925 5.05 -1.91 -30.54
C THR A 925 3.63 -2.48 -30.51
N SER A 926 3.29 -3.34 -31.45
CA SER A 926 1.96 -3.92 -31.46
C SER A 926 1.79 -5.01 -30.40
N PHE A 927 2.89 -5.66 -30.02
CA PHE A 927 2.86 -6.62 -28.92
C PHE A 927 2.51 -5.86 -27.66
N PHE A 928 3.29 -4.82 -27.38
CA PHE A 928 3.00 -3.88 -26.32
C PHE A 928 1.52 -3.57 -26.29
N ILE A 929 0.96 -3.18 -27.44
CA ILE A 929 -0.44 -2.79 -27.50
C ILE A 929 -1.40 -3.96 -27.29
N SER A 930 -1.03 -5.13 -27.79
CA SER A 930 -1.78 -6.36 -27.52
C SER A 930 -2.03 -6.54 -26.02
N ILE A 931 -0.96 -6.46 -25.21
CA ILE A 931 -1.08 -6.54 -23.76
C ILE A 931 -2.14 -5.58 -23.24
N VAL A 932 -2.00 -4.29 -23.55
CA VAL A 932 -2.99 -3.30 -23.14
C VAL A 932 -4.40 -3.78 -23.46
N VAL A 933 -4.63 -4.17 -24.71
CA VAL A 933 -5.94 -4.65 -25.14
C VAL A 933 -6.44 -5.81 -24.27
N VAL A 934 -5.54 -6.73 -23.91
CA VAL A 934 -5.94 -7.87 -23.07
C VAL A 934 -5.84 -7.58 -21.57
N GLN A 935 -5.15 -6.50 -21.22
CA GLN A 935 -5.17 -5.99 -19.85
C GLN A 935 -6.49 -5.30 -19.60
N TRP A 936 -7.16 -4.89 -20.67
CA TRP A 936 -8.53 -4.40 -20.57
C TRP A 936 -9.38 -5.48 -19.90
N ALA A 937 -9.33 -6.68 -20.46
CA ALA A 937 -10.10 -7.81 -19.96
C ALA A 937 -9.67 -8.15 -18.54
N ASP A 938 -8.37 -8.38 -18.36
CA ASP A 938 -7.82 -8.70 -17.05
C ASP A 938 -8.25 -7.69 -15.99
N LEU A 939 -8.33 -6.42 -16.38
CA LEU A 939 -8.85 -5.41 -15.47
C LEU A 939 -10.30 -5.67 -15.07
N ILE A 940 -11.16 -5.95 -16.05
CA ILE A 940 -12.58 -6.14 -15.74
C ILE A 940 -12.85 -7.45 -14.97
N ILE A 941 -12.04 -8.47 -15.21
CA ILE A 941 -12.23 -9.75 -14.52
C ILE A 941 -11.54 -9.78 -13.15
N CYS A 942 -10.47 -9.00 -12.98
CA CYS A 942 -9.82 -8.90 -11.68
C CYS A 942 -10.59 -7.99 -10.75
N LYS A 943 -11.59 -7.31 -11.31
CA LYS A 943 -12.52 -6.48 -10.57
C LYS A 943 -13.27 -7.30 -9.51
N THR A 944 -13.47 -8.59 -9.77
CA THR A 944 -14.16 -9.47 -8.82
C THR A 944 -13.52 -10.85 -8.71
N ARG A 945 -13.57 -11.44 -7.52
CA ARG A 945 -13.05 -12.79 -7.29
C ARG A 945 -14.15 -13.86 -7.31
N ARG A 946 -15.40 -13.42 -7.13
CA ARG A 946 -16.52 -14.33 -7.02
C ARG A 946 -17.70 -13.85 -7.87
N ASN A 947 -18.08 -12.59 -7.67
CA ASN A 947 -19.21 -12.01 -8.37
C ASN A 947 -19.04 -11.89 -9.88
N SER A 948 -20.18 -11.90 -10.56
CA SER A 948 -20.23 -11.60 -11.98
C SER A 948 -20.03 -10.10 -12.16
N ILE A 949 -19.39 -9.71 -13.26
CA ILE A 949 -19.27 -8.29 -13.59
C ILE A 949 -20.67 -7.71 -13.79
N PHE A 950 -21.64 -8.60 -13.94
CA PHE A 950 -23.03 -8.22 -14.10
C PHE A 950 -23.70 -8.00 -12.74
N GLN A 951 -23.07 -8.49 -11.68
CA GLN A 951 -23.58 -8.29 -10.33
C GLN A 951 -22.87 -7.12 -9.67
N GLN A 952 -21.55 -7.08 -9.80
CA GLN A 952 -20.74 -6.01 -9.23
C GLN A 952 -20.90 -4.69 -9.98
N GLY A 953 -21.36 -4.75 -11.22
CA GLY A 953 -21.45 -3.57 -12.08
C GLY A 953 -20.10 -2.93 -12.37
N MET A 954 -20.15 -1.72 -12.92
CA MET A 954 -18.95 -0.96 -13.25
C MET A 954 -19.03 0.46 -12.70
N LYS A 955 -19.21 0.57 -11.40
CA LYS A 955 -19.31 1.87 -10.75
C LYS A 955 -17.94 2.44 -10.38
N ASN A 956 -16.89 1.60 -10.41
CA ASN A 956 -15.55 2.07 -10.09
C ASN A 956 -15.04 3.01 -11.17
N LYS A 957 -15.17 4.31 -10.92
CA LYS A 957 -14.77 5.31 -11.91
C LYS A 957 -13.26 5.42 -12.04
N ILE A 958 -12.52 5.14 -10.98
CA ILE A 958 -11.05 5.17 -11.06
C ILE A 958 -10.55 4.09 -12.02
N LEU A 959 -11.14 2.90 -11.91
CA LEU A 959 -10.86 1.79 -12.82
C LEU A 959 -11.10 2.15 -14.29
N ILE A 960 -12.29 2.67 -14.59
CA ILE A 960 -12.62 3.11 -15.95
C ILE A 960 -11.65 4.18 -16.45
N PHE A 961 -11.39 5.18 -15.61
CA PHE A 961 -10.32 6.14 -15.83
C PHE A 961 -9.01 5.43 -16.22
N GLY A 962 -8.74 4.28 -15.60
CA GLY A 962 -7.55 3.50 -15.92
C GLY A 962 -7.49 3.01 -17.36
N LEU A 963 -8.62 2.49 -17.84
CA LEU A 963 -8.72 2.00 -19.22
C LEU A 963 -8.47 3.10 -20.25
N PHE A 964 -9.18 4.21 -20.09
CA PHE A 964 -9.03 5.32 -21.01
C PHE A 964 -7.61 5.84 -21.02
N GLU A 965 -7.09 6.17 -19.83
CA GLU A 965 -5.77 6.78 -19.75
C GLU A 965 -4.67 5.82 -20.19
N GLU A 966 -4.80 4.56 -19.84
CA GLU A 966 -3.87 3.52 -20.27
C GLU A 966 -3.79 3.45 -21.80
N THR A 967 -4.96 3.42 -22.45
CA THR A 967 -5.03 3.34 -23.89
C THR A 967 -4.47 4.62 -24.51
N ALA A 968 -4.79 5.75 -23.90
CA ALA A 968 -4.25 7.03 -24.35
C ALA A 968 -2.72 7.05 -24.27
N LEU A 969 -2.15 6.40 -23.26
CA LEU A 969 -0.70 6.34 -23.13
C LEU A 969 -0.10 5.52 -24.26
N ALA A 970 -0.73 4.38 -24.55
CA ALA A 970 -0.22 3.47 -25.58
C ALA A 970 -0.27 4.15 -26.94
N ALA A 971 -1.43 4.70 -27.29
CA ALA A 971 -1.58 5.46 -28.53
C ALA A 971 -0.50 6.53 -28.65
N PHE A 972 -0.24 7.21 -27.53
CA PHE A 972 0.82 8.21 -27.44
C PHE A 972 2.17 7.61 -27.83
N LEU A 973 2.61 6.61 -27.09
CA LEU A 973 3.89 5.96 -27.34
C LEU A 973 4.01 5.45 -28.78
N SER A 974 2.88 5.10 -29.39
CA SER A 974 2.88 4.62 -30.77
C SER A 974 3.03 5.76 -31.77
N TYR A 975 2.17 6.77 -31.64
CA TYR A 975 2.00 7.77 -32.68
C TYR A 975 2.78 9.07 -32.48
N CYS A 976 3.22 9.33 -31.25
CA CYS A 976 4.00 10.52 -30.98
C CYS A 976 5.34 10.46 -31.73
N PRO A 977 5.65 11.51 -32.52
CA PRO A 977 6.92 11.57 -33.24
C PRO A 977 8.09 11.73 -32.29
N GLY A 978 9.14 10.98 -32.53
CA GLY A 978 10.31 10.97 -31.65
C GLY A 978 10.36 9.71 -30.81
N THR A 979 9.19 9.20 -30.46
CA THR A 979 9.09 7.96 -29.68
C THR A 979 9.54 6.75 -30.53
N ASP A 980 9.86 6.99 -31.80
CA ASP A 980 10.41 5.95 -32.67
C ASP A 980 11.93 5.85 -32.57
N VAL A 981 12.52 6.75 -31.78
CA VAL A 981 13.96 6.72 -31.51
C VAL A 981 14.22 6.73 -29.99
N ALA A 982 13.44 7.52 -29.27
CA ALA A 982 13.56 7.62 -27.82
C ALA A 982 13.08 6.33 -27.14
N LEU A 983 12.24 5.57 -27.85
CA LEU A 983 11.70 4.33 -27.30
C LEU A 983 11.56 3.20 -28.33
N ARG A 984 11.97 3.47 -29.57
CA ARG A 984 11.86 2.48 -30.66
C ARG A 984 10.43 1.97 -30.79
N MET A 985 9.48 2.88 -30.58
CA MET A 985 8.05 2.59 -30.72
C MET A 985 7.57 3.12 -32.05
N TYR A 986 6.96 2.26 -32.85
CA TYR A 986 6.54 2.67 -34.18
C TYR A 986 5.03 2.84 -34.32
N PRO A 987 4.58 3.61 -35.34
CA PRO A 987 3.13 3.77 -35.53
C PRO A 987 2.43 2.49 -35.99
N LEU A 988 1.20 2.30 -35.52
CA LEU A 988 0.42 1.12 -35.88
C LEU A 988 -0.74 1.47 -36.81
N LYS A 989 -0.86 0.67 -37.87
CA LYS A 989 -1.99 0.77 -38.78
C LYS A 989 -3.27 0.38 -38.05
N PRO A 990 -4.40 1.07 -38.31
CA PRO A 990 -5.60 0.88 -37.50
C PRO A 990 -5.94 -0.60 -37.31
N SER A 991 -5.82 -1.38 -38.38
CA SER A 991 -6.04 -2.83 -38.33
C SER A 991 -5.23 -3.55 -37.23
N TRP A 992 -3.99 -3.11 -37.00
CA TRP A 992 -3.12 -3.66 -35.94
C TRP A 992 -3.80 -3.64 -34.57
N TRP A 993 -4.68 -2.66 -34.36
CA TRP A 993 -5.29 -2.45 -33.04
C TRP A 993 -6.23 -3.56 -32.61
N PHE A 994 -6.70 -4.35 -33.56
CA PHE A 994 -7.77 -5.30 -33.27
C PHE A 994 -7.33 -6.76 -33.25
N CYS A 995 -6.03 -6.99 -33.47
CA CYS A 995 -5.49 -8.34 -33.47
C CYS A 995 -5.88 -9.09 -32.21
N ALA A 996 -5.56 -8.52 -31.06
CA ALA A 996 -5.80 -9.16 -29.77
C ALA A 996 -7.29 -9.27 -29.40
N PHE A 997 -8.13 -8.47 -30.04
CA PHE A 997 -9.55 -8.40 -29.66
C PHE A 997 -10.23 -9.76 -29.36
N PRO A 998 -10.19 -10.72 -30.30
CA PRO A 998 -10.77 -12.02 -29.95
C PRO A 998 -10.19 -12.63 -28.66
N TYR A 999 -8.93 -12.34 -28.37
CA TYR A 999 -8.26 -12.86 -27.16
C TYR A 999 -8.65 -12.09 -25.89
N SER A 1000 -8.96 -10.81 -26.05
CA SER A 1000 -9.44 -10.01 -24.94
C SER A 1000 -10.84 -10.45 -24.54
N LEU A 1001 -11.71 -10.66 -25.54
CA LEU A 1001 -13.05 -11.14 -25.23
C LEU A 1001 -13.06 -12.56 -24.68
N ILE A 1002 -12.22 -13.44 -25.22
CA ILE A 1002 -12.16 -14.81 -24.67
C ILE A 1002 -11.82 -14.82 -23.19
N ILE A 1003 -10.89 -13.95 -22.78
CA ILE A 1003 -10.54 -13.80 -21.36
C ILE A 1003 -11.77 -13.42 -20.53
N PHE A 1004 -12.42 -12.32 -20.90
CA PHE A 1004 -13.68 -11.93 -20.28
C PHE A 1004 -14.63 -13.12 -20.09
N LEU A 1005 -14.91 -13.83 -21.18
CA LEU A 1005 -15.84 -14.96 -21.16
C LEU A 1005 -15.33 -16.11 -20.31
N TYR A 1006 -14.08 -16.51 -20.54
CA TYR A 1006 -13.50 -17.62 -19.83
C TYR A 1006 -13.68 -17.45 -18.33
N ASP A 1007 -13.35 -16.25 -17.85
CA ASP A 1007 -13.36 -16.01 -16.43
C ASP A 1007 -14.77 -15.84 -15.89
N GLU A 1008 -15.59 -15.08 -16.62
CA GLU A 1008 -17.02 -14.96 -16.31
C GLU A 1008 -17.69 -16.33 -16.30
N MET A 1009 -17.32 -17.21 -17.24
CA MET A 1009 -17.74 -18.61 -17.25
C MET A 1009 -17.35 -19.33 -15.95
N ARG A 1010 -16.09 -19.18 -15.56
CA ARG A 1010 -15.49 -19.93 -14.46
C ARG A 1010 -16.04 -19.56 -13.08
N ARG A 1011 -16.35 -18.28 -12.88
CA ARG A 1011 -16.86 -17.80 -11.60
C ARG A 1011 -18.34 -18.08 -11.49
N PHE A 1012 -18.98 -18.23 -12.65
CA PHE A 1012 -20.34 -18.71 -12.71
C PHE A 1012 -20.38 -20.14 -12.18
N ILE A 1013 -19.35 -20.92 -12.53
CA ILE A 1013 -19.14 -22.24 -11.95
C ILE A 1013 -18.93 -22.13 -10.43
N ILE A 1014 -17.91 -21.36 -10.03
CA ILE A 1014 -17.59 -21.15 -8.61
C ILE A 1014 -18.83 -20.97 -7.74
N ARG A 1015 -19.71 -20.05 -8.13
CA ARG A 1015 -20.86 -19.67 -7.33
C ARG A 1015 -21.84 -20.82 -7.19
N ARG A 1016 -22.24 -21.39 -8.32
CA ARG A 1016 -23.10 -22.58 -8.36
C ARG A 1016 -22.60 -23.71 -7.44
N SER A 1017 -21.31 -24.05 -7.54
CA SER A 1017 -20.74 -25.12 -6.71
C SER A 1017 -19.73 -24.58 -5.69
N PRO A 1018 -20.26 -23.98 -4.59
CA PRO A 1018 -19.43 -23.39 -3.54
C PRO A 1018 -18.42 -24.38 -3.01
N GLY A 1019 -18.91 -25.55 -2.58
CA GLY A 1019 -18.07 -26.58 -1.98
C GLY A 1019 -16.68 -26.76 -2.57
N GLY A 1020 -16.62 -27.37 -3.76
CA GLY A 1020 -15.39 -28.00 -4.22
C GLY A 1020 -14.53 -27.36 -5.28
N TRP A 1021 -14.61 -27.91 -6.50
CA TRP A 1021 -13.46 -27.96 -7.41
C TRP A 1021 -12.81 -26.67 -7.92
N VAL A 1022 -13.53 -25.92 -8.76
CA VAL A 1022 -13.02 -24.67 -9.34
C VAL A 1022 -12.59 -23.69 -8.24
N GLU A 1023 -13.36 -23.67 -7.16
CA GLU A 1023 -13.06 -22.82 -6.01
C GLU A 1023 -11.76 -23.22 -5.29
N GLN A 1024 -11.56 -24.51 -5.05
CA GLN A 1024 -10.37 -24.96 -4.34
C GLN A 1024 -9.11 -24.98 -5.21
N GLU A 1025 -9.29 -24.78 -6.52
CA GLU A 1025 -8.18 -24.76 -7.46
C GLU A 1025 -7.81 -23.35 -7.91
N THR A 1026 -8.79 -22.45 -7.93
CA THR A 1026 -8.58 -21.13 -8.52
C THR A 1026 -9.11 -19.93 -7.71
N TYR A 1027 -9.69 -20.17 -6.54
CA TYR A 1027 -10.22 -19.07 -5.73
C TYR A 1027 -9.21 -18.40 -4.78
N TYR A 1028 -8.28 -17.65 -5.38
CA TYR A 1028 -7.48 -16.58 -4.74
C TYR A 1028 -7.14 -16.72 -3.25
N ARG B 28 0.14 -28.93 -4.77
CA ARG B 28 0.54 -30.26 -4.24
C ARG B 28 -0.67 -31.03 -3.70
N THR B 29 -1.20 -31.95 -4.52
CA THR B 29 -2.32 -32.80 -4.12
C THR B 29 -1.99 -34.29 -4.34
N GLY B 30 -3.00 -35.15 -4.34
CA GLY B 30 -2.82 -36.58 -4.55
C GLY B 30 -4.11 -37.22 -5.00
N SER B 31 -4.03 -38.11 -5.99
CA SER B 31 -5.21 -38.72 -6.62
C SER B 31 -6.16 -37.65 -7.18
N SER B 32 -5.58 -36.49 -7.49
CA SER B 32 -6.30 -35.36 -8.07
C SER B 32 -5.50 -34.75 -9.22
N TRP B 33 -4.19 -35.02 -9.24
CA TRP B 33 -3.32 -34.57 -10.34
C TRP B 33 -3.87 -34.96 -11.71
N PHE B 34 -4.54 -36.11 -11.77
CA PHE B 34 -5.22 -36.54 -12.98
C PHE B 34 -6.30 -35.53 -13.38
N LYS B 35 -6.81 -34.79 -12.39
CA LYS B 35 -7.81 -33.75 -12.65
C LYS B 35 -7.13 -32.46 -13.14
N ILE B 36 -5.82 -32.36 -12.93
CA ILE B 36 -5.00 -31.26 -13.46
C ILE B 36 -4.43 -31.57 -14.84
N PHE B 37 -3.68 -32.67 -14.95
CA PHE B 37 -3.05 -33.05 -16.22
C PHE B 37 -4.10 -33.09 -17.32
N LEU B 38 -5.19 -33.82 -17.08
CA LEU B 38 -6.27 -33.98 -18.07
C LEU B 38 -6.88 -32.64 -18.42
N PHE B 39 -6.95 -31.74 -17.43
CA PHE B 39 -7.48 -30.40 -17.66
C PHE B 39 -6.73 -29.67 -18.77
N TYR B 40 -5.46 -29.35 -18.53
CA TYR B 40 -4.60 -28.66 -19.48
C TYR B 40 -4.47 -29.37 -20.81
N LEU B 41 -4.36 -30.69 -20.77
CA LEU B 41 -4.33 -31.49 -21.99
C LEU B 41 -5.37 -30.95 -22.98
N ILE B 42 -6.62 -30.84 -22.54
CA ILE B 42 -7.68 -30.31 -23.39
C ILE B 42 -8.20 -28.95 -22.89
N PHE B 43 -7.25 -28.03 -22.67
CA PHE B 43 -7.50 -26.61 -22.42
C PHE B 43 -6.44 -25.82 -23.16
N TYR B 44 -5.17 -26.13 -22.86
CA TYR B 44 -4.05 -25.69 -23.68
C TYR B 44 -4.25 -26.28 -25.07
N GLY B 45 -4.91 -27.42 -25.11
CA GLY B 45 -5.35 -28.02 -26.36
C GLY B 45 -6.26 -27.05 -27.07
N CYS B 46 -7.40 -26.76 -26.45
CA CYS B 46 -8.36 -25.78 -26.96
C CYS B 46 -7.72 -24.45 -27.36
N LEU B 47 -6.64 -24.08 -26.69
CA LEU B 47 -6.03 -22.78 -26.92
C LEU B 47 -5.04 -22.74 -28.07
N ALA B 48 -4.19 -23.76 -28.17
CA ALA B 48 -3.38 -23.96 -29.36
C ALA B 48 -4.34 -24.05 -30.54
N GLY B 49 -5.39 -24.84 -30.37
CA GLY B 49 -6.44 -25.00 -31.38
C GLY B 49 -7.09 -23.71 -31.84
N ILE B 50 -7.21 -22.75 -30.94
CA ILE B 50 -7.78 -21.44 -31.29
C ILE B 50 -6.71 -20.54 -31.90
N PHE B 51 -5.52 -20.56 -31.31
CA PHE B 51 -4.41 -19.76 -31.78
C PHE B 51 -4.07 -20.07 -33.23
N ILE B 52 -3.88 -21.37 -33.49
CA ILE B 52 -3.73 -21.88 -34.84
C ILE B 52 -4.96 -21.50 -35.65
N GLY B 53 -6.14 -21.66 -35.04
CA GLY B 53 -7.39 -21.26 -35.67
C GLY B 53 -7.32 -19.87 -36.28
N THR B 54 -6.68 -18.93 -35.58
CA THR B 54 -6.63 -17.54 -36.02
C THR B 54 -5.46 -17.22 -36.97
N ILE B 55 -4.33 -17.94 -36.82
CA ILE B 55 -3.26 -17.85 -37.81
C ILE B 55 -3.81 -18.31 -39.16
N GLN B 56 -4.48 -19.46 -39.19
CA GLN B 56 -4.91 -20.04 -40.45
C GLN B 56 -5.97 -19.19 -41.17
N VAL B 57 -6.80 -18.45 -40.42
CA VAL B 57 -7.73 -17.50 -41.08
C VAL B 57 -6.97 -16.33 -41.69
N LEU B 58 -6.09 -15.72 -40.89
CA LEU B 58 -5.22 -14.63 -41.33
C LEU B 58 -4.50 -15.01 -42.61
N LEU B 59 -3.84 -16.16 -42.59
CA LEU B 59 -3.08 -16.66 -43.73
C LEU B 59 -3.94 -16.71 -44.98
N LEU B 60 -5.20 -17.08 -44.82
CA LEU B 60 -6.11 -17.16 -45.96
C LEU B 60 -6.20 -15.85 -46.72
N THR B 61 -6.26 -14.74 -45.99
CA THR B 61 -6.49 -13.44 -46.61
C THR B 61 -5.23 -12.72 -47.11
N LEU B 62 -4.26 -13.49 -47.64
CA LEU B 62 -3.07 -12.91 -48.27
C LEU B 62 -2.83 -13.53 -49.64
N SER B 63 -2.34 -12.73 -50.58
CA SER B 63 -1.91 -13.22 -51.89
C SER B 63 -0.73 -14.18 -51.76
N ASP B 64 -0.68 -15.19 -52.64
CA ASP B 64 0.45 -16.11 -52.70
C ASP B 64 1.63 -15.42 -53.35
N PHE B 65 1.32 -14.40 -54.16
CA PHE B 65 2.27 -13.79 -55.08
C PHE B 65 2.84 -12.46 -54.60
N GLU B 66 2.14 -11.80 -53.68
CA GLU B 66 2.44 -10.43 -53.31
C GLU B 66 2.01 -10.09 -51.87
N PRO B 67 2.94 -9.53 -51.06
CA PRO B 67 2.61 -9.13 -49.68
C PRO B 67 1.60 -8.00 -49.62
N LYS B 68 0.88 -7.91 -48.50
CA LYS B 68 -0.14 -6.87 -48.30
C LYS B 68 0.45 -5.46 -48.16
N TYR B 69 1.65 -5.36 -47.59
CA TYR B 69 2.34 -4.07 -47.46
C TYR B 69 3.73 -4.12 -48.07
N GLN B 70 4.14 -3.03 -48.72
CA GLN B 70 5.51 -2.92 -49.21
C GLN B 70 6.14 -1.56 -48.94
N ASP B 71 5.54 -0.78 -48.05
CA ASP B 71 6.05 0.55 -47.71
C ASP B 71 7.25 0.48 -46.76
N ARG B 72 7.65 -0.73 -46.40
CA ARG B 72 8.77 -0.93 -45.49
C ARG B 72 10.04 -1.36 -46.21
N VAL B 73 9.90 -1.74 -47.47
CA VAL B 73 11.03 -1.91 -48.40
C VAL B 73 11.03 -0.72 -49.36
N ALA B 74 10.43 0.40 -48.90
CA ALA B 74 9.80 1.38 -49.78
C ALA B 74 10.69 1.92 -50.90
N PRO B 75 11.80 2.58 -50.53
CA PRO B 75 12.87 2.66 -51.51
C PRO B 75 13.82 1.49 -51.32
N PRO B 76 14.34 0.94 -52.44
CA PRO B 76 15.28 -0.18 -52.43
C PRO B 76 16.59 0.17 -51.73
N GLY B 77 17.16 -0.84 -51.10
CA GLY B 77 18.51 -0.75 -50.56
C GLY B 77 19.50 -1.33 -51.56
N LEU B 78 20.75 -0.92 -51.44
CA LEU B 78 21.81 -1.45 -52.29
C LEU B 78 22.71 -2.34 -51.45
N SER B 79 22.88 -3.57 -51.88
CA SER B 79 23.73 -4.54 -51.19
C SER B 79 24.75 -5.15 -52.14
N HIS B 80 25.86 -5.63 -51.58
CA HIS B 80 26.96 -6.15 -52.41
C HIS B 80 27.46 -7.53 -51.99
N ALA B 81 28.30 -8.12 -52.85
CA ALA B 81 28.81 -9.48 -52.68
C ALA B 81 29.88 -9.65 -51.58
N PRO B 82 30.91 -8.78 -51.56
CA PRO B 82 31.91 -8.94 -50.49
C PRO B 82 31.27 -8.79 -49.11
N TYR B 83 31.15 -9.90 -48.39
CA TYR B 83 30.58 -9.91 -47.05
C TYR B 83 31.44 -9.06 -46.12
N ALA B 84 31.04 -7.80 -45.97
CA ALA B 84 31.80 -6.81 -45.22
C ALA B 84 31.66 -7.00 -43.71
N ILE B 85 32.70 -7.58 -43.12
CA ILE B 85 32.83 -7.77 -41.67
C ILE B 85 31.99 -6.77 -40.88
N LYS B 86 32.34 -5.49 -41.01
CA LYS B 86 31.58 -4.39 -40.44
C LYS B 86 31.62 -3.24 -41.43
N THR B 87 31.15 -3.50 -42.65
CA THR B 87 31.24 -2.56 -43.78
C THR B 87 32.70 -2.30 -44.18
N GLU B 88 33.56 -3.29 -43.96
CA GLU B 88 34.99 -3.15 -44.19
C GLU B 88 35.60 -4.38 -44.85
N ILE B 89 36.65 -4.16 -45.64
CA ILE B 89 37.38 -5.25 -46.29
C ILE B 89 38.90 -5.04 -46.22
N SER B 90 39.42 -5.06 -44.99
CA SER B 90 40.87 -5.01 -44.74
C SER B 90 41.46 -6.40 -44.94
N PHE B 91 42.52 -6.48 -45.74
CA PHE B 91 43.18 -7.76 -46.02
C PHE B 91 44.60 -7.60 -46.57
N SER B 92 45.41 -8.64 -46.38
CA SER B 92 46.81 -8.62 -46.82
C SER B 92 47.00 -9.18 -48.22
N ILE B 93 47.75 -8.44 -49.04
CA ILE B 93 48.09 -8.89 -50.39
C ILE B 93 49.19 -9.95 -50.32
N SER B 94 50.12 -9.78 -49.38
CA SER B 94 51.21 -10.73 -49.19
C SER B 94 50.76 -12.03 -48.52
N ASN B 95 49.45 -12.29 -48.52
CA ASN B 95 48.87 -13.52 -48.00
C ASN B 95 47.64 -13.92 -48.82
N PRO B 96 47.58 -15.18 -49.30
CA PRO B 96 46.46 -15.66 -50.13
C PRO B 96 45.18 -15.88 -49.32
N LYS B 97 45.32 -16.50 -48.15
CA LYS B 97 44.17 -16.80 -47.28
C LYS B 97 43.78 -15.61 -46.40
N SER B 98 44.43 -14.46 -46.63
CA SER B 98 44.08 -13.23 -45.94
C SER B 98 42.77 -12.65 -46.47
N TYR B 99 42.17 -13.36 -47.43
CA TYR B 99 40.95 -12.91 -48.10
C TYR B 99 40.18 -14.07 -48.75
N GLU B 100 40.42 -15.29 -48.27
CA GLU B 100 39.65 -16.47 -48.68
C GLU B 100 38.18 -16.25 -48.36
N SER B 101 37.93 -15.51 -47.29
CA SER B 101 36.60 -15.17 -46.80
C SER B 101 35.76 -14.47 -47.87
N PHE B 102 36.13 -13.23 -48.20
CA PHE B 102 35.38 -12.42 -49.16
C PHE B 102 35.13 -13.17 -50.47
N VAL B 103 36.16 -13.86 -50.94
CA VAL B 103 36.09 -14.69 -52.15
C VAL B 103 34.96 -15.73 -52.07
N LYS B 104 34.77 -16.30 -50.88
CA LYS B 104 33.67 -17.25 -50.62
C LYS B 104 32.32 -16.64 -50.99
N SER B 105 31.98 -15.52 -50.37
CA SER B 105 30.68 -14.87 -50.59
C SER B 105 30.53 -14.41 -52.03
N MET B 106 31.65 -14.01 -52.64
CA MET B 106 31.71 -13.64 -54.04
C MET B 106 31.28 -14.83 -54.90
N HIS B 107 31.92 -15.98 -54.68
CA HIS B 107 31.59 -17.19 -55.43
C HIS B 107 30.22 -17.75 -55.05
N LYS B 108 29.85 -17.65 -53.78
CA LYS B 108 28.50 -18.04 -53.35
C LYS B 108 27.47 -17.25 -54.15
N LEU B 109 27.75 -15.97 -54.38
CA LEU B 109 26.89 -15.13 -55.21
C LEU B 109 27.04 -15.43 -56.70
N MET B 110 28.28 -15.56 -57.17
CA MET B 110 28.55 -15.71 -58.60
C MET B 110 28.13 -17.05 -59.18
N ASP B 111 28.32 -18.12 -58.39
CA ASP B 111 27.85 -19.45 -58.75
C ASP B 111 26.37 -19.45 -59.15
N LEU B 112 25.66 -18.42 -58.69
CA LEU B 112 24.25 -18.26 -58.99
C LEU B 112 24.01 -17.85 -60.45
N TYR B 113 24.96 -17.09 -61.02
CA TYR B 113 24.81 -16.56 -62.38
C TYR B 113 25.45 -17.45 -63.45
N ASN B 114 25.41 -18.76 -63.23
CA ASN B 114 25.93 -19.71 -64.20
C ASN B 114 25.10 -19.78 -65.46
N GLU B 115 25.79 -19.92 -66.59
CA GLU B 115 25.16 -20.05 -67.90
C GLU B 115 24.80 -21.50 -68.16
N SER B 116 25.43 -22.39 -67.37
CA SER B 116 25.06 -23.80 -67.33
C SER B 116 23.68 -23.93 -66.70
N SER B 117 23.47 -23.17 -65.62
CA SER B 117 22.18 -23.10 -64.93
C SER B 117 21.09 -22.65 -65.91
N GLN B 118 21.22 -21.42 -66.41
CA GLN B 118 20.28 -20.84 -67.37
C GLN B 118 20.23 -21.68 -68.64
N ALA B 119 19.32 -22.65 -68.67
CA ALA B 119 19.27 -23.65 -69.74
C ALA B 119 17.89 -23.72 -70.39
N GLY B 120 17.89 -23.94 -71.70
CA GLY B 120 16.66 -24.00 -72.50
C GLY B 120 16.00 -22.65 -72.64
N ASN B 121 15.05 -22.55 -73.56
CA ASN B 121 14.23 -21.34 -73.71
C ASN B 121 13.28 -21.21 -72.53
N SER B 122 13.29 -22.21 -71.66
CA SER B 122 12.48 -22.24 -70.47
C SER B 122 13.30 -22.65 -69.25
N PRO B 123 13.16 -21.89 -68.14
CA PRO B 123 12.26 -20.74 -68.08
C PRO B 123 12.92 -19.41 -68.46
N PHE B 124 14.10 -19.47 -69.06
CA PHE B 124 14.88 -18.25 -69.34
C PHE B 124 14.68 -17.64 -70.73
N GLU B 125 15.05 -16.37 -70.85
CA GLU B 125 14.95 -15.62 -72.09
C GLU B 125 16.22 -14.83 -72.34
N ASP B 126 16.71 -14.90 -73.57
CA ASP B 126 17.81 -14.03 -74.00
C ASP B 126 17.23 -12.63 -74.21
N CYS B 127 17.83 -11.64 -73.55
CA CYS B 127 17.32 -10.28 -73.62
C CYS B 127 18.32 -9.33 -74.26
N SER B 128 17.89 -8.09 -74.52
CA SER B 128 18.74 -7.07 -75.15
C SER B 128 20.13 -7.02 -74.52
N ASP B 129 21.13 -7.43 -75.28
CA ASP B 129 22.53 -7.38 -74.87
C ASP B 129 22.92 -5.96 -74.47
N THR B 130 22.06 -5.03 -74.87
CA THR B 130 22.17 -3.62 -74.50
C THR B 130 20.96 -3.23 -73.64
N PRO B 131 21.17 -2.40 -72.60
CA PRO B 131 20.08 -1.97 -71.73
C PRO B 131 18.85 -1.52 -72.54
N ALA B 132 17.73 -2.19 -72.31
CA ALA B 132 16.47 -1.83 -72.95
C ALA B 132 15.44 -1.37 -71.92
N ASP B 133 14.16 -1.46 -72.26
CA ASP B 133 13.09 -0.97 -71.40
C ASP B 133 12.52 -2.07 -70.49
N TYR B 134 11.61 -1.66 -69.60
CA TYR B 134 10.89 -2.60 -68.74
C TYR B 134 10.28 -3.74 -69.54
N ILE B 135 10.01 -4.84 -68.86
CA ILE B 135 9.34 -5.98 -69.49
C ILE B 135 8.16 -6.45 -68.63
N LYS B 136 6.98 -5.93 -68.95
CA LYS B 136 5.74 -6.41 -68.36
C LYS B 136 5.45 -7.82 -68.85
N ARG B 137 5.08 -8.69 -67.92
CA ARG B 137 4.79 -10.09 -68.25
C ARG B 137 3.37 -10.46 -67.82
N GLY B 138 2.45 -9.51 -68.00
CA GLY B 138 1.05 -9.69 -67.64
C GLY B 138 0.75 -9.17 -66.25
N ASP B 139 -0.06 -9.92 -65.51
CA ASP B 139 -0.48 -9.57 -64.16
C ASP B 139 0.26 -10.44 -63.16
N LEU B 140 0.03 -10.19 -61.87
CA LEU B 140 0.55 -11.03 -60.81
C LEU B 140 -0.34 -12.24 -60.56
N ASP B 141 -0.63 -13.00 -61.62
CA ASP B 141 -1.49 -14.17 -61.53
C ASP B 141 -0.74 -15.47 -61.80
N ASP B 142 -1.41 -16.59 -61.53
CA ASP B 142 -0.94 -17.90 -61.94
C ASP B 142 -1.85 -18.42 -63.06
N SER B 143 -2.58 -17.50 -63.70
CA SER B 143 -3.40 -17.81 -64.87
C SER B 143 -2.49 -18.30 -66.00
N GLN B 144 -1.27 -17.78 -65.99
CA GLN B 144 -0.17 -18.27 -66.82
C GLN B 144 0.85 -18.94 -65.90
N GLY B 145 1.59 -19.92 -66.43
CA GLY B 145 2.67 -20.56 -65.68
C GLY B 145 3.73 -19.56 -65.23
N GLN B 146 4.90 -20.08 -64.84
CA GLN B 146 5.98 -19.22 -64.36
C GLN B 146 6.33 -18.13 -65.36
N LYS B 147 6.15 -16.88 -64.96
CA LYS B 147 6.55 -15.72 -65.77
C LYS B 147 8.02 -15.89 -66.13
N LYS B 148 8.35 -15.67 -67.41
CA LYS B 148 9.70 -15.95 -67.88
C LYS B 148 10.72 -14.90 -67.42
N ALA B 149 11.96 -15.33 -67.25
CA ALA B 149 13.00 -14.45 -66.70
C ALA B 149 14.15 -14.21 -67.66
N CYS B 150 14.56 -12.95 -67.79
CA CYS B 150 15.74 -12.56 -68.58
C CYS B 150 17.00 -13.27 -68.08
N ARG B 151 17.94 -13.44 -69.00
CA ARG B 151 19.24 -14.04 -68.68
C ARG B 151 20.22 -12.96 -68.27
N PHE B 152 21.30 -13.35 -67.59
CA PHE B 152 22.38 -12.44 -67.24
C PHE B 152 23.69 -13.21 -67.12
N SER B 153 24.57 -13.02 -68.10
CA SER B 153 25.87 -13.67 -68.11
C SER B 153 26.80 -13.02 -67.11
N ARG B 154 27.41 -13.83 -66.26
CA ARG B 154 28.43 -13.36 -65.33
C ARG B 154 29.68 -12.93 -66.08
N MET B 155 29.74 -13.29 -67.36
CA MET B 155 30.80 -12.87 -68.26
C MET B 155 30.71 -11.36 -68.53
N TRP B 156 29.49 -10.83 -68.45
CA TRP B 156 29.25 -9.39 -68.55
C TRP B 156 30.05 -8.63 -67.48
N LEU B 157 30.38 -9.33 -66.42
CA LEU B 157 31.30 -8.82 -65.41
C LEU B 157 32.71 -9.26 -65.79
N LYS B 158 33.23 -8.64 -66.85
CA LYS B 158 34.63 -8.84 -67.25
C LYS B 158 35.50 -8.56 -66.02
N ASN B 159 36.66 -9.19 -65.97
CA ASN B 159 37.60 -9.04 -64.85
C ASN B 159 37.16 -9.62 -63.50
N CYS B 160 35.86 -9.76 -63.27
CA CYS B 160 35.34 -10.30 -61.99
C CYS B 160 33.88 -10.75 -62.09
N GLY B 169 40.07 -16.87 -57.92
CA GLY B 169 40.34 -15.68 -57.12
C GLY B 169 40.03 -14.40 -57.84
N TYR B 170 39.60 -13.38 -57.09
CA TYR B 170 39.30 -12.07 -57.65
C TYR B 170 40.50 -11.15 -57.49
N ALA B 171 40.24 -9.85 -57.41
CA ALA B 171 41.30 -8.88 -57.23
C ALA B 171 41.99 -9.09 -55.87
N GLU B 172 43.10 -9.83 -55.92
CA GLU B 172 43.97 -10.05 -54.77
C GLU B 172 44.59 -8.74 -54.32
N GLY B 173 44.80 -7.84 -55.28
CA GLY B 173 45.05 -6.45 -54.97
C GLY B 173 43.87 -5.66 -55.50
N LYS B 174 43.66 -4.48 -54.92
CA LYS B 174 42.79 -3.46 -55.51
C LYS B 174 41.43 -4.06 -55.88
N PRO B 175 40.67 -4.54 -54.87
CA PRO B 175 39.65 -5.59 -55.03
C PRO B 175 38.50 -5.30 -56.01
N CYS B 176 37.79 -6.38 -56.41
CA CYS B 176 36.54 -6.22 -57.17
C CYS B 176 35.32 -6.47 -56.28
N VAL B 177 34.37 -5.52 -56.31
CA VAL B 177 33.15 -5.57 -55.48
C VAL B 177 31.88 -5.60 -56.35
N VAL B 178 31.00 -6.57 -56.11
CA VAL B 178 29.78 -6.71 -56.91
C VAL B 178 28.57 -6.12 -56.20
N ALA B 179 27.83 -5.28 -56.93
CA ALA B 179 26.64 -4.62 -56.42
C ALA B 179 25.36 -5.15 -57.06
N LYS B 180 24.24 -5.00 -56.35
CA LYS B 180 22.95 -5.52 -56.76
C LYS B 180 21.83 -4.67 -56.15
N LEU B 181 20.67 -4.65 -56.79
CA LEU B 181 19.53 -3.90 -56.27
C LEU B 181 18.49 -4.81 -55.62
N ASN B 182 18.24 -4.59 -54.34
CA ASN B 182 17.26 -5.39 -53.58
C ASN B 182 15.90 -5.50 -54.25
N ARG B 183 15.49 -6.74 -54.51
CA ARG B 183 14.28 -7.06 -55.25
C ARG B 183 13.01 -6.57 -54.56
N ILE B 184 12.17 -5.89 -55.32
CA ILE B 184 10.85 -5.48 -54.85
C ILE B 184 9.83 -5.79 -55.93
N ILE B 185 8.81 -6.55 -55.56
CA ILE B 185 7.73 -6.92 -56.46
C ILE B 185 7.03 -5.69 -57.02
N GLY B 186 6.98 -5.59 -58.34
CA GLY B 186 6.28 -4.50 -59.01
C GLY B 186 6.98 -3.16 -58.91
N PHE B 187 8.29 -3.20 -58.64
CA PHE B 187 9.08 -1.99 -58.56
C PHE B 187 9.79 -1.73 -59.89
N TYR B 188 9.42 -0.62 -60.52
CA TYR B 188 10.07 -0.12 -61.72
C TYR B 188 11.03 0.97 -61.28
N PRO B 189 12.34 0.67 -61.24
CA PRO B 189 13.30 1.71 -60.90
C PRO B 189 13.36 2.73 -62.03
N LYS B 190 13.30 4.02 -61.67
CA LYS B 190 13.22 5.07 -62.66
C LYS B 190 14.44 5.95 -62.58
N PRO B 191 15.29 5.92 -63.62
CA PRO B 191 16.47 6.77 -63.64
C PRO B 191 16.04 8.23 -63.76
N LEU B 192 16.81 9.12 -63.15
CA LEU B 192 16.53 10.56 -63.23
C LEU B 192 16.63 10.99 -64.69
N LYS B 193 15.70 11.85 -65.12
CA LYS B 193 15.73 12.39 -66.47
C LYS B 193 16.68 13.60 -66.52
N ASN B 194 17.51 13.67 -67.56
CA ASN B 194 18.47 14.78 -67.70
C ASN B 194 17.80 16.13 -67.98
N THR B 195 17.79 16.99 -66.96
CA THR B 195 17.12 18.28 -67.02
C THR B 195 18.00 19.36 -66.41
N THR B 196 18.50 19.08 -65.22
CA THR B 196 19.31 20.01 -64.46
C THR B 196 20.72 19.45 -64.33
N ASP B 197 21.43 19.84 -63.27
CA ASP B 197 22.73 19.27 -62.94
C ASP B 197 22.57 17.83 -62.45
N LEU B 198 23.55 17.00 -62.81
CA LEU B 198 23.62 15.61 -62.39
C LEU B 198 25.09 15.24 -62.26
N PRO B 199 25.48 14.62 -61.13
CA PRO B 199 26.89 14.33 -60.77
C PRO B 199 27.74 13.85 -61.95
N GLU B 200 27.54 12.60 -62.37
CA GLU B 200 28.22 12.05 -63.54
C GLU B 200 27.71 12.73 -64.81
N GLN B 201 27.97 14.03 -64.91
CA GLN B 201 27.30 14.91 -65.87
C GLN B 201 27.22 14.36 -67.29
N LEU B 202 26.10 13.70 -67.60
CA LEU B 202 25.74 13.32 -68.97
C LEU B 202 26.81 12.47 -69.68
N GLN B 203 27.63 11.79 -68.89
CA GLN B 203 28.74 11.01 -69.44
C GLN B 203 28.28 9.63 -69.93
N ALA B 204 28.19 9.49 -71.25
CA ALA B 204 27.60 8.31 -71.90
C ALA B 204 26.24 7.96 -71.27
N ASN B 205 25.53 9.00 -70.83
CA ASN B 205 24.26 8.85 -70.12
C ASN B 205 23.20 8.14 -70.95
N TYR B 206 22.82 6.95 -70.49
CA TYR B 206 21.80 6.14 -71.16
C TYR B 206 20.41 6.50 -70.63
N ASN B 207 20.21 7.78 -70.39
CA ASN B 207 19.05 8.32 -69.66
C ASN B 207 17.81 7.43 -69.57
N GLN B 208 17.39 6.90 -70.71
CA GLN B 208 16.17 6.10 -70.79
C GLN B 208 16.19 4.80 -69.97
N TYR B 209 17.21 3.97 -70.16
CA TYR B 209 17.13 2.56 -69.74
C TYR B 209 18.17 2.04 -68.74
N VAL B 210 18.84 2.92 -68.01
CA VAL B 210 19.86 2.48 -67.04
C VAL B 210 19.77 3.21 -65.71
N LEU B 211 19.78 2.43 -64.62
CA LEU B 211 19.78 2.97 -63.27
C LEU B 211 21.22 3.15 -62.76
N PRO B 212 21.73 4.39 -62.81
CA PRO B 212 23.12 4.77 -62.59
C PRO B 212 23.67 4.49 -61.20
N LEU B 213 24.84 3.86 -61.13
CA LEU B 213 25.54 3.62 -59.87
C LEU B 213 26.94 4.26 -59.87
N ARG B 214 27.13 5.23 -59.00
CA ARG B 214 28.40 5.93 -58.86
C ARG B 214 29.01 5.69 -57.48
N CYS B 215 30.32 5.49 -57.43
CA CYS B 215 31.03 5.28 -56.18
C CYS B 215 31.95 6.46 -55.86
N ALA B 216 31.92 6.92 -54.62
CA ALA B 216 32.66 8.12 -54.20
C ALA B 216 33.09 8.05 -52.74
N ALA B 217 33.81 9.08 -52.29
CA ALA B 217 34.32 9.13 -50.92
C ALA B 217 33.70 10.26 -50.12
N ARG B 223 37.32 15.99 -52.77
CA ARG B 223 38.13 15.66 -51.60
C ARG B 223 38.45 14.16 -51.49
N GLU B 224 39.58 13.87 -50.86
CA GLU B 224 40.04 12.49 -50.58
C GLU B 224 39.93 11.56 -51.79
N LYS B 225 40.37 12.06 -52.95
CA LYS B 225 40.29 11.29 -54.20
C LYS B 225 41.57 10.49 -54.44
N ILE B 226 41.63 9.30 -53.84
CA ILE B 226 42.79 8.43 -53.95
C ILE B 226 42.38 7.02 -54.40
N GLY B 227 41.45 6.95 -55.35
CA GLY B 227 40.98 5.67 -55.88
C GLY B 227 41.07 5.59 -57.39
N SER B 228 40.66 4.45 -57.96
CA SER B 228 40.58 4.29 -59.41
C SER B 228 39.38 3.41 -59.76
N ILE B 229 38.25 4.08 -59.98
CA ILE B 229 36.96 3.42 -60.21
C ILE B 229 36.80 2.88 -61.63
N GLU B 230 36.27 1.67 -61.73
CA GLU B 230 35.87 1.09 -63.00
C GLU B 230 34.65 0.20 -62.82
N TYR B 231 33.79 0.17 -63.84
CA TYR B 231 32.45 -0.40 -63.71
C TYR B 231 32.12 -1.39 -64.82
N PHE B 232 31.95 -2.66 -64.43
CA PHE B 232 31.65 -3.72 -65.37
C PHE B 232 30.17 -4.08 -65.31
N GLY B 233 29.43 -3.67 -66.35
CA GLY B 233 27.99 -3.85 -66.36
C GLY B 233 27.44 -4.63 -67.53
N LEU B 234 26.21 -4.31 -67.91
CA LEU B 234 25.50 -4.98 -68.98
C LEU B 234 25.45 -4.03 -70.17
N GLY B 235 26.13 -4.41 -71.26
CA GLY B 235 26.34 -3.51 -72.38
C GLY B 235 27.53 -2.61 -72.14
N GLY B 236 28.11 -2.72 -70.94
CA GLY B 236 29.31 -1.97 -70.57
C GLY B 236 29.10 -0.81 -69.61
N TYR B 237 27.85 -0.38 -69.47
CA TYR B 237 27.49 0.79 -68.64
C TYR B 237 27.51 0.48 -67.14
N ALA B 238 27.53 1.54 -66.34
CA ALA B 238 27.62 1.44 -64.89
C ALA B 238 26.24 1.62 -64.22
N GLY B 239 25.31 0.76 -64.58
CA GLY B 239 23.96 0.81 -64.01
C GLY B 239 23.24 -0.51 -64.14
N PHE B 240 21.96 -0.50 -63.78
CA PHE B 240 21.11 -1.67 -63.93
C PHE B 240 20.14 -1.45 -65.09
N PRO B 241 20.02 -2.45 -65.98
CA PRO B 241 19.14 -2.45 -67.15
C PRO B 241 17.66 -2.62 -66.80
N LEU B 242 16.84 -1.64 -67.19
CA LEU B 242 15.39 -1.62 -66.90
C LEU B 242 14.63 -2.84 -67.42
N GLN B 243 15.30 -3.64 -68.25
CA GLN B 243 14.72 -4.83 -68.87
C GLN B 243 14.58 -6.02 -67.92
N TYR B 244 14.86 -5.81 -66.65
CA TYR B 244 14.72 -6.86 -65.64
C TYR B 244 13.57 -6.57 -64.70
N TYR B 245 12.84 -5.50 -64.97
CA TYR B 245 11.80 -5.01 -64.07
C TYR B 245 10.45 -4.90 -64.77
N PRO B 246 9.35 -5.08 -64.02
CA PRO B 246 9.31 -5.32 -62.57
C PRO B 246 9.65 -6.76 -62.18
N TYR B 247 10.26 -6.93 -61.01
CA TYR B 247 10.42 -8.26 -60.44
C TYR B 247 9.02 -8.78 -60.10
N TYR B 248 8.78 -10.04 -60.42
CA TYR B 248 7.44 -10.63 -60.24
C TYR B 248 7.28 -11.46 -58.97
N GLY B 249 8.35 -11.61 -58.21
CA GLY B 249 8.29 -12.36 -56.96
C GLY B 249 8.48 -13.85 -57.15
N LYS B 250 9.08 -14.47 -56.14
CA LYS B 250 9.46 -15.88 -56.12
C LYS B 250 8.40 -16.88 -56.57
N ARG B 251 7.21 -16.79 -56.01
CA ARG B 251 6.15 -17.76 -56.27
C ARG B 251 5.71 -17.73 -57.75
N LEU B 252 5.84 -16.56 -58.37
CA LEU B 252 5.55 -16.42 -59.79
C LEU B 252 6.80 -16.44 -60.66
N GLN B 253 7.96 -16.38 -60.01
CA GLN B 253 9.24 -16.31 -60.71
C GLN B 253 10.41 -16.84 -59.89
N LYS B 254 10.40 -18.14 -59.61
CA LYS B 254 11.58 -18.80 -59.05
C LYS B 254 12.61 -18.93 -60.17
N LYS B 255 13.88 -18.89 -59.80
CA LYS B 255 14.99 -18.93 -60.76
C LYS B 255 15.11 -17.66 -61.62
N TYR B 256 14.37 -16.62 -61.25
CA TYR B 256 14.58 -15.29 -61.80
C TYR B 256 15.98 -14.81 -61.39
N LEU B 257 16.60 -14.00 -62.25
CA LEU B 257 17.92 -13.43 -61.96
C LEU B 257 17.96 -11.91 -62.07
N GLN B 258 18.25 -11.25 -60.95
CA GLN B 258 18.41 -9.81 -60.90
C GLN B 258 19.79 -9.43 -61.44
N PRO B 259 19.93 -8.22 -62.01
CA PRO B 259 21.21 -7.76 -62.54
C PRO B 259 22.30 -7.59 -61.48
N LEU B 260 23.53 -7.33 -61.97
CA LEU B 260 24.66 -7.03 -61.12
C LEU B 260 25.50 -5.93 -61.76
N LEU B 261 26.38 -5.34 -60.95
CA LEU B 261 27.29 -4.32 -61.43
C LEU B 261 28.61 -4.46 -60.71
N ALA B 262 29.57 -5.07 -61.40
CA ALA B 262 30.91 -5.22 -60.84
C ALA B 262 31.56 -3.86 -60.69
N ILE B 263 32.31 -3.68 -59.62
CA ILE B 263 33.00 -2.43 -59.35
C ILE B 263 34.43 -2.76 -58.91
N GLN B 264 35.38 -2.47 -59.79
CA GLN B 264 36.78 -2.76 -59.52
C GLN B 264 37.53 -1.50 -59.08
N PHE B 265 38.25 -1.62 -57.96
CA PHE B 265 39.00 -0.50 -57.42
C PHE B 265 40.50 -0.68 -57.58
N THR B 266 40.96 -0.67 -58.83
CA THR B 266 42.38 -0.73 -59.16
C THR B 266 43.08 0.60 -58.84
N ASN B 267 42.86 1.08 -57.61
CA ASN B 267 43.33 2.39 -57.17
C ASN B 267 44.84 2.52 -57.05
N LEU B 268 45.31 3.76 -56.96
CA LEU B 268 46.74 4.04 -56.77
C LEU B 268 47.03 4.51 -55.33
N THR B 269 46.39 3.84 -54.38
CA THR B 269 46.64 4.04 -52.95
C THR B 269 46.69 2.69 -52.25
N GLN B 270 47.39 2.62 -51.13
CA GLN B 270 47.70 1.34 -50.50
C GLN B 270 48.02 1.45 -49.01
N ASN B 271 47.66 0.39 -48.27
CA ASN B 271 47.94 0.26 -46.83
C ASN B 271 47.35 1.37 -45.97
N MET B 272 46.07 1.68 -46.22
CA MET B 272 45.30 2.59 -45.39
C MET B 272 43.81 2.33 -45.55
N GLU B 273 43.03 2.69 -44.54
CA GLU B 273 41.58 2.52 -44.55
C GLU B 273 40.93 3.57 -45.44
N LEU B 274 40.34 3.13 -46.55
CA LEU B 274 39.73 4.03 -47.52
C LEU B 274 38.22 3.92 -47.47
N ARG B 275 37.55 5.05 -47.26
CA ARG B 275 36.10 5.08 -47.10
C ARG B 275 35.40 5.53 -48.38
N ILE B 276 34.85 4.56 -49.12
CA ILE B 276 34.14 4.84 -50.37
C ILE B 276 32.66 4.45 -50.30
N GLU B 277 31.83 5.31 -50.86
CA GLU B 277 30.37 5.15 -50.84
C GLU B 277 29.82 5.00 -52.25
N CYS B 278 29.46 3.77 -52.62
CA CYS B 278 28.73 3.51 -53.84
C CYS B 278 27.25 3.82 -53.62
N LYS B 279 26.64 4.46 -54.60
CA LYS B 279 25.28 5.00 -54.46
C LYS B 279 24.52 4.89 -55.78
N VAL B 280 23.23 4.57 -55.71
CA VAL B 280 22.37 4.57 -56.90
C VAL B 280 21.50 5.83 -56.95
N TYR B 281 21.07 6.19 -58.16
CA TYR B 281 20.26 7.40 -58.40
C TYR B 281 18.95 7.04 -59.09
N GLY B 282 18.02 7.97 -59.08
CA GLY B 282 16.74 7.77 -59.74
C GLY B 282 15.60 8.42 -58.97
N GLU B 283 14.46 8.54 -59.65
CA GLU B 283 13.25 9.12 -59.07
C GLU B 283 12.76 8.27 -57.89
N ASN B 284 12.74 6.96 -58.11
CA ASN B 284 12.26 5.99 -57.14
C ASN B 284 13.27 5.64 -56.06
N ILE B 285 14.41 6.31 -56.07
CA ILE B 285 15.49 5.98 -55.14
C ILE B 285 15.75 7.12 -54.15
N ASP B 286 15.70 6.76 -52.86
CA ASP B 286 16.00 7.69 -51.78
C ASP B 286 16.98 7.05 -50.79
N TYR B 287 17.63 7.89 -49.98
CA TYR B 287 18.65 7.44 -49.04
C TYR B 287 18.25 7.85 -47.62
N SER B 288 18.87 7.24 -46.62
CA SER B 288 18.52 7.53 -45.23
C SER B 288 19.73 7.69 -44.31
N GLU B 289 19.59 8.56 -43.33
CA GLU B 289 20.64 8.87 -42.37
C GLU B 289 20.84 7.74 -41.36
N LYS B 290 19.85 6.85 -41.24
CA LYS B 290 19.96 5.70 -40.35
C LYS B 290 20.24 4.42 -41.14
N ASP B 291 19.43 4.17 -42.17
CA ASP B 291 19.63 3.02 -43.06
C ASP B 291 20.76 3.34 -44.02
N ARG B 292 21.99 3.12 -43.57
CA ARG B 292 23.19 3.46 -44.34
C ARG B 292 23.37 2.52 -45.53
N PHE B 293 22.37 1.68 -45.76
CA PHE B 293 22.32 0.74 -46.87
C PHE B 293 21.15 1.03 -47.81
N ARG B 294 20.43 2.12 -47.54
CA ARG B 294 19.25 2.48 -48.33
C ARG B 294 19.68 3.12 -49.64
N GLY B 295 19.89 2.28 -50.65
CA GLY B 295 20.32 2.70 -51.97
C GLY B 295 21.79 3.05 -52.08
N ARG B 296 22.60 2.50 -51.17
CA ARG B 296 24.05 2.79 -51.13
C ARG B 296 24.85 1.89 -50.18
N PHE B 297 26.14 1.72 -50.46
CA PHE B 297 27.04 1.03 -49.55
C PHE B 297 27.89 2.04 -48.79
N GLU B 298 28.80 1.50 -47.97
CA GLU B 298 29.86 2.25 -47.32
C GLU B 298 30.96 1.23 -47.04
N VAL B 299 32.01 1.22 -47.87
CA VAL B 299 33.06 0.19 -47.76
C VAL B 299 34.35 0.75 -47.17
N LYS B 300 34.95 0.01 -46.23
CA LYS B 300 36.24 0.36 -45.65
C LYS B 300 37.34 -0.61 -46.13
N ILE B 301 37.72 -0.45 -47.39
CA ILE B 301 38.78 -1.23 -48.02
C ILE B 301 40.17 -0.87 -47.48
N GLU B 302 41.01 -1.88 -47.31
CA GLU B 302 42.39 -1.69 -46.89
C GLU B 302 43.26 -2.82 -47.42
N VAL B 303 43.93 -2.57 -48.55
CA VAL B 303 44.86 -3.52 -49.14
C VAL B 303 46.23 -3.46 -48.44
N LYS B 304 46.25 -3.84 -47.17
CA LYS B 304 47.43 -3.71 -46.32
C LYS B 304 48.45 -4.81 -46.59
N SER B 305 49.59 -4.43 -47.17
CA SER B 305 50.68 -5.34 -47.47
C SER B 305 51.92 -4.58 -47.87
N GLY C 5 -0.22 0.98 -64.06
CA GLY C 5 0.81 0.64 -65.09
C GLY C 5 2.22 0.65 -64.52
N PRO C 6 3.20 1.19 -65.29
CA PRO C 6 4.58 1.34 -64.82
C PRO C 6 4.75 2.49 -63.84
N ASP C 7 3.63 3.14 -63.50
CA ASP C 7 3.63 4.28 -62.59
C ASP C 7 2.94 3.97 -61.26
N ASN C 8 2.87 2.68 -60.91
CA ASN C 8 2.32 2.26 -59.63
C ASN C 8 3.30 2.55 -58.50
N ASP C 9 3.23 3.76 -57.93
CA ASP C 9 4.13 4.13 -56.85
C ASP C 9 3.42 4.27 -55.50
N GLU C 10 2.09 4.21 -55.55
CA GLU C 10 1.26 4.20 -54.33
C GLU C 10 1.42 2.88 -53.60
N ARG C 11 1.81 1.85 -54.34
CA ARG C 11 2.04 0.51 -53.81
C ARG C 11 3.23 0.45 -52.83
N PHE C 12 4.00 1.53 -52.73
CA PHE C 12 5.13 1.60 -51.80
C PHE C 12 5.07 2.84 -50.90
N THR C 13 3.89 3.44 -50.79
CA THR C 13 3.69 4.59 -49.92
C THR C 13 2.69 4.25 -48.84
N TYR C 14 2.87 4.90 -47.70
CA TYR C 14 1.85 4.89 -46.66
C TYR C 14 1.87 6.23 -45.97
N ASP C 15 0.67 6.78 -45.78
CA ASP C 15 0.50 8.05 -45.13
C ASP C 15 0.68 7.93 -43.61
N TYR C 16 1.93 7.74 -43.18
CA TYR C 16 2.26 7.65 -41.76
C TYR C 16 2.04 8.97 -41.03
N TYR C 17 2.27 10.07 -41.73
CA TYR C 17 2.02 11.40 -41.18
C TYR C 17 0.58 11.56 -40.71
N ARG C 18 -0.39 11.22 -41.56
CA ARG C 18 -1.81 11.35 -41.21
C ARG C 18 -2.21 10.38 -40.12
N LEU C 19 -1.62 9.19 -40.16
CA LEU C 19 -1.81 8.20 -39.11
C LEU C 19 -1.37 8.80 -37.78
N ARG C 20 -0.12 9.24 -37.73
CA ARG C 20 0.44 9.88 -36.55
C ARG C 20 -0.42 11.05 -36.09
N VAL C 21 -1.07 11.73 -37.03
CA VAL C 21 -1.98 12.83 -36.69
C VAL C 21 -3.25 12.29 -36.02
N VAL C 22 -3.91 11.35 -36.67
CA VAL C 22 -5.17 10.81 -36.17
C VAL C 22 -4.96 9.99 -34.88
N GLY C 23 -3.78 9.40 -34.75
CA GLY C 23 -3.44 8.64 -33.54
C GLY C 23 -3.38 9.55 -32.34
N LEU C 24 -2.62 10.64 -32.47
CA LEU C 24 -2.45 11.61 -31.38
C LEU C 24 -3.76 12.30 -31.02
N ILE C 25 -4.51 12.72 -32.04
CA ILE C 25 -5.85 13.27 -31.84
C ILE C 25 -6.71 12.34 -30.97
N VAL C 26 -6.80 11.07 -31.37
CA VAL C 26 -7.58 10.08 -30.61
C VAL C 26 -7.05 9.94 -29.18
N ALA C 27 -5.73 9.85 -29.04
CA ALA C 27 -5.09 9.76 -27.73
C ALA C 27 -5.54 10.91 -26.83
N ALA C 28 -5.48 12.13 -27.37
CA ALA C 28 -5.90 13.33 -26.64
C ALA C 28 -7.35 13.26 -26.20
N VAL C 29 -8.22 12.71 -27.06
CA VAL C 29 -9.64 12.60 -26.75
C VAL C 29 -9.88 11.60 -25.65
N LEU C 30 -9.39 10.37 -25.85
CA LEU C 30 -9.44 9.35 -24.80
C LEU C 30 -8.91 9.91 -23.48
N CYS C 31 -7.77 10.61 -23.55
CA CYS C 31 -7.18 11.26 -22.39
C CYS C 31 -8.20 12.16 -21.69
N VAL C 32 -8.78 13.10 -22.44
CA VAL C 32 -9.79 14.01 -21.91
C VAL C 32 -10.95 13.23 -21.30
N ILE C 33 -11.53 12.31 -22.07
CA ILE C 33 -12.71 11.55 -21.64
C ILE C 33 -12.49 10.91 -20.27
N GLY C 34 -11.31 10.32 -20.10
CA GLY C 34 -10.90 9.73 -18.83
C GLY C 34 -11.07 10.71 -17.70
N ILE C 35 -10.56 11.93 -17.87
CA ILE C 35 -10.74 12.97 -16.86
C ILE C 35 -12.23 13.15 -16.57
N ILE C 36 -13.01 13.48 -17.59
CA ILE C 36 -14.44 13.73 -17.42
C ILE C 36 -15.11 12.68 -16.54
N ILE C 37 -14.68 11.43 -16.69
CA ILE C 37 -15.24 10.32 -15.91
C ILE C 37 -14.69 10.30 -14.48
N LEU C 38 -13.38 10.41 -14.33
CA LEU C 38 -12.75 10.50 -13.02
C LEU C 38 -13.38 11.65 -12.23
N LEU C 39 -13.33 12.85 -12.79
CA LEU C 39 -13.81 14.06 -12.12
C LEU C 39 -15.32 14.15 -11.98
N ALA C 40 -16.02 13.05 -12.29
CA ALA C 40 -17.42 12.94 -11.95
C ALA C 40 -17.51 12.77 -10.44
N GLY C 41 -17.27 13.86 -9.72
CA GLY C 41 -17.29 13.86 -8.25
C GLY C 41 -15.95 14.21 -7.59
N LYS C 42 -14.85 14.01 -8.32
CA LYS C 42 -13.46 14.25 -7.85
C LYS C 42 -12.77 12.98 -7.33
#